data_1EX8
# 
_entry.id   1EX8 
# 
_audit_conform.dict_name       mmcif_pdbx.dic 
_audit_conform.dict_version    5.377 
_audit_conform.dict_location   http://mmcif.pdb.org/dictionaries/ascii/mmcif_pdbx.dic 
# 
loop_
_database_2.database_id 
_database_2.database_code 
_database_2.pdbx_database_accession 
_database_2.pdbx_DOI 
PDB   1EX8         pdb_00001ex8 10.2210/pdb1ex8/pdb 
RCSB  RCSB010988   ?            ?                   
WWPDB D_1000010988 ?            ?                   
# 
loop_
_pdbx_database_related.db_name 
_pdbx_database_related.db_id 
_pdbx_database_related.details 
_pdbx_database_related.content_type 
PDB 1HKA '1HKA is the crystal structure of unliganded HPPK from E. coli.' unspecified 
PDB 1EQM '1EQM is the crystal structure of binary complex of HPPK from E. coli with MgADP.' unspecified 
PDB 1EQ0 '1EQ0 is the solution structure of binary complex of HPPK from E. coli with MgAMPPCP.' unspecified 
PDB 1EQO 
'1EQO is the crystal structure of ternary complex of HPPK from E. coli with MgAMPCPP and 6-hydroxymethyl-7,8-dihydropterin.' 
unspecified 
PDB 1CBK 
;1CBK is the crystal structure of binary complex of HPPK from Haemophilus influenzae with a 6-hydroxymethyl-7,8-dihydropterin analog.
;
unspecified 
PDB 1DY3 
'1DY3 is the crystal structure of ternary complex of HPPK from E. coli with MgATP and a 6-hydroxymethyl-7,8-dihydropterin analog.' 
unspecified 
# 
_pdbx_database_status.status_code                     REL 
_pdbx_database_status.entry_id                        1EX8 
_pdbx_database_status.recvd_initial_deposition_date   2000-05-01 
_pdbx_database_status.deposit_site                    RCSB 
_pdbx_database_status.process_site                    RCSB 
_pdbx_database_status.status_code_sf                  REL 
_pdbx_database_status.SG_entry                        . 
_pdbx_database_status.pdb_format_compatible           Y 
_pdbx_database_status.status_code_mr                  ? 
_pdbx_database_status.status_code_cs                  ? 
_pdbx_database_status.status_code_nmr_data            ? 
_pdbx_database_status.methods_development_category    ? 
# 
loop_
_audit_author.name 
_audit_author.pdbx_ordinal 
_audit_author.identifier_ORCID 
'Blaszczyk, J.' 1 ?                   
'Ji, X.'        2 0000-0001-6942-1514 
# 
loop_
_citation.id 
_citation.title 
_citation.journal_abbrev 
_citation.journal_volume 
_citation.page_first 
_citation.page_last 
_citation.year 
_citation.journal_id_ASTM 
_citation.country 
_citation.journal_id_ISSN 
_citation.journal_id_CSD 
_citation.book_publisher 
_citation.pdbx_database_id_PubMed 
_citation.pdbx_database_id_DOI 
primary 
;Bisubstrate analogue inhibitors of 6-hydroxymethyl-7,8-dihydropterin pyrophosphokinase: synthesis and biochemical and crystallographic studies.
;
J.Med.Chem. 44 1364 1371 2001 JMCMAR US 0022-2623 0151 ? 11311059 10.1021/jm0004493               
1       
;Crystal Structure of 6-hydroxymethyl-7,8-dihydropterin Pyrophosphokinase, a Potential Target for the Development of Novel Antimicrobial Agents
;
Structure   7  489  496  1999 STRUE6 UK 0969-2126 2005 ? ?        '10.1016/S0969-2126(99)80065-3' 
# 
loop_
_citation_author.citation_id 
_citation_author.name 
_citation_author.ordinal 
_citation_author.identifier_ORCID 
primary 'Shi, G.'       1 ?                   
primary 'Blaszczyk, J.' 2 ?                   
primary 'Ji, X.'        3 0000-0001-6942-1514 
primary 'Yan, H.'       4 ?                   
1       'Xiao, B.'      5 ?                   
1       'Shi, G.'       6 ?                   
1       'Chen, X.'      7 ?                   
1       'Yan, H.'       8 ?                   
1       'Ji, X.'        9 ?                   
# 
_cell.entry_id           1EX8 
_cell.length_a           38.053 
_cell.length_b           61.857 
_cell.length_c           67.106 
_cell.angle_alpha        90.00 
_cell.angle_beta         90.00 
_cell.angle_gamma        90.00 
_cell.Z_PDB              4 
_cell.pdbx_unique_axis   ? 
# 
_symmetry.entry_id                         1EX8 
_symmetry.space_group_name_H-M             'P 21 21 21' 
_symmetry.pdbx_full_space_group_name_H-M   ? 
_symmetry.cell_setting                     ? 
_symmetry.Int_Tables_number                19 
# 
loop_
_entity.id 
_entity.type 
_entity.src_method 
_entity.pdbx_description 
_entity.formula_weight 
_entity.pdbx_number_of_molecules 
_entity.pdbx_ec 
_entity.pdbx_mutation 
_entity.pdbx_fragment 
_entity.details 
1 polymer     man '6-HYDROXYMETHYL-7,8-DIHYDROPTERIN PYROPHOSPHOKINASE'   17966.535 1   2.7.6.3 ? ? ? 
2 non-polymer syn 'MAGNESIUM ION'                                         24.305    1   ?       ? ? ? 
3 non-polymer syn 'CHLORIDE ION'                                          35.453    1   ?       ? ? ? 
4 non-polymer syn '6-(ADENOSINE TETRAPHOSPHATE-METHYL)-7,8-DIHYDROPTERIN' 764.324   1   ?       ? ? ? 
5 water       nat water                                                   18.015    167 ?       ? ? ? 
# 
_entity_poly.entity_id                      1 
_entity_poly.type                           'polypeptide(L)' 
_entity_poly.nstd_linkage                   no 
_entity_poly.nstd_monomer                   no 
_entity_poly.pdbx_seq_one_letter_code       
;TVAYIAIGSNLASPLEQVNAALKALGDIPESHILTVSSFYRTPPLGPQDQPDYLNAAVALETSLAPEELLNHTQRIELQQ
GRVRKAERWGPRTLDLDIMLFGNEVINTERLTVPHYDMKNRGFMLWPLFEIAPELVFPDGEMLRQILHTRAFDKLNKW
;
_entity_poly.pdbx_seq_one_letter_code_can   
;TVAYIAIGSNLASPLEQVNAALKALGDIPESHILTVSSFYRTPPLGPQDQPDYLNAAVALETSLAPEELLNHTQRIELQQ
GRVRKAERWGPRTLDLDIMLFGNEVINTERLTVPHYDMKNRGFMLWPLFEIAPELVFPDGEMLRQILHTRAFDKLNKW
;
_entity_poly.pdbx_strand_id                 A 
_entity_poly.pdbx_target_identifier         ? 
# 
loop_
_entity_poly_seq.entity_id 
_entity_poly_seq.num 
_entity_poly_seq.mon_id 
_entity_poly_seq.hetero 
1 1   THR n 
1 2   VAL n 
1 3   ALA n 
1 4   TYR n 
1 5   ILE n 
1 6   ALA n 
1 7   ILE n 
1 8   GLY n 
1 9   SER n 
1 10  ASN n 
1 11  LEU n 
1 12  ALA n 
1 13  SER n 
1 14  PRO n 
1 15  LEU n 
1 16  GLU n 
1 17  GLN n 
1 18  VAL n 
1 19  ASN n 
1 20  ALA n 
1 21  ALA n 
1 22  LEU n 
1 23  LYS n 
1 24  ALA n 
1 25  LEU n 
1 26  GLY n 
1 27  ASP n 
1 28  ILE n 
1 29  PRO n 
1 30  GLU n 
1 31  SER n 
1 32  HIS n 
1 33  ILE n 
1 34  LEU n 
1 35  THR n 
1 36  VAL n 
1 37  SER n 
1 38  SER n 
1 39  PHE n 
1 40  TYR n 
1 41  ARG n 
1 42  THR n 
1 43  PRO n 
1 44  PRO n 
1 45  LEU n 
1 46  GLY n 
1 47  PRO n 
1 48  GLN n 
1 49  ASP n 
1 50  GLN n 
1 51  PRO n 
1 52  ASP n 
1 53  TYR n 
1 54  LEU n 
1 55  ASN n 
1 56  ALA n 
1 57  ALA n 
1 58  VAL n 
1 59  ALA n 
1 60  LEU n 
1 61  GLU n 
1 62  THR n 
1 63  SER n 
1 64  LEU n 
1 65  ALA n 
1 66  PRO n 
1 67  GLU n 
1 68  GLU n 
1 69  LEU n 
1 70  LEU n 
1 71  ASN n 
1 72  HIS n 
1 73  THR n 
1 74  GLN n 
1 75  ARG n 
1 76  ILE n 
1 77  GLU n 
1 78  LEU n 
1 79  GLN n 
1 80  GLN n 
1 81  GLY n 
1 82  ARG n 
1 83  VAL n 
1 84  ARG n 
1 85  LYS n 
1 86  ALA n 
1 87  GLU n 
1 88  ARG n 
1 89  TRP n 
1 90  GLY n 
1 91  PRO n 
1 92  ARG n 
1 93  THR n 
1 94  LEU n 
1 95  ASP n 
1 96  LEU n 
1 97  ASP n 
1 98  ILE n 
1 99  MET n 
1 100 LEU n 
1 101 PHE n 
1 102 GLY n 
1 103 ASN n 
1 104 GLU n 
1 105 VAL n 
1 106 ILE n 
1 107 ASN n 
1 108 THR n 
1 109 GLU n 
1 110 ARG n 
1 111 LEU n 
1 112 THR n 
1 113 VAL n 
1 114 PRO n 
1 115 HIS n 
1 116 TYR n 
1 117 ASP n 
1 118 MET n 
1 119 LYS n 
1 120 ASN n 
1 121 ARG n 
1 122 GLY n 
1 123 PHE n 
1 124 MET n 
1 125 LEU n 
1 126 TRP n 
1 127 PRO n 
1 128 LEU n 
1 129 PHE n 
1 130 GLU n 
1 131 ILE n 
1 132 ALA n 
1 133 PRO n 
1 134 GLU n 
1 135 LEU n 
1 136 VAL n 
1 137 PHE n 
1 138 PRO n 
1 139 ASP n 
1 140 GLY n 
1 141 GLU n 
1 142 MET n 
1 143 LEU n 
1 144 ARG n 
1 145 GLN n 
1 146 ILE n 
1 147 LEU n 
1 148 HIS n 
1 149 THR n 
1 150 ARG n 
1 151 ALA n 
1 152 PHE n 
1 153 ASP n 
1 154 LYS n 
1 155 LEU n 
1 156 ASN n 
1 157 LYS n 
1 158 TRP n 
# 
_entity_src_gen.entity_id                          1 
_entity_src_gen.pdbx_src_id                        1 
_entity_src_gen.pdbx_alt_source_flag               sample 
_entity_src_gen.pdbx_seq_type                      ? 
_entity_src_gen.pdbx_beg_seq_num                   ? 
_entity_src_gen.pdbx_end_seq_num                   ? 
_entity_src_gen.gene_src_common_name               ? 
_entity_src_gen.gene_src_genus                     Escherichia 
_entity_src_gen.pdbx_gene_src_gene                 ? 
_entity_src_gen.gene_src_species                   ? 
_entity_src_gen.gene_src_strain                    ? 
_entity_src_gen.gene_src_tissue                    ? 
_entity_src_gen.gene_src_tissue_fraction           ? 
_entity_src_gen.gene_src_details                   ? 
_entity_src_gen.pdbx_gene_src_fragment             ? 
_entity_src_gen.pdbx_gene_src_scientific_name      'Escherichia coli' 
_entity_src_gen.pdbx_gene_src_ncbi_taxonomy_id     562 
_entity_src_gen.pdbx_gene_src_variant              ? 
_entity_src_gen.pdbx_gene_src_cell_line            ? 
_entity_src_gen.pdbx_gene_src_atcc                 ? 
_entity_src_gen.pdbx_gene_src_organ                ? 
_entity_src_gen.pdbx_gene_src_organelle            ? 
_entity_src_gen.pdbx_gene_src_cell                 ? 
_entity_src_gen.pdbx_gene_src_cellular_location    ? 
_entity_src_gen.host_org_common_name               ? 
_entity_src_gen.pdbx_host_org_scientific_name      'Escherichia coli BL21(DE3)' 
_entity_src_gen.pdbx_host_org_ncbi_taxonomy_id     469008 
_entity_src_gen.host_org_genus                     Escherichia 
_entity_src_gen.pdbx_host_org_gene                 ? 
_entity_src_gen.pdbx_host_org_organ                ? 
_entity_src_gen.host_org_species                   'Escherichia coli' 
_entity_src_gen.pdbx_host_org_tissue               ? 
_entity_src_gen.pdbx_host_org_tissue_fraction      ? 
_entity_src_gen.pdbx_host_org_strain               'BL21(DE3)' 
_entity_src_gen.pdbx_host_org_variant              ? 
_entity_src_gen.pdbx_host_org_cell_line            ? 
_entity_src_gen.pdbx_host_org_atcc                 ? 
_entity_src_gen.pdbx_host_org_culture_collection   ? 
_entity_src_gen.pdbx_host_org_cell                 ? 
_entity_src_gen.pdbx_host_org_organelle            ? 
_entity_src_gen.pdbx_host_org_cellular_location    ? 
_entity_src_gen.pdbx_host_org_vector_type          PLASMID 
_entity_src_gen.pdbx_host_org_vector               ? 
_entity_src_gen.host_org_details                   ? 
_entity_src_gen.expression_system_id               ? 
_entity_src_gen.plasmid_name                       PET17B 
_entity_src_gen.plasmid_details                    ? 
_entity_src_gen.pdbx_description                   ? 
# 
_struct_ref.id                         1 
_struct_ref.db_code                    HPPK_ECOLI 
_struct_ref.db_name                    UNP 
_struct_ref.entity_id                  1 
_struct_ref.pdbx_db_accession          P26281 
_struct_ref.pdbx_align_begin           ? 
_struct_ref.pdbx_seq_one_letter_code   ? 
_struct_ref.pdbx_db_isoform            ? 
# 
_struct_ref_seq.align_id                      1 
_struct_ref_seq.ref_id                        1 
_struct_ref_seq.pdbx_PDB_id_code              1EX8 
_struct_ref_seq.pdbx_strand_id                A 
_struct_ref_seq.seq_align_beg                 1 
_struct_ref_seq.pdbx_seq_align_beg_ins_code   ? 
_struct_ref_seq.seq_align_end                 158 
_struct_ref_seq.pdbx_seq_align_end_ins_code   ? 
_struct_ref_seq.pdbx_db_accession             P26281 
_struct_ref_seq.db_align_beg                  1 
_struct_ref_seq.pdbx_db_align_beg_ins_code    ? 
_struct_ref_seq.db_align_end                  158 
_struct_ref_seq.pdbx_db_align_end_ins_code    ? 
_struct_ref_seq.pdbx_auth_seq_align_beg       1 
_struct_ref_seq.pdbx_auth_seq_align_end       158 
# 
loop_
_chem_comp.id 
_chem_comp.type 
_chem_comp.mon_nstd_flag 
_chem_comp.name 
_chem_comp.pdbx_synonyms 
_chem_comp.formula 
_chem_comp.formula_weight 
A4P non-polymer         . '6-(ADENOSINE TETRAPHOSPHATE-METHYL)-7,8-DIHYDROPTERIN' ? 'C17 H24 N10 O17 P4' 764.324 
ALA 'L-peptide linking' y ALANINE                                                 ? 'C3 H7 N O2'         89.093  
ARG 'L-peptide linking' y ARGININE                                                ? 'C6 H15 N4 O2 1'     175.209 
ASN 'L-peptide linking' y ASPARAGINE                                              ? 'C4 H8 N2 O3'        132.118 
ASP 'L-peptide linking' y 'ASPARTIC ACID'                                         ? 'C4 H7 N O4'         133.103 
CL  non-polymer         . 'CHLORIDE ION'                                          ? 'Cl -1'              35.453  
GLN 'L-peptide linking' y GLUTAMINE                                               ? 'C5 H10 N2 O3'       146.144 
GLU 'L-peptide linking' y 'GLUTAMIC ACID'                                         ? 'C5 H9 N O4'         147.129 
GLY 'peptide linking'   y GLYCINE                                                 ? 'C2 H5 N O2'         75.067  
HIS 'L-peptide linking' y HISTIDINE                                               ? 'C6 H10 N3 O2 1'     156.162 
HOH non-polymer         . WATER                                                   ? 'H2 O'               18.015  
ILE 'L-peptide linking' y ISOLEUCINE                                              ? 'C6 H13 N O2'        131.173 
LEU 'L-peptide linking' y LEUCINE                                                 ? 'C6 H13 N O2'        131.173 
LYS 'L-peptide linking' y LYSINE                                                  ? 'C6 H15 N2 O2 1'     147.195 
MET 'L-peptide linking' y METHIONINE                                              ? 'C5 H11 N O2 S'      149.211 
MG  non-polymer         . 'MAGNESIUM ION'                                         ? 'Mg 2'               24.305  
PHE 'L-peptide linking' y PHENYLALANINE                                           ? 'C9 H11 N O2'        165.189 
PRO 'L-peptide linking' y PROLINE                                                 ? 'C5 H9 N O2'         115.130 
SER 'L-peptide linking' y SERINE                                                  ? 'C3 H7 N O3'         105.093 
THR 'L-peptide linking' y THREONINE                                               ? 'C4 H9 N O3'         119.119 
TRP 'L-peptide linking' y TRYPTOPHAN                                              ? 'C11 H12 N2 O2'      204.225 
TYR 'L-peptide linking' y TYROSINE                                                ? 'C9 H11 N O3'        181.189 
VAL 'L-peptide linking' y VALINE                                                  ? 'C5 H11 N O2'        117.146 
# 
_exptl.entry_id          1EX8 
_exptl.method            'X-RAY DIFFRACTION' 
_exptl.crystals_number   1 
# 
_exptl_crystal.id                    1 
_exptl_crystal.density_meas          ? 
_exptl_crystal.density_Matthews      2.13 
_exptl_crystal.density_percent_sol   39.8 
_exptl_crystal.description           ? 
# 
_exptl_crystal_grow.crystal_id      1 
_exptl_crystal_grow.method          'VAPOR DIFFUSION, HANGING DROP' 
_exptl_crystal_grow.pH              5.5 
_exptl_crystal_grow.temp            292.0 
_exptl_crystal_grow.temp_details    ? 
_exptl_crystal_grow.pdbx_details    
'PEG 4000, magnesium chloride, Tris-HCl, glycerol, acetate, pH 5.5, VAPOR DIFFUSION, HANGING DROP, temperature 292.0K' 
_exptl_crystal_grow.pdbx_pH_range   . 
# 
_diffrn.id                     1 
_diffrn.ambient_temp           100 
_diffrn.ambient_temp_details   ? 
_diffrn.crystal_id             1 
# 
_diffrn_detector.diffrn_id              1 
_diffrn_detector.detector               'IMAGE PLATE' 
_diffrn_detector.type                   MARRESEARCH 
_diffrn_detector.pdbx_collection_date   1999-11-30 
_diffrn_detector.details                MIRROR 
# 
_diffrn_radiation.diffrn_id                        1 
_diffrn_radiation.wavelength_id                    1 
_diffrn_radiation.pdbx_monochromatic_or_laue_m_l   M 
_diffrn_radiation.monochromator                    ? 
_diffrn_radiation.pdbx_diffrn_protocol             'SINGLE WAVELENGTH' 
_diffrn_radiation.pdbx_scattering_type             x-ray 
# 
_diffrn_radiation_wavelength.id           1 
_diffrn_radiation_wavelength.wavelength   1.54178 
_diffrn_radiation_wavelength.wt           1.0 
# 
_diffrn_source.diffrn_id                   1 
_diffrn_source.source                      'ROTATING ANODE' 
_diffrn_source.type                        'RIGAKU RU200' 
_diffrn_source.pdbx_synchrotron_site       ? 
_diffrn_source.pdbx_synchrotron_beamline   ? 
_diffrn_source.pdbx_wavelength             1.54178 
_diffrn_source.pdbx_wavelength_list        ? 
# 
_reflns.entry_id                     1EX8 
_reflns.observed_criterion_sigma_I   0.05 
_reflns.observed_criterion_sigma_F   0.025 
_reflns.d_resolution_low             40.0 
_reflns.d_resolution_high            1.85 
_reflns.number_obs                   12732 
_reflns.number_all                   14188 
_reflns.percent_possible_obs         89.5 
_reflns.pdbx_Rmerge_I_obs            0.154 
_reflns.pdbx_Rsym_value              ? 
_reflns.pdbx_netI_over_sigmaI        5.9 
_reflns.B_iso_Wilson_estimate        17.4 
_reflns.pdbx_redundancy              3.1 
_reflns.R_free_details               ? 
_reflns.limit_h_max                  ? 
_reflns.limit_h_min                  ? 
_reflns.limit_k_max                  ? 
_reflns.limit_k_min                  ? 
_reflns.limit_l_max                  ? 
_reflns.limit_l_min                  ? 
_reflns.observed_criterion_F_max     ? 
_reflns.observed_criterion_F_min     ? 
_reflns.pdbx_diffrn_id               1 
_reflns.pdbx_ordinal                 1 
# 
_reflns_shell.d_res_high             1.85 
_reflns_shell.d_res_low              1.92 
_reflns_shell.percent_possible_obs   ? 
_reflns_shell.percent_possible_all   77.6 
_reflns_shell.Rmerge_I_obs           0.338 
_reflns_shell.meanI_over_sigI_obs    2.0560 
_reflns_shell.pdbx_Rsym_value        ? 
_reflns_shell.pdbx_redundancy        2.8 
_reflns_shell.number_unique_all      1384 
_reflns_shell.pdbx_diffrn_id         ? 
_reflns_shell.pdbx_ordinal           1 
# 
_refine.entry_id                                 1EX8 
_refine.ls_number_reflns_obs                     9368 
_refine.ls_number_reflns_all                     12025 
_refine.pdbx_ls_sigma_I                          2.0 
_refine.pdbx_ls_sigma_F                          4.0 
_refine.pdbx_data_cutoff_high_absF               ? 
_refine.pdbx_data_cutoff_low_absF                ? 
_refine.ls_d_res_low                             40.00 
_refine.ls_d_res_high                            1.85 
_refine.ls_percent_reflns_obs                    85.4 
_refine.ls_R_factor_obs                          0.1854 
_refine.ls_R_factor_all                          ? 
_refine.ls_R_factor_R_work                       0.2029 
_refine.ls_R_factor_R_free                       0.242 
_refine.ls_R_factor_R_free_error                 ? 
_refine.ls_R_factor_R_free_error_details         ? 
_refine.ls_percent_reflns_R_free                 ? 
_refine.ls_number_reflns_R_free                  614 
_refine.ls_number_parameters                     5668 
_refine.ls_number_restraints                     5447 
_refine.occupancy_min                            ? 
_refine.occupancy_max                            ? 
_refine.B_iso_mean                               ? 
_refine.aniso_B[1][1]                            ? 
_refine.aniso_B[2][2]                            ? 
_refine.aniso_B[3][3]                            ? 
_refine.aniso_B[1][2]                            ? 
_refine.aniso_B[1][3]                            ? 
_refine.aniso_B[2][3]                            ? 
_refine.solvent_model_details                    'MOEWS & KRETSINGER, J.MOL.BIOL.91(1975)201-228' 
_refine.solvent_model_param_ksol                 ? 
_refine.solvent_model_param_bsol                 ? 
_refine.pdbx_ls_cross_valid_method               'FREE R' 
_refine.details                                  
'Least-squares refinement using the Konnert-Hendrickson conjugate-gradient algorithm' 
_refine.pdbx_starting_model                      1EQO 
_refine.pdbx_method_to_determine_struct          'MOLECULAR REPLACEMENT' 
_refine.pdbx_isotropic_thermal_model             ? 
_refine.pdbx_stereochemistry_target_values       'ENGH AND HUBER' 
_refine.pdbx_stereochem_target_val_spec_case     ? 
_refine.pdbx_R_Free_selection_details            RANDOM 
_refine.pdbx_overall_ESU_R_Free                  ? 
_refine.overall_SU_B                             ? 
_refine.ls_redundancy_reflns_obs                 ? 
_refine.B_iso_min                                ? 
_refine.B_iso_max                                ? 
_refine.overall_SU_ML                            ? 
_refine.pdbx_overall_ESU_R                       ? 
_refine.pdbx_data_cutoff_high_rms_absF           ? 
_refine.correlation_coeff_Fo_to_Fc               ? 
_refine.correlation_coeff_Fo_to_Fc_free          ? 
_refine.overall_SU_R_Cruickshank_DPI             ? 
_refine.overall_SU_R_free                        ? 
_refine.pdbx_refine_id                           'X-RAY DIFFRACTION' 
_refine.pdbx_diffrn_id                           1 
_refine.pdbx_TLS_residual_ADP_flag               ? 
_refine.pdbx_solvent_vdw_probe_radii             ? 
_refine.pdbx_solvent_ion_probe_radii             ? 
_refine.pdbx_solvent_shrinkage_radii             ? 
_refine.pdbx_overall_phase_error                 ? 
_refine.pdbx_overall_SU_R_free_Cruickshank_DPI   ? 
_refine.pdbx_overall_SU_R_Blow_DPI               ? 
_refine.pdbx_overall_SU_R_free_Blow_DPI          ? 
# 
_refine_analyze.entry_id                        1EX8 
_refine_analyze.Luzzati_coordinate_error_obs    ? 
_refine_analyze.Luzzati_sigma_a_obs             ? 
_refine_analyze.Luzzati_d_res_low_obs           ? 
_refine_analyze.Luzzati_coordinate_error_free   ? 
_refine_analyze.Luzzati_sigma_a_free            ? 
_refine_analyze.Luzzati_d_res_low_free          ? 
_refine_analyze.number_disordered_residues      ? 
_refine_analyze.occupancy_sum_hydrogen          0. 
_refine_analyze.occupancy_sum_non_hydrogen      1478. 
_refine_analyze.pdbx_Luzzati_d_res_high_obs     ? 
_refine_analyze.pdbx_refine_id                  'X-RAY DIFFRACTION' 
# 
_refine_hist.pdbx_refine_id                   'X-RAY DIFFRACTION' 
_refine_hist.cycle_id                         LAST 
_refine_hist.pdbx_number_atoms_protein        1267 
_refine_hist.pdbx_number_atoms_nucleic_acid   0 
_refine_hist.pdbx_number_atoms_ligand         50 
_refine_hist.number_atoms_solvent             167 
_refine_hist.number_atoms_total               1484 
_refine_hist.d_res_high                       1.85 
_refine_hist.d_res_low                        40.00 
# 
loop_
_refine_ls_restr.type 
_refine_ls_restr.dev_ideal 
_refine_ls_restr.dev_ideal_target 
_refine_ls_restr.weight 
_refine_ls_restr.number 
_refine_ls_restr.pdbx_refine_id 
_refine_ls_restr.pdbx_restraint_function 
s_bond_d               0.006 ? ? ? 'X-RAY DIFFRACTION' ? 
s_angle_d              0.021 ? ? ? 'X-RAY DIFFRACTION' ? 
s_similar_dist         0.000 ? ? ? 'X-RAY DIFFRACTION' ? 
s_from_restr_planes    0.026 ? ? ? 'X-RAY DIFFRACTION' ? 
s_zero_chiral_vol      0.028 ? ? ? 'X-RAY DIFFRACTION' ? 
s_non_zero_chiral_vol  0.032 ? ? ? 'X-RAY DIFFRACTION' ? 
s_anti_bump_dis_restr  0.012 ? ? ? 'X-RAY DIFFRACTION' ? 
s_rigid_bond_adp_cmpnt 0.000 ? ? ? 'X-RAY DIFFRACTION' ? 
s_similar_adp_cmpnt    0.081 ? ? ? 'X-RAY DIFFRACTION' ? 
s_approx_iso_adps      0.000 ? ? ? 'X-RAY DIFFRACTION' ? 
# 
_pdbx_refine.entry_id                                    1EX8 
_pdbx_refine.R_factor_all_no_cutoff                      ? 
_pdbx_refine.R_factor_obs_no_cutoff                      0.211 
_pdbx_refine.free_R_factor_no_cutoff                     ? 
_pdbx_refine.free_R_val_test_set_size_perc_no_cutoff     5.106 
_pdbx_refine.free_R_val_test_set_ct_no_cutoff            ? 
_pdbx_refine.R_factor_all_4sig_cutoff                    ? 
_pdbx_refine.R_factor_obs_4sig_cutoff                    0.185 
_pdbx_refine.free_R_factor_4sig_cutoff                   0.217 
_pdbx_refine.free_R_val_test_set_size_perc_4sig_cutoff   5.124 
_pdbx_refine.free_R_val_test_set_ct_4sig_cutoff          480 
_pdbx_refine.number_reflns_obs_4sig_cutoff               9368 
_pdbx_refine.number_reflns_obs_no_cutoff                 ? 
_pdbx_refine.pdbx_refine_id                              'X-RAY DIFFRACTION' 
_pdbx_refine.free_R_error_no_cutoff                      ? 
# 
_struct.entry_id                  1EX8 
_struct.title                     
'CRYSTAL STRUCTURE OF 6-HYDROXYMETHYL-7,8-DIHYDROPTERIN PYROPHOSPHOKINASE COMPLEXED WITH HP4A, THE TWO-SUBSTRATE-MIMICKING INHIBITOR' 
_struct.pdbx_model_details        ? 
_struct.pdbx_CASP_flag            ? 
_struct.pdbx_model_type_details   ? 
# 
_struct_keywords.entry_id        1EX8 
_struct_keywords.pdbx_keywords   TRANSFERASE 
_struct_keywords.text            
;PYROPHOSPHOKINASE, PYROPHOSPHORYL TRANSFER, FOLATE, HPPK, PTERIN, ATP, BISUBSTRATE-MIMICKING INHIBITOR, ANTIMICROBIAL AGENT, DRUG DESIGN, SUBSTRATE SPECIFICITY, ACTIVE-SITE ARCHITECTURE, TRANSFERASE
;
# 
loop_
_struct_asym.id 
_struct_asym.pdbx_blank_PDB_chainid_flag 
_struct_asym.pdbx_modified 
_struct_asym.entity_id 
_struct_asym.details 
A N N 1 ? 
B N N 2 ? 
C N N 3 ? 
D N N 4 ? 
E N N 5 ? 
# 
loop_
_struct_conf.conf_type_id 
_struct_conf.id 
_struct_conf.pdbx_PDB_helix_id 
_struct_conf.beg_label_comp_id 
_struct_conf.beg_label_asym_id 
_struct_conf.beg_label_seq_id 
_struct_conf.pdbx_beg_PDB_ins_code 
_struct_conf.end_label_comp_id 
_struct_conf.end_label_asym_id 
_struct_conf.end_label_seq_id 
_struct_conf.pdbx_end_PDB_ins_code 
_struct_conf.beg_auth_comp_id 
_struct_conf.beg_auth_asym_id 
_struct_conf.beg_auth_seq_id 
_struct_conf.end_auth_comp_id 
_struct_conf.end_auth_asym_id 
_struct_conf.end_auth_seq_id 
_struct_conf.pdbx_PDB_helix_class 
_struct_conf.details 
_struct_conf.pdbx_PDB_helix_length 
HELX_P HELX_P1 1 SER A 13  ? ASP A 27  ? SER A 13  ASP A 27  1 ? 15 
HELX_P HELX_P2 2 ALA A 65  ? GLN A 80  ? ALA A 65  GLN A 80  1 ? 16 
HELX_P HELX_P3 3 ASP A 117 ? ASN A 120 ? ASP A 117 ASN A 120 5 ? 4  
HELX_P HELX_P4 4 ARG A 121 ? ALA A 132 ? ARG A 121 ALA A 132 1 ? 12 
HELX_P HELX_P5 5 MET A 142 ? LEU A 147 ? MET A 142 LEU A 147 1 ? 6  
# 
_struct_conf_type.id          HELX_P 
_struct_conf_type.criteria    ? 
_struct_conf_type.reference   ? 
# 
loop_
_struct_conn.id 
_struct_conn.conn_type_id 
_struct_conn.pdbx_leaving_atom_flag 
_struct_conn.pdbx_PDB_id 
_struct_conn.ptnr1_label_asym_id 
_struct_conn.ptnr1_label_comp_id 
_struct_conn.ptnr1_label_seq_id 
_struct_conn.ptnr1_label_atom_id 
_struct_conn.pdbx_ptnr1_label_alt_id 
_struct_conn.pdbx_ptnr1_PDB_ins_code 
_struct_conn.pdbx_ptnr1_standard_comp_id 
_struct_conn.ptnr1_symmetry 
_struct_conn.ptnr2_label_asym_id 
_struct_conn.ptnr2_label_comp_id 
_struct_conn.ptnr2_label_seq_id 
_struct_conn.ptnr2_label_atom_id 
_struct_conn.pdbx_ptnr2_label_alt_id 
_struct_conn.pdbx_ptnr2_PDB_ins_code 
_struct_conn.ptnr1_auth_asym_id 
_struct_conn.ptnr1_auth_comp_id 
_struct_conn.ptnr1_auth_seq_id 
_struct_conn.ptnr2_auth_asym_id 
_struct_conn.ptnr2_auth_comp_id 
_struct_conn.ptnr2_auth_seq_id 
_struct_conn.ptnr2_symmetry 
_struct_conn.pdbx_ptnr3_label_atom_id 
_struct_conn.pdbx_ptnr3_label_seq_id 
_struct_conn.pdbx_ptnr3_label_comp_id 
_struct_conn.pdbx_ptnr3_label_asym_id 
_struct_conn.pdbx_ptnr3_label_alt_id 
_struct_conn.pdbx_ptnr3_PDB_ins_code 
_struct_conn.details 
_struct_conn.pdbx_dist_value 
_struct_conn.pdbx_value_order 
_struct_conn.pdbx_role 
metalc1 metalc ? ? B MG . MG ? ? ? 1_555 D A4P . O2D ? ? A MG 161 A A4P 171 1_555 ? ? ? ? ? ? ? 2.029 ? ? 
metalc2 metalc ? ? B MG . MG ? ? ? 1_555 D A4P . O2B ? ? A MG 161 A A4P 171 1_555 ? ? ? ? ? ? ? 2.130 ? ? 
metalc3 metalc ? ? B MG . MG ? ? ? 1_555 D A4P . O1A ? ? A MG 161 A A4P 171 1_555 ? ? ? ? ? ? ? 1.838 ? ? 
metalc4 metalc ? ? B MG . MG ? ? ? 1_555 D A4P . O1G ? ? A MG 161 A A4P 171 1_555 ? ? ? ? ? ? ? 2.188 ? ? 
metalc5 metalc ? ? B MG . MG ? ? ? 1_555 E HOH . O   ? ? A MG 161 A HOH 201 1_555 ? ? ? ? ? ? ? 1.824 ? ? 
metalc6 metalc ? ? B MG . MG ? ? ? 1_555 E HOH . O   ? ? A MG 161 A HOH 202 1_555 ? ? ? ? ? ? ? 1.977 ? ? 
# 
_struct_conn_type.id          metalc 
_struct_conn_type.criteria    ? 
_struct_conn_type.reference   ? 
# 
_struct_mon_prot_cis.pdbx_id                1 
_struct_mon_prot_cis.label_comp_id          VAL 
_struct_mon_prot_cis.label_seq_id           113 
_struct_mon_prot_cis.label_asym_id          A 
_struct_mon_prot_cis.label_alt_id           . 
_struct_mon_prot_cis.pdbx_PDB_ins_code      ? 
_struct_mon_prot_cis.auth_comp_id           VAL 
_struct_mon_prot_cis.auth_seq_id            113 
_struct_mon_prot_cis.auth_asym_id           A 
_struct_mon_prot_cis.pdbx_label_comp_id_2   PRO 
_struct_mon_prot_cis.pdbx_label_seq_id_2    114 
_struct_mon_prot_cis.pdbx_label_asym_id_2   A 
_struct_mon_prot_cis.pdbx_PDB_ins_code_2    ? 
_struct_mon_prot_cis.pdbx_auth_comp_id_2    PRO 
_struct_mon_prot_cis.pdbx_auth_seq_id_2     114 
_struct_mon_prot_cis.pdbx_auth_asym_id_2    A 
_struct_mon_prot_cis.pdbx_PDB_model_num     1 
_struct_mon_prot_cis.pdbx_omega_angle       -0.13 
# 
loop_
_struct_sheet.id 
_struct_sheet.type 
_struct_sheet.number_strands 
_struct_sheet.details 
A ? 4 ? 
B ? 5 ? 
C ? 2 ? 
# 
loop_
_struct_sheet_order.sheet_id 
_struct_sheet_order.range_id_1 
_struct_sheet_order.range_id_2 
_struct_sheet_order.offset 
_struct_sheet_order.sense 
A 1 2 ? anti-parallel 
A 2 3 ? anti-parallel 
A 3 4 ? anti-parallel 
B 1 2 ? anti-parallel 
B 2 3 ? anti-parallel 
B 3 4 ? anti-parallel 
B 4 5 ? anti-parallel 
C 1 2 ? anti-parallel 
# 
loop_
_struct_sheet_range.sheet_id 
_struct_sheet_range.id 
_struct_sheet_range.beg_label_comp_id 
_struct_sheet_range.beg_label_asym_id 
_struct_sheet_range.beg_label_seq_id 
_struct_sheet_range.pdbx_beg_PDB_ins_code 
_struct_sheet_range.end_label_comp_id 
_struct_sheet_range.end_label_asym_id 
_struct_sheet_range.end_label_seq_id 
_struct_sheet_range.pdbx_end_PDB_ins_code 
_struct_sheet_range.beg_auth_comp_id 
_struct_sheet_range.beg_auth_asym_id 
_struct_sheet_range.beg_auth_seq_id 
_struct_sheet_range.end_auth_comp_id 
_struct_sheet_range.end_auth_asym_id 
_struct_sheet_range.end_auth_seq_id 
A 1 ASP A 95  ? PHE A 101 ? ASP A 95  PHE A 101 
A 2 VAL A 2   ? SER A 9   ? VAL A 2   SER A 9   
A 3 TYR A 53  ? THR A 62  ? TYR A 53  THR A 62  
A 4 SER A 31  ? VAL A 36  ? SER A 31  VAL A 36  
B 1 ASP A 95  ? PHE A 101 ? ASP A 95  PHE A 101 
B 2 VAL A 2   ? SER A 9   ? VAL A 2   SER A 9   
B 3 TYR A 53  ? THR A 62  ? TYR A 53  THR A 62  
B 4 TYR A 40  ? THR A 42  ? TYR A 40  THR A 42  
B 5 ASN A 156 ? LYS A 157 ? ASN A 156 LYS A 157 
C 1 ILE A 106 ? ASN A 107 ? ILE A 106 ASN A 107 
C 2 THR A 112 ? VAL A 113 ? THR A 112 VAL A 113 
# 
loop_
_pdbx_struct_sheet_hbond.sheet_id 
_pdbx_struct_sheet_hbond.range_id_1 
_pdbx_struct_sheet_hbond.range_id_2 
_pdbx_struct_sheet_hbond.range_1_label_atom_id 
_pdbx_struct_sheet_hbond.range_1_label_comp_id 
_pdbx_struct_sheet_hbond.range_1_label_asym_id 
_pdbx_struct_sheet_hbond.range_1_label_seq_id 
_pdbx_struct_sheet_hbond.range_1_PDB_ins_code 
_pdbx_struct_sheet_hbond.range_1_auth_atom_id 
_pdbx_struct_sheet_hbond.range_1_auth_comp_id 
_pdbx_struct_sheet_hbond.range_1_auth_asym_id 
_pdbx_struct_sheet_hbond.range_1_auth_seq_id 
_pdbx_struct_sheet_hbond.range_2_label_atom_id 
_pdbx_struct_sheet_hbond.range_2_label_comp_id 
_pdbx_struct_sheet_hbond.range_2_label_asym_id 
_pdbx_struct_sheet_hbond.range_2_label_seq_id 
_pdbx_struct_sheet_hbond.range_2_PDB_ins_code 
_pdbx_struct_sheet_hbond.range_2_auth_atom_id 
_pdbx_struct_sheet_hbond.range_2_auth_comp_id 
_pdbx_struct_sheet_hbond.range_2_auth_asym_id 
_pdbx_struct_sheet_hbond.range_2_auth_seq_id 
A 1 2 O LEU A 100 ? O LEU A 100 N TYR A 4   ? N TYR A 4   
A 2 3 O SER A 9   ? O SER A 9   N LEU A 54  ? N LEU A 54  
A 3 4 N GLU A 61  ? N GLU A 61  O HIS A 32  ? O HIS A 32  
B 1 2 O LEU A 100 ? O LEU A 100 N TYR A 4   ? N TYR A 4   
B 2 3 O SER A 9   ? O SER A 9   N LEU A 54  ? N LEU A 54  
B 3 4 N ASN A 55  ? N ASN A 55  O TYR A 40  ? O TYR A 40  
B 4 5 N ARG A 41  ? N ARG A 41  O ASN A 156 ? O ASN A 156 
C 1 2 O ILE A 106 ? O ILE A 106 N VAL A 113 ? N VAL A 113 
# 
loop_
_struct_site.id 
_struct_site.pdbx_evidence_code 
_struct_site.pdbx_auth_asym_id 
_struct_site.pdbx_auth_comp_id 
_struct_site.pdbx_auth_seq_id 
_struct_site.pdbx_auth_ins_code 
_struct_site.pdbx_num_residues 
_struct_site.details 
AC1 Software A MG  161 ? 4  'BINDING SITE FOR RESIDUE MG A 161'  
AC2 Software A CL  162 ? 4  'BINDING SITE FOR RESIDUE CL A 162'  
AC3 Software A A4P 171 ? 32 'BINDING SITE FOR RESIDUE A4P A 171' 
# 
loop_
_struct_site_gen.id 
_struct_site_gen.site_id 
_struct_site_gen.pdbx_num_res 
_struct_site_gen.label_comp_id 
_struct_site_gen.label_asym_id 
_struct_site_gen.label_seq_id 
_struct_site_gen.pdbx_auth_ins_code 
_struct_site_gen.auth_comp_id 
_struct_site_gen.auth_asym_id 
_struct_site_gen.auth_seq_id 
_struct_site_gen.label_atom_id 
_struct_site_gen.label_alt_id 
_struct_site_gen.symmetry 
_struct_site_gen.details 
1  AC1 4  ASP A 97  ? ASP A 97  . ? 1_555 ? 
2  AC1 4  A4P D .   ? A4P A 171 . ? 1_555 ? 
3  AC1 4  HOH E .   ? HOH A 201 . ? 1_555 ? 
4  AC1 4  HOH E .   ? HOH A 202 . ? 1_555 ? 
5  AC2 4  LYS A 119 ? LYS A 119 . ? 1_555 ? 
6  AC2 4  PHE A 137 ? PHE A 137 . ? 1_555 ? 
7  AC2 4  PRO A 138 ? PRO A 138 . ? 1_555 ? 
8  AC2 4  ASP A 139 ? ASP A 139 . ? 1_555 ? 
9  AC3 32 THR A 42  ? THR A 42  . ? 1_555 ? 
10 AC3 32 PRO A 43  ? PRO A 43  . ? 1_555 ? 
11 AC3 32 LEU A 45  ? LEU A 45  . ? 1_555 ? 
12 AC3 32 TYR A 53  ? TYR A 53  . ? 1_555 ? 
13 AC3 32 ASN A 55  ? ASN A 55  . ? 1_555 ? 
14 AC3 32 GLN A 74  ? GLN A 74  . ? 1_555 ? 
15 AC3 32 ARG A 82  ? ARG A 82  . ? 1_555 ? 
16 AC3 32 ARG A 84  ? ARG A 84  . ? 1_555 ? 
17 AC3 32 ARG A 88  ? ARG A 88  . ? 1_555 ? 
18 AC3 32 TRP A 89  ? TRP A 89  . ? 1_555 ? 
19 AC3 32 ARG A 92  ? ARG A 92  . ? 1_555 ? 
20 AC3 32 ASP A 97  ? ASP A 97  . ? 1_555 ? 
21 AC3 32 ILE A 98  ? ILE A 98  . ? 1_555 ? 
22 AC3 32 ARG A 110 ? ARG A 110 . ? 1_555 ? 
23 AC3 32 LEU A 111 ? LEU A 111 . ? 1_555 ? 
24 AC3 32 THR A 112 ? THR A 112 . ? 1_555 ? 
25 AC3 32 VAL A 113 ? VAL A 113 . ? 1_555 ? 
26 AC3 32 HIS A 115 ? HIS A 115 . ? 1_555 ? 
27 AC3 32 ARG A 121 ? ARG A 121 . ? 1_555 ? 
28 AC3 32 PHE A 123 ? PHE A 123 . ? 1_555 ? 
29 AC3 32 MG  B .   ? MG  A 161 . ? 1_555 ? 
30 AC3 32 HOH E .   ? HOH A 201 . ? 1_555 ? 
31 AC3 32 HOH E .   ? HOH A 202 . ? 1_555 ? 
32 AC3 32 HOH E .   ? HOH A 218 . ? 1_555 ? 
33 AC3 32 HOH E .   ? HOH A 236 . ? 1_555 ? 
34 AC3 32 HOH E .   ? HOH A 267 . ? 1_555 ? 
35 AC3 32 HOH E .   ? HOH A 279 . ? 1_555 ? 
36 AC3 32 HOH E .   ? HOH A 291 . ? 1_555 ? 
37 AC3 32 HOH E .   ? HOH A 298 . ? 1_555 ? 
38 AC3 32 HOH E .   ? HOH A 304 . ? 1_555 ? 
39 AC3 32 HOH E .   ? HOH A 312 . ? 1_555 ? 
40 AC3 32 HOH E .   ? HOH A 352 . ? 1_555 ? 
# 
_atom_sites.entry_id                    1EX8 
_atom_sites.fract_transf_matrix[1][1]   -0.02209946 
_atom_sites.fract_transf_matrix[1][2]   0.00340401 
_atom_sites.fract_transf_matrix[1][3]   -0.01380625 
_atom_sites.fract_transf_matrix[2][1]   0.00825675 
_atom_sites.fract_transf_matrix[2][2]   -0.00211153 
_atom_sites.fract_transf_matrix[2][3]   -0.01373707 
_atom_sites.fract_transf_matrix[3][1]   -0.00266288 
_atom_sites.fract_transf_matrix[3][2]   -0.01464769 
_atom_sites.fract_transf_matrix[3][3]   0.00065096 
_atom_sites.fract_transf_vector[1]      0.079307 
_atom_sites.fract_transf_vector[2]      0.301170 
_atom_sites.fract_transf_vector[3]      0.173755 
# 
loop_
_atom_type.symbol 
C  
CL 
MG 
N  
O  
P  
S  
# 
loop_
_atom_site.group_PDB 
_atom_site.id 
_atom_site.type_symbol 
_atom_site.label_atom_id 
_atom_site.label_alt_id 
_atom_site.label_comp_id 
_atom_site.label_asym_id 
_atom_site.label_entity_id 
_atom_site.label_seq_id 
_atom_site.pdbx_PDB_ins_code 
_atom_site.Cartn_x 
_atom_site.Cartn_y 
_atom_site.Cartn_z 
_atom_site.occupancy 
_atom_site.B_iso_or_equiv 
_atom_site.pdbx_formal_charge 
_atom_site.auth_seq_id 
_atom_site.auth_comp_id 
_atom_site.auth_asym_id 
_atom_site.auth_atom_id 
_atom_site.pdbx_PDB_model_num 
ATOM   1    N  N     . THR A 1 1   ? 3.911   5.899   15.499  1.00 10.05  ? 1   THR A N     1 
ATOM   2    C  CA    . THR A 1 1   ? 4.827   5.411   14.474  1.00 17.34  ? 1   THR A CA    1 
ATOM   3    C  C     . THR A 1 1   ? 4.233   5.613   13.083  1.00 15.20  ? 1   THR A C     1 
ATOM   4    O  O     . THR A 1 1   ? 3.061   5.309   12.852  1.00 9.72   ? 1   THR A O     1 
ATOM   5    C  CB    . THR A 1 1   ? 5.162   3.920   14.660  1.00 19.12  ? 1   THR A CB    1 
ATOM   6    O  OG1   . THR A 1 1   ? 5.422   3.654   16.045  1.00 16.57  ? 1   THR A OG1   1 
ATOM   7    C  CG2   . THR A 1 1   ? 6.430   3.521   13.916  1.00 14.48  ? 1   THR A CG2   1 
ATOM   8    N  N     . VAL A 1 2   ? 5.053   6.110   12.164  1.00 9.41   ? 2   VAL A N     1 
ATOM   9    C  CA    . VAL A 1 2   ? 4.616   6.305   10.790  1.00 3.75   ? 2   VAL A CA    1 
ATOM   10   C  C     . VAL A 1 2   ? 4.534   4.977   10.044  1.00 4.79   ? 2   VAL A C     1 
ATOM   11   O  O     . VAL A 1 2   ? 5.557   4.370   9.728   1.00 23.20  ? 2   VAL A O     1 
ATOM   12   C  CB    . VAL A 1 2   ? 5.540   7.229   9.975   1.00 14.07  ? 2   VAL A CB    1 
ATOM   13   C  CG1   . VAL A 1 2   ? 5.196   7.061   8.502   1.00 21.58  ? 2   VAL A CG1   1 
ATOM   14   C  CG2   . VAL A 1 2   ? 5.422   8.683   10.399  1.00 25.52  ? 2   VAL A CG2   1 
ATOM   15   N  N     . ALA A 1 3   ? 3.308   4.566   9.761   1.00 9.81   ? 3   ALA A N     1 
ATOM   16   C  CA    . ALA A 1 3   ? 3.032   3.382   8.958   1.00 11.89  ? 3   ALA A CA    1 
ATOM   17   C  C     . ALA A 1 3   ? 2.700   3.795   7.530   1.00 15.22  ? 3   ALA A C     1 
ATOM   18   O  O     . ALA A 1 3   ? 1.755   4.538   7.259   1.00 6.71   ? 3   ALA A O     1 
ATOM   19   C  CB    . ALA A 1 3   ? 1.919   2.578   9.601   1.00 7.00   ? 3   ALA A CB    1 
ATOM   20   N  N     . TYR A 1 4   ? 3.507   3.312   6.580   1.00 11.25  ? 4   TYR A N     1 
ATOM   21   C  CA    . TYR A 1 4   ? 3.233   3.639   5.180   1.00 5.66   ? 4   TYR A CA    1 
ATOM   22   C  C     . TYR A 1 4   ? 2.357   2.560   4.567   1.00 11.68  ? 4   TYR A C     1 
ATOM   23   O  O     . TYR A 1 4   ? 2.789   1.410   4.456   1.00 11.75  ? 4   TYR A O     1 
ATOM   24   C  CB    . TYR A 1 4   ? 4.527   3.781   4.381   1.00 5.21   ? 4   TYR A CB    1 
ATOM   25   C  CG    . TYR A 1 4   ? 5.267   5.056   4.706   1.00 6.55   ? 4   TYR A CG    1 
ATOM   26   C  CD1   . TYR A 1 4   ? 4.875   6.254   4.128   1.00 8.53   ? 4   TYR A CD1   1 
ATOM   27   C  CD2   . TYR A 1 4   ? 6.340   5.053   5.590   1.00 6.63   ? 4   TYR A CD2   1 
ATOM   28   C  CE1   . TYR A 1 4   ? 5.536   7.429   4.412   1.00 14.63  ? 4   TYR A CE1   1 
ATOM   29   C  CE2   . TYR A 1 4   ? 7.001   6.235   5.872   1.00 12.23  ? 4   TYR A CE2   1 
ATOM   30   C  CZ    . TYR A 1 4   ? 6.602   7.418   5.290   1.00 5.55   ? 4   TYR A CZ    1 
ATOM   31   O  OH    . TYR A 1 4   ? 7.248   8.604   5.560   1.00 13.17  ? 4   TYR A OH    1 
ATOM   32   N  N     . ILE A 1 5   ? 1.131   2.948   4.195   1.00 8.19   ? 5   ILE A N     1 
ATOM   33   C  CA    . ILE A 1 5   ? 0.238   1.910   3.681   1.00 4.47   ? 5   ILE A CA    1 
ATOM   34   C  C     . ILE A 1 5   ? -0.018  2.098   2.186   1.00 7.02   ? 5   ILE A C     1 
ATOM   35   O  O     . ILE A 1 5   ? -0.200  3.201   1.682   1.00 10.45  ? 5   ILE A O     1 
ATOM   36   C  CB    . ILE A 1 5   ? -1.100  1.860   4.429   1.00 6.56   ? 5   ILE A CB    1 
ATOM   37   C  CG1   . ILE A 1 5   ? -0.943  1.484   5.909   1.00 15.37  ? 5   ILE A CG1   1 
ATOM   38   C  CG2   . ILE A 1 5   ? -2.080  0.907   3.759   1.00 9.51   ? 5   ILE A CG2   1 
ATOM   39   C  CD1   . ILE A 1 5   ? -1.910  2.209   6.822   1.00 21.31  ? 5   ILE A CD1   1 
ATOM   40   N  N     . ALA A 1 6   ? -0.011  0.943   1.529   1.00 7.55   ? 6   ALA A N     1 
ATOM   41   C  CA    . ALA A 1 6   ? -0.272  0.906   0.099   1.00 13.74  ? 6   ALA A CA    1 
ATOM   42   C  C     . ALA A 1 6   ? -1.736  0.539   -0.127  1.00 12.76  ? 6   ALA A C     1 
ATOM   43   O  O     . ALA A 1 6   ? -2.173  -0.492  0.391   1.00 15.02  ? 6   ALA A O     1 
ATOM   44   C  CB    . ALA A 1 6   ? 0.669   -0.070  -0.586  1.00 11.37  ? 6   ALA A CB    1 
ATOM   45   N  N     . ILE A 1 7   ? -2.450  1.377   -0.871  1.00 14.89  ? 7   ILE A N     1 
ATOM   46   C  CA    . ILE A 1 7   ? -3.833  1.103   -1.217  1.00 17.39  ? 7   ILE A CA    1 
ATOM   47   C  C     . ILE A 1 7   ? -3.956  0.726   -2.700  1.00 14.29  ? 7   ILE A C     1 
ATOM   48   O  O     . ILE A 1 7   ? -3.422  1.430   -3.550  1.00 21.03  ? 7   ILE A O     1 
ATOM   49   C  CB    . ILE A 1 7   ? -4.791  2.279   -0.985  1.00 20.20  ? 7   ILE A CB    1 
ATOM   50   C  CG1   . ILE A 1 7   ? -4.617  3.016   0.343   1.00 18.51  ? 7   ILE A CG1   1 
ATOM   51   C  CG2   . ILE A 1 7   ? -6.233  1.799   -1.132  1.00 27.12  ? 7   ILE A CG2   1 
ATOM   52   C  CD1   . ILE A 1 7   ? -5.847  3.834   0.702   1.00 24.57  ? 7   ILE A CD1   1 
ATOM   53   N  N     . GLY A 1 8   ? -4.666  -0.365  -2.934  1.00 17.29  ? 8   GLY A N     1 
ATOM   54   C  CA    . GLY A 1 8   ? -4.961  -0.875  -4.261  1.00 13.79  ? 8   GLY A CA    1 
ATOM   55   C  C     . GLY A 1 8   ? -6.397  -1.345  -4.388  1.00 14.09  ? 8   GLY A C     1 
ATOM   56   O  O     . GLY A 1 8   ? -7.000  -1.805  -3.417  1.00 14.50  ? 8   GLY A O     1 
ATOM   57   N  N     . SER A 1 9   ? -6.939  -1.235  -5.595  1.00 9.66   ? 9   SER A N     1 
ATOM   58   C  CA    . SER A 1 9   ? -8.292  -1.669  -5.904  1.00 8.47   ? 9   SER A CA    1 
ATOM   59   C  C     . SER A 1 9   ? -8.508  -1.762  -7.407  1.00 6.08   ? 9   SER A C     1 
ATOM   60   O  O     . SER A 1 9   ? -8.149  -0.817  -8.124  1.00 7.29   ? 9   SER A O     1 
ATOM   61   C  CB    . SER A 1 9   ? -9.318  -0.684  -5.327  1.00 10.51  ? 9   SER A CB    1 
ATOM   62   O  OG    . SER A 1 9   ? -10.603 -0.944  -5.867  1.00 7.81   ? 9   SER A OG    1 
ATOM   63   N  N     . ASN A 1 10  ? -9.090  -2.846  -7.910  1.00 5.04   ? 10  ASN A N     1 
ATOM   64   C  CA    . ASN A 1 10  ? -9.453  -2.748  -9.339  1.00 13.99  ? 10  ASN A CA    1 
ATOM   65   C  C     . ASN A 1 10  ? -10.826 -3.347  -9.606  1.00 15.26  ? 10  ASN A C     1 
ATOM   66   O  O     . ASN A 1 10  ? -11.121 -3.790  -10.719 1.00 9.60   ? 10  ASN A O     1 
ATOM   67   C  CB    . ASN A 1 10  ? -8.366  -3.382  -10.208 1.00 6.03   ? 10  ASN A CB    1 
ATOM   68   C  CG    . ASN A 1 10  ? -8.300  -4.883  -10.119 1.00 3.91   ? 10  ASN A CG    1 
ATOM   69   O  OD1   . ASN A 1 10  ? -8.628  -5.500  -9.101  1.00 14.26  ? 10  ASN A OD1   1 
ATOM   70   N  ND2   . ASN A 1 10  ? -7.868  -5.517  -11.211 1.00 16.13  ? 10  ASN A ND2   1 
ATOM   71   N  N     . LEU A 1 11  ? -11.674 -3.368  -8.581  1.00 12.99  ? 11  LEU A N     1 
ATOM   72   C  CA    . LEU A 1 11  ? -13.051 -3.831  -8.706  1.00 10.88  ? 11  LEU A CA    1 
ATOM   73   C  C     . LEU A 1 11  ? -14.025 -2.912  -7.968  1.00 15.18  ? 11  LEU A C     1 
ATOM   74   O  O     . LEU A 1 11  ? -13.642 -2.199  -7.036  1.00 21.29  ? 11  LEU A O     1 
ATOM   75   C  CB    . LEU A 1 11  ? -13.191 -5.250  -8.163  1.00 5.80   ? 11  LEU A CB    1 
ATOM   76   C  CG    . LEU A 1 11  ? -12.419 -6.329  -8.915  1.00 14.72  ? 11  LEU A CG    1 
ATOM   77   C  CD1   . LEU A 1 11  ? -12.448 -7.640  -8.147  1.00 24.53  ? 11  LEU A CD1   1 
ATOM   78   C  CD2   . LEU A 1 11  ? -12.994 -6.495  -10.314 1.00 19.34  ? 11  LEU A CD2   1 
ATOM   79   N  N     . ALA A 1 12  ? -15.286 -2.922  -8.379  1.00 16.45  ? 12  ALA A N     1 
ATOM   80   C  CA    . ALA A 1 12  ? -16.359 -2.205  -7.708  1.00 13.23  ? 12  ALA A CA    1 
ATOM   81   C  C     . ALA A 1 12  ? -16.100 -0.711  -7.573  1.00 13.11  ? 12  ALA A C     1 
ATOM   82   O  O     . ALA A 1 12  ? -16.308 -0.156  -6.494  1.00 16.09  ? 12  ALA A O     1 
ATOM   83   C  CB    . ALA A 1 12  ? -16.582 -2.817  -6.326  1.00 8.95   ? 12  ALA A CB    1 
ATOM   84   N  N     . SER A 1 13  ? -15.664 -0.082  -8.648  1.00 6.18   ? 13  SER A N     1 
ATOM   85   C  CA    . SER A 1 13  ? -15.343 1.330   -8.741  1.00 4.45   ? 13  SER A CA    1 
ATOM   86   C  C     . SER A 1 13  ? -14.191 1.718   -7.815  1.00 17.21  ? 13  SER A C     1 
ATOM   87   O  O     . SER A 1 13  ? -14.406 2.240   -6.717  1.00 19.91  ? 13  SER A O     1 
ATOM   88   C  CB    . SER A 1 13  ? -16.592 2.165   -8.448  1.00 4.66   ? 13  SER A CB    1 
ATOM   89   O  OG    . SER A 1 13  ? -16.303 3.554   -8.617  1.00 8.19   ? 13  SER A OG    1 
ATOM   90   N  N     . PRO A 1 14  ? -12.971 1.440   -8.270  1.00 19.54  ? 14  PRO A N     1 
ATOM   91   C  CA    . PRO A 1 14  ? -11.750 1.708   -7.509  1.00 4.16   ? 14  PRO A CA    1 
ATOM   92   C  C     . PRO A 1 14  ? -11.728 3.045   -6.801  1.00 10.49  ? 14  PRO A C     1 
ATOM   93   O  O     . PRO A 1 14  ? -11.401 3.101   -5.609  1.00 8.87   ? 14  PRO A O     1 
ATOM   94   C  CB    . PRO A 1 14  ? -10.671 1.669   -8.613  1.00 4.16   ? 14  PRO A CB    1 
ATOM   95   C  CG    . PRO A 1 14  ? -11.161 0.552   -9.481  1.00 3.94   ? 14  PRO A CG    1 
ATOM   96   C  CD    . PRO A 1 14  ? -12.650 0.805   -9.566  1.00 19.22  ? 14  PRO A CD    1 
ATOM   97   N  N     . LEU A 1 15  ? -12.067 4.144   -7.462  1.00 10.44  ? 15  LEU A N     1 
ATOM   98   C  CA    . LEU A 1 15  ? -12.042 5.430   -6.767  1.00 7.38   ? 15  LEU A CA    1 
ATOM   99   C  C     . LEU A 1 15  ? -12.945 5.434   -5.543  1.00 15.54  ? 15  LEU A C     1 
ATOM   100  O  O     . LEU A 1 15  ? -12.649 5.999   -4.485  1.00 6.68   ? 15  LEU A O     1 
ATOM   101  C  CB    . LEU A 1 15  ? -12.454 6.547   -7.729  1.00 6.08   ? 15  LEU A CB    1 
ATOM   102  C  CG    . LEU A 1 15  ? -12.221 7.969   -7.210  1.00 21.31  ? 15  LEU A CG    1 
ATOM   103  C  CD1   . LEU A 1 15  ? -10.736 8.294   -7.202  1.00 10.61  ? 15  LEU A CD1   1 
ATOM   104  C  CD2   . LEU A 1 15  ? -13.000 8.976   -8.039  1.00 8.00   ? 15  LEU A CD2   1 
ATOM   105  N  N     . GLU A 1 16  ? -14.114 4.797   -5.616  1.00 18.22  ? 16  GLU A N     1 
ATOM   106  C  CA    . GLU A 1 16  ? -14.936 4.830   -4.397  1.00 20.45  ? 16  GLU A CA    1 
ATOM   107  C  C     . GLU A 1 16  ? -14.365 3.930   -3.313  1.00 11.68  ? 16  GLU A C     1 
ATOM   108  O  O     . GLU A 1 16  ? -14.362 4.248   -2.121  1.00 16.66  ? 16  GLU A O     1 
ATOM   109  C  CB    . GLU A 1 16  ? -16.366 4.440   -4.768  1.00 24.04  ? 16  GLU A CB    1 
ATOM   110  C  CG    . GLU A 1 16  ? -17.003 5.450   -5.721  1.00 23.34  ? 16  GLU A CG    1 
ATOM   111  C  CD    . GLU A 1 16  ? -18.086 6.245   -5.010  1.00 34.04  ? 16  GLU A CD    1 
ATOM   112  O  OE1   . GLU A 1 16  ? -18.947 5.592   -4.382  1.00 40.89  ? 16  GLU A OE1   1 
ATOM   113  O  OE2   . GLU A 1 16  ? -18.049 7.490   -5.092  1.00 35.05  ? 16  GLU A OE2   1 
ATOM   114  N  N     . GLN A 1 17  ? -13.884 2.760   -3.721  1.00 7.20   ? 17  GLN A N     1 
ATOM   115  C  CA    . GLN A 1 17  ? -13.258 1.849   -2.772  1.00 11.57  ? 17  GLN A CA    1 
ATOM   116  C  C     . GLN A 1 17  ? -12.116 2.568   -2.071  1.00 4.56   ? 17  GLN A C     1 
ATOM   117  O  O     . GLN A 1 17  ? -11.916 2.481   -0.860  1.00 18.50  ? 17  GLN A O     1 
ATOM   118  C  CB    . GLN A 1 17  ? -12.750 0.603   -3.487  1.00 14.24  ? 17  GLN A CB    1 
ATOM   119  C  CG    . GLN A 1 17  ? -13.829 -0.163  -4.239  1.00 21.83  ? 17  GLN A CG    1 
ATOM   120  C  CD    . GLN A 1 17  ? -14.871 -0.739  -3.296  1.00 24.93  ? 17  GLN A CD    1 
ATOM   121  O  OE1   . GLN A 1 17  ? -14.609 -0.899  -2.103  1.00 7.61   ? 17  GLN A OE1   1 
ATOM   122  N  NE2   . GLN A 1 17  ? -16.054 -1.052  -3.822  1.00 16.89  ? 17  GLN A NE2   1 
ATOM   123  N  N     . VAL A 1 18  ? -11.338 3.318   -2.856  1.00 10.84  ? 18  VAL A N     1 
ATOM   124  C  CA    . VAL A 1 18  ? -10.161 3.941   -2.253  1.00 11.04  ? 18  VAL A CA    1 
ATOM   125  C  C     . VAL A 1 18  ? -10.550 5.080   -1.324  1.00 17.45  ? 18  VAL A C     1 
ATOM   126  O  O     . VAL A 1 18  ? -9.921  5.284   -0.284  1.00 16.33  ? 18  VAL A O     1 
ATOM   127  C  CB    . VAL A 1 18  ? -9.161  4.456   -3.307  1.00 10.54  ? 18  VAL A CB    1 
ATOM   128  C  CG1   . VAL A 1 18  ? -8.068  5.282   -2.638  1.00 4.71   ? 18  VAL A CG1   1 
ATOM   129  C  CG2   . VAL A 1 18  ? -8.554  3.288   -4.062  1.00 11.42  ? 18  VAL A CG2   1 
ATOM   130  N  N     . ASN A 1 19  ? -11.587 5.833   -1.674  1.00 12.48  ? 19  ASN A N     1 
ATOM   131  C  CA    . ASN A 1 19  ? -11.980 6.946   -0.805  1.00 13.74  ? 19  ASN A CA    1 
ATOM   132  C  C     . ASN A 1 19  ? -12.539 6.430   0.517   1.00 16.79  ? 19  ASN A C     1 
ATOM   133  O  O     . ASN A 1 19  ? -12.340 7.047   1.560   1.00 30.34  ? 19  ASN A O     1 
ATOM   134  C  CB    . ASN A 1 19  ? -13.001 7.841   -1.508  1.00 20.36  ? 19  ASN A CB    1 
ATOM   135  C  CG    . ASN A 1 19  ? -12.338 8.722   -2.551  1.00 24.42  ? 19  ASN A CG    1 
ATOM   136  O  OD1   . ASN A 1 19  ? -11.113 8.850   -2.542  1.00 23.91  ? 19  ASN A OD1   1 
ATOM   137  N  ND2   . ASN A 1 19  ? -13.139 9.310   -3.430  1.00 33.71  ? 19  ASN A ND2   1 
ATOM   138  N  N     . ALA A 1 20  ? -13.227 5.300   0.420   1.00 22.24  ? 20  ALA A N     1 
ATOM   139  C  CA    . ALA A 1 20  ? -13.796 4.585   1.552   1.00 21.48  ? 20  ALA A CA    1 
ATOM   140  C  C     . ALA A 1 20  ? -12.679 4.159   2.497   1.00 21.07  ? 20  ALA A C     1 
ATOM   141  O  O     . ALA A 1 20  ? -12.696 4.420   3.694   1.00 14.94  ? 20  ALA A O     1 
ATOM   142  C  CB    . ALA A 1 20  ? -14.583 3.377   1.076   1.00 20.78  ? 20  ALA A CB    1 
ATOM   143  N  N     . ALA A 1 21  ? -11.684 3.496   1.904   1.00 15.15  ? 21  ALA A N     1 
ATOM   144  C  CA    . ALA A 1 21  ? -10.538 3.064   2.689   1.00 6.18   ? 21  ALA A CA    1 
ATOM   145  C  C     . ALA A 1 21  ? -9.912  4.245   3.415   1.00 3.93   ? 21  ALA A C     1 
ATOM   146  O  O     . ALA A 1 21  ? -9.508  4.141   4.572   1.00 11.45  ? 21  ALA A O     1 
ATOM   147  C  CB    . ALA A 1 21  ? -9.520  2.385   1.787   1.00 12.52  ? 21  ALA A CB    1 
ATOM   148  N  N     . LEU A 1 22  ? -9.828  5.372   2.716   1.00 9.64   ? 22  LEU A N     1 
ATOM   149  C  CA    . LEU A 1 22  ? -9.147  6.534   3.272   1.00 14.71  ? 22  LEU A CA    1 
ATOM   150  C  C     . LEU A 1 22  ? -9.954  7.100   4.443   1.00 17.68  ? 22  LEU A C     1 
ATOM   151  O  O     . LEU A 1 22  ? -9.362  7.699   5.343   1.00 20.75  ? 22  LEU A O     1 
ATOM   152  C  CB    . LEU A 1 22  ? -8.899  7.641   2.250   1.00 10.03  ? 22  LEU A CB    1 
ATOM   153  C  CG    . LEU A 1 22  ? -7.740  7.433   1.271   1.00 11.36  ? 22  LEU A CG    1 
ATOM   154  C  CD1   . LEU A 1 22  ? -7.720  8.563   0.254   1.00 17.22  ? 22  LEU A CD1   1 
ATOM   155  C  CD2   . LEU A 1 22  ? -6.400  7.335   1.986   1.00 12.14  ? 22  LEU A CD2   1 
ATOM   156  N  N     . LYS A 1 23  ? -11.267 6.898   4.404   1.00 15.74  ? 23  LYS A N     1 
ATOM   157  C  CA    . LYS A 1 23  ? -12.077 7.403   5.521   1.00 24.67  ? 23  LYS A CA    1 
ATOM   158  C  C     . LYS A 1 23  ? -11.953 6.472   6.717   1.00 20.23  ? 23  LYS A C     1 
ATOM   159  O  O     . LYS A 1 23  ? -11.845 6.835   7.884   1.00 12.55  ? 23  LYS A O     1 
ATOM   160  C  CB    . LYS A 1 23  ? -13.545 7.570   5.128   1.00 21.78  ? 23  LYS A CB    1 
ATOM   161  C  CG    . LYS A 1 23  ? -14.438 8.033   6.278   1.00 24.51  ? 23  LYS A CG    1 
ATOM   162  C  CD    . LYS A 1 23  ? -15.490 7.000   6.634   1.00 31.52  ? 23  LYS A CD    1 
ATOM   163  C  CE    . LYS A 1 23  ? -16.548 7.529   7.585   1.00 35.49  ? 23  LYS A CE    1 
ATOM   164  N  NZ    . LYS A 1 23  ? -15.988 7.964   8.895   1.00 29.61  ? 23  LYS A NZ    1 
ATOM   165  N  N     . ALA A 1 24  ? -11.970 5.169   6.421   1.00 14.56  ? 24  ALA A N     1 
ATOM   166  C  CA    . ALA A 1 24  ? -11.852 4.234   7.539   1.00 14.46  ? 24  ALA A CA    1 
ATOM   167  C  C     . ALA A 1 24  ? -10.470 4.315   8.168   1.00 18.18  ? 24  ALA A C     1 
ATOM   168  O  O     . ALA A 1 24  ? -10.306 4.222   9.387   1.00 13.42  ? 24  ALA A O     1 
ATOM   169  C  CB    . ALA A 1 24  ? -12.184 2.847   7.031   1.00 4.75   ? 24  ALA A CB    1 
ATOM   170  N  N     . LEU A 1 25  ? -9.441  4.496   7.337   1.00 11.78  ? 25  LEU A N     1 
ATOM   171  C  CA    . LEU A 1 25  ? -8.089  4.498   7.892   1.00 7.45   ? 25  LEU A CA    1 
ATOM   172  C  C     . LEU A 1 25  ? -7.907  5.589   8.932   1.00 12.87  ? 25  LEU A C     1 
ATOM   173  O  O     . LEU A 1 25  ? -7.256  5.358   9.953   1.00 13.55  ? 25  LEU A O     1 
ATOM   174  C  CB    . LEU A 1 25  ? -7.051  4.688   6.786   1.00 11.81  ? 25  LEU A CB    1 
ATOM   175  C  CG    . LEU A 1 25  ? -6.505  3.429   6.121   1.00 18.23  ? 25  LEU A CG    1 
ATOM   176  C  CD1   . LEU A 1 25  ? -5.994  3.748   4.722   1.00 14.82  ? 25  LEU A CD1   1 
ATOM   177  C  CD2   . LEU A 1 25  ? -5.409  2.805   6.969   1.00 38.36  ? 25  LEU A CD2   1 
ATOM   178  N  N     . GLY A 1 26  ? -8.444  6.779   8.696   1.00 12.59  ? 26  GLY A N     1 
ATOM   179  C  CA    . GLY A 1 26  ? -8.262  7.886   9.629   1.00 17.97  ? 26  GLY A CA    1 
ATOM   180  C  C     . GLY A 1 26  ? -9.142  7.715   10.867  1.00 9.19   ? 26  GLY A C     1 
ATOM   181  O  O     . GLY A 1 26  ? -8.916  8.342   11.898  1.00 9.86   ? 26  GLY A O     1 
ATOM   182  N  N     . ASP A 1 27  ? -10.122 6.855   10.701  1.00 8.18   ? 27  ASP A N     1 
ATOM   183  C  CA    . ASP A 1 27  ? -11.040 6.407   11.723  1.00 21.45  ? 27  ASP A CA    1 
ATOM   184  C  C     . ASP A 1 27  ? -10.379 5.353   12.609  1.00 20.98  ? 27  ASP A C     1 
ATOM   185  O  O     . ASP A 1 27  ? -10.959 4.979   13.629  1.00 16.66  ? 27  ASP A O     1 
ATOM   186  C  CB    . ASP A 1 27  ? -12.317 5.858   11.082  1.00 17.45  ? 27  ASP A CB    1 
ATOM   187  C  CG    . ASP A 1 27  ? -13.286 6.927   10.629  1.00 5.84   ? 27  ASP A CG    1 
ATOM   188  O  OD1   . ASP A 1 27  ? -12.960 8.134   10.639  1.00 12.72  ? 27  ASP A OD1   1 
ATOM   189  O  OD2   . ASP A 1 27  ? -14.415 6.568   10.240  1.00 18.99  ? 27  ASP A OD2   1 
ATOM   190  N  N     . ILE A 1 28  ? -9.190  4.882   12.233  1.00 13.52  ? 28  ILE A N     1 
ATOM   191  C  CA    . ILE A 1 28  ? -8.496  3.903   13.082  1.00 12.94  ? 28  ILE A CA    1 
ATOM   192  C  C     . ILE A 1 28  ? -8.131  4.567   14.404  1.00 5.45   ? 28  ILE A C     1 
ATOM   193  O  O     . ILE A 1 28  ? -7.703  5.725   14.453  1.00 9.95   ? 28  ILE A O     1 
ATOM   194  C  CB    . ILE A 1 28  ? -7.254  3.320   12.388  1.00 12.57  ? 28  ILE A CB    1 
ATOM   195  C  CG1   . ILE A 1 28  ? -7.582  2.564   11.093  1.00 20.42  ? 28  ILE A CG1   1 
ATOM   196  C  CG2   . ILE A 1 28  ? -6.438  2.422   13.301  1.00 7.10   ? 28  ILE A CG2   1 
ATOM   197  C  CD1   . ILE A 1 28  ? -6.371  1.989   10.383  1.00 9.87   ? 28  ILE A CD1   1 
ATOM   198  N  N     . PRO A 1 29  ? -8.323  3.862   15.508  1.00 7.64   ? 29  PRO A N     1 
ATOM   199  C  CA    . PRO A 1 29  ? -8.067  4.469   16.824  1.00 9.41   ? 29  PRO A CA    1 
ATOM   200  C  C     . PRO A 1 29  ? -6.615  4.901   17.008  1.00 15.83  ? 29  PRO A C     1 
ATOM   201  O  O     . PRO A 1 29  ? -5.697  4.224   16.514  1.00 9.51   ? 29  PRO A O     1 
ATOM   202  C  CB    . PRO A 1 29  ? -8.372  3.332   17.801  1.00 9.92   ? 29  PRO A CB    1 
ATOM   203  C  CG    . PRO A 1 29  ? -9.156  2.322   17.042  1.00 11.50  ? 29  PRO A CG    1 
ATOM   204  C  CD    . PRO A 1 29  ? -8.798  2.475   15.597  1.00 11.20  ? 29  PRO A CD    1 
ATOM   205  N  N     . GLU A 1 30  ? -6.406  6.004   17.730  1.00 13.08  ? 30  GLU A N     1 
ATOM   206  C  CA    . GLU A 1 30  ? -5.050  6.471   18.014  1.00 12.09  ? 30  GLU A CA    1 
ATOM   207  C  C     . GLU A 1 30  ? -4.221  6.594   16.734  1.00 13.38  ? 30  GLU A C     1 
ATOM   208  O  O     . GLU A 1 30  ? -3.027  6.278   16.713  1.00 14.77  ? 30  GLU A O     1 
ATOM   209  C  CB    . GLU A 1 30  ? -4.325  5.514   18.952  1.00 17.77  ? 30  GLU A CB    1 
ATOM   210  C  CG    . GLU A 1 30  ? -4.543  5.600   20.433  1.00 17.69  ? 30  GLU A CG    1 
ATOM   211  C  CD    . GLU A 1 30  ? -5.232  6.819   20.980  1.00 16.44  ? 30  GLU A CD    1 
ATOM   212  O  OE1   . GLU A 1 30  ? -4.561  7.861   21.127  1.00 10.04  ? 30  GLU A OE1   1 
ATOM   213  O  OE2   . GLU A 1 30  ? -6.445  6.762   21.287  1.00 33.34  ? 30  GLU A OE2   1 
ATOM   214  N  N     . SER A 1 31  ? -4.841  7.034   15.656  1.00 5.00   ? 31  SER A N     1 
ATOM   215  C  CA    . SER A 1 31  ? -4.164  7.130   14.375  1.00 3.63   ? 31  SER A CA    1 
ATOM   216  C  C     . SER A 1 31  ? -4.667  8.316   13.570  1.00 7.55   ? 31  SER A C     1 
ATOM   217  O  O     . SER A 1 31  ? -5.815  8.748   13.642  1.00 7.36   ? 31  SER A O     1 
ATOM   218  C  CB    . SER A 1 31  ? -4.367  5.873   13.530  1.00 5.09   ? 31  SER A CB    1 
ATOM   219  O  OG    . SER A 1 31  ? -4.362  4.673   14.259  1.00 17.61  ? 31  SER A OG    1 
ATOM   220  N  N     . HIS A 1 32  ? -3.769  8.858   12.740  1.00 5.69   ? 32  HIS A N     1 
ATOM   221  C  CA    . HIS A 1 32  ? -4.284  9.864   11.815  1.00 4.19   ? 32  HIS A CA    1 
ATOM   222  C  C     . HIS A 1 32  ? -3.437  9.887   10.544  1.00 14.36  ? 32  HIS A C     1 
ATOM   223  O  O     . HIS A 1 32  ? -2.274  9.473   10.546  1.00 13.83  ? 32  HIS A O     1 
ATOM   224  C  CB    . HIS A 1 32  ? -4.343  11.239  12.463  1.00 8.40   ? 32  HIS A CB    1 
ATOM   225  C  CG    . HIS A 1 32  ? -3.019  11.831  12.807  1.00 11.71  ? 32  HIS A CG    1 
ATOM   226  N  ND1   . HIS A 1 32  ? -2.209  11.321  13.797  1.00 11.75  ? 32  HIS A ND1   1 
ATOM   227  C  CD2   . HIS A 1 32  ? -2.366  12.891  12.277  1.00 3.91   ? 32  HIS A CD2   1 
ATOM   228  C  CE1   . HIS A 1 32  ? -1.106  12.043  13.868  1.00 10.88  ? 32  HIS A CE1   1 
ATOM   229  N  NE2   . HIS A 1 32  ? -1.173  13.002  12.965  1.00 10.34  ? 32  HIS A NE2   1 
ATOM   230  N  N     . ILE A 1 33  ? -4.040  10.382  9.464   1.00 14.32  ? 33  ILE A N     1 
ATOM   231  C  CA    . ILE A 1 33  ? -3.316  10.386  8.192   1.00 12.66  ? 33  ILE A CA    1 
ATOM   232  C  C     . ILE A 1 33  ? -2.467  11.640  8.046   1.00 10.39  ? 33  ILE A C     1 
ATOM   233  O  O     . ILE A 1 33  ? -2.956  12.766  7.989   1.00 12.82  ? 33  ILE A O     1 
ATOM   234  C  CB    . ILE A 1 33  ? -4.287  10.248  6.998   1.00 12.91  ? 33  ILE A CB    1 
ATOM   235  C  CG1   . ILE A 1 33  ? -5.116  8.966   7.034   1.00 3.87   ? 33  ILE A CG1   1 
ATOM   236  C  CG2   . ILE A 1 33  ? -3.517  10.408  5.696   1.00 19.90  ? 33  ILE A CG2   1 
ATOM   237  C  CD1   . ILE A 1 33  ? -6.199  8.849   5.975   1.00 3.98   ? 33  ILE A CD1   1 
ATOM   238  N  N     . LEU A 1 34  ? -1.152  11.443  7.975   1.00 9.23   ? 34  LEU A N     1 
ATOM   239  C  CA    . LEU A 1 34  ? -0.220  12.527  7.704   1.00 15.18  ? 34  LEU A CA    1 
ATOM   240  C  C     . LEU A 1 34  ? -0.349  13.085  6.292   1.00 8.50   ? 34  LEU A C     1 
ATOM   241  O  O     . LEU A 1 34  ? -0.349  14.299  6.060   1.00 6.12   ? 34  LEU A O     1 
ATOM   242  C  CB    . LEU A 1 34  ? 1.204   11.992  7.879   1.00 23.57  ? 34  LEU A CB    1 
ATOM   243  C  CG    . LEU A 1 34  ? 2.128   12.742  8.834   1.00 27.59  ? 34  LEU A CG    1 
ATOM   244  C  CD1   . LEU A 1 34  ? 3.505   12.091  8.835   1.00 39.17  ? 34  LEU A CD1   1 
ATOM   245  C  CD2   . LEU A 1 34  ? 2.211   14.211  8.450   1.00 8.81   ? 34  LEU A CD2   1 
ATOM   246  N  N     . THR A 1 35  ? -0.435  12.150  5.347   1.00 14.80  ? 35  THR A N     1 
ATOM   247  C  CA    . THR A 1 35  ? -0.335  12.413  3.930   1.00 11.74  ? 35  THR A CA    1 
ATOM   248  C  C     . THR A 1 35  ? -0.947  11.304  3.086   1.00 3.84   ? 35  THR A C     1 
ATOM   249  O  O     . THR A 1 35  ? -0.917  10.129  3.432   1.00 8.97   ? 35  THR A O     1 
ATOM   250  C  CB    . THR A 1 35  ? 1.130   12.503  3.423   1.00 19.63  ? 35  THR A CB    1 
ATOM   251  O  OG1   . THR A 1 35  ? 2.016   12.872  4.483   1.00 47.88  ? 35  THR A OG1   1 
ATOM   252  C  CG2   . THR A 1 35  ? 1.247   13.574  2.356   1.00 5.49   ? 35  THR A CG2   1 
ATOM   253  N  N     . VAL A 1 36  ? -1.485  11.692  1.926   1.00 4.81   ? 36  VAL A N     1 
ATOM   254  C  CA    . VAL A 1 36  ? -1.847  10.638  0.975   1.00 4.07   ? 36  VAL A CA    1 
ATOM   255  C  C     . VAL A 1 36  ? -1.174  10.991  -0.346  1.00 4.14   ? 36  VAL A C     1 
ATOM   256  O  O     . VAL A 1 36  ? -1.002  12.152  -0.704  1.00 7.25   ? 36  VAL A O     1 
ATOM   257  C  CB    . VAL A 1 36  ? -3.357  10.441  0.825   1.00 9.44   ? 36  VAL A CB    1 
ATOM   258  C  CG1   . VAL A 1 36  ? -3.645  9.277   -0.110  1.00 4.74   ? 36  VAL A CG1   1 
ATOM   259  C  CG2   . VAL A 1 36  ? -4.009  10.178  2.181   1.00 5.78   ? 36  VAL A CG2   1 
ATOM   260  N  N     . SER A 1 37  ? -0.739  9.965   -1.075  1.00 3.07   ? 37  SER A N     1 
ATOM   261  C  CA    . SER A 1 37  ? -0.152  10.239  -2.380  1.00 8.96   ? 37  SER A CA    1 
ATOM   262  C  C     . SER A 1 37  ? -1.234  10.633  -3.378  1.00 22.19  ? 37  SER A C     1 
ATOM   263  O  O     . SER A 1 37  ? -2.402  10.822  -3.024  1.00 6.02   ? 37  SER A O     1 
ATOM   264  C  CB    . SER A 1 37  ? 0.579   8.984   -2.861  1.00 6.02   ? 37  SER A CB    1 
ATOM   265  O  OG    . SER A 1 37  ? -0.361  8.053   -3.374  1.00 14.93  ? 37  SER A OG    1 
ATOM   266  N  N     . SER A 1 38  ? -0.850  10.740  -4.648  1.00 22.13  ? 38  SER A N     1 
ATOM   267  C  CA    . SER A 1 38  ? -1.805  10.910  -5.733  1.00 15.62  ? 38  SER A CA    1 
ATOM   268  C  C     . SER A 1 38  ? -2.441  9.565   -6.074  1.00 10.74  ? 38  SER A C     1 
ATOM   269  O  O     . SER A 1 38  ? -1.962  8.513   -5.655  1.00 15.21  ? 38  SER A O     1 
ATOM   270  C  CB    . SER A 1 38  ? -1.141  11.463  -6.991  1.00 13.00  ? 38  SER A CB    1 
ATOM   271  O  OG    . SER A 1 38  ? -0.715  12.798  -6.802  1.00 13.88  ? 38  SER A OG    1 
ATOM   272  N  N     . PHE A 1 39  ? -3.515  9.629   -6.850  1.00 8.31   ? 39  PHE A N     1 
ATOM   273  C  CA    . PHE A 1 39  ? -4.198  8.421   -7.296  1.00 5.29   ? 39  PHE A CA    1 
ATOM   274  C  C     . PHE A 1 39  ? -3.662  7.966   -8.646  1.00 14.83  ? 39  PHE A C     1 
ATOM   275  O  O     . PHE A 1 39  ? -3.690  8.740   -9.599  1.00 6.16   ? 39  PHE A O     1 
ATOM   276  C  CB    . PHE A 1 39  ? -5.696  8.699   -7.383  1.00 11.27  ? 39  PHE A CB    1 
ATOM   277  C  CG    . PHE A 1 39  ? -6.366  8.794   -6.018  1.00 16.40  ? 39  PHE A CG    1 
ATOM   278  C  CD1   . PHE A 1 39  ? -5.609  8.832   -4.858  1.00 14.55  ? 39  PHE A CD1   1 
ATOM   279  C  CD2   . PHE A 1 39  ? -7.744  8.830   -5.921  1.00 17.03  ? 39  PHE A CD2   1 
ATOM   280  C  CE1   . PHE A 1 39  ? -6.233  8.908   -3.626  1.00 13.31  ? 39  PHE A CE1   1 
ATOM   281  C  CE2   . PHE A 1 39  ? -8.380  8.923   -4.700  1.00 19.55  ? 39  PHE A CE2   1 
ATOM   282  C  CZ    . PHE A 1 39  ? -7.611  8.964   -3.549  1.00 18.39  ? 39  PHE A CZ    1 
ATOM   283  N  N     . TYR A 1 40  ? -3.176  6.737   -8.764  1.00 11.13  ? 40  TYR A N     1 
ATOM   284  C  CA    . TYR A 1 40  ? -2.609  6.283   -10.025 1.00 10.91  ? 40  TYR A CA    1 
ATOM   285  C  C     . TYR A 1 40  ? -3.347  5.090   -10.620 1.00 13.03  ? 40  TYR A C     1 
ATOM   286  O  O     . TYR A 1 40  ? -3.780  4.203   -9.879  1.00 10.41  ? 40  TYR A O     1 
ATOM   287  C  CB    . TYR A 1 40  ? -1.131  5.901   -9.830  1.00 8.51   ? 40  TYR A CB    1 
ATOM   288  C  CG    . TYR A 1 40  ? -0.264  7.034   -9.339  1.00 5.64   ? 40  TYR A CG    1 
ATOM   289  C  CD1   . TYR A 1 40  ? 0.207   8.014   -10.199 1.00 3.80   ? 40  TYR A CD1   1 
ATOM   290  C  CD2   . TYR A 1 40  ? 0.102   7.118   -8.007  1.00 4.06   ? 40  TYR A CD2   1 
ATOM   291  C  CE1   . TYR A 1 40  ? 1.005   9.038   -9.741  1.00 7.82   ? 40  TYR A CE1   1 
ATOM   292  C  CE2   . TYR A 1 40  ? 0.896   8.144   -7.534  1.00 10.12  ? 40  TYR A CE2   1 
ATOM   293  C  CZ    . TYR A 1 40  ? 1.348   9.104   -8.410  1.00 8.85   ? 40  TYR A CZ    1 
ATOM   294  O  OH    . TYR A 1 40  ? 2.135   10.131  -7.939  1.00 7.24   ? 40  TYR A OH    1 
ATOM   295  N  N     . ARG A 1 41  ? -3.447  5.082   -11.952 1.00 12.59  ? 41  ARG A N     1 
ATOM   296  C  CA    . ARG A 1 41  ? -3.923  3.914   -12.683 1.00 18.08  ? 41  ARG A CA    1 
ATOM   297  C  C     . ARG A 1 41  ? -2.713  3.084   -13.119 1.00 17.61  ? 41  ARG A C     1 
ATOM   298  O  O     . ARG A 1 41  ? -1.833  3.565   -13.829 1.00 10.65  ? 41  ARG A O     1 
ATOM   299  C  CB    . ARG A 1 41  ? -4.778  4.292   -13.893 1.00 12.25  ? 41  ARG A CB    1 
ATOM   300  C  CG    . ARG A 1 41  ? -5.586  3.134   -14.467 1.00 20.72  ? 41  ARG A CG    1 
ATOM   301  C  CD    . ARG A 1 41  ? -6.385  3.542   -15.699 1.00 22.00  ? 41  ARG A CD    1 
ATOM   302  N  NE    . ARG A 1 41  ? -7.523  4.400   -15.383 1.00 26.08  ? 41  ARG A NE    1 
ATOM   303  C  CZ    . ARG A 1 41  ? -7.472  5.717   -15.253 1.00 32.28  ? 41  ARG A CZ    1 
ATOM   304  N  NH1   . ARG A 1 41  ? -6.325  6.369   -15.412 1.00 51.43  ? 41  ARG A NH1   1 
ATOM   305  N  NH2   . ARG A 1 41  ? -8.564  6.412   -14.962 1.00 37.53  ? 41  ARG A NH2   1 
ATOM   306  N  N     . THR A 1 42  ? -2.644  1.832   -12.685 1.00 10.41  ? 42  THR A N     1 
ATOM   307  C  CA    . THR A 1 42  ? -1.446  1.032   -12.958 1.00 11.92  ? 42  THR A CA    1 
ATOM   308  C  C     . THR A 1 42  ? -1.823  -0.315  -13.548 1.00 8.70   ? 42  THR A C     1 
ATOM   309  O  O     . THR A 1 42  ? -2.846  -0.907  -13.184 1.00 15.08  ? 42  THR A O     1 
ATOM   310  C  CB    . THR A 1 42  ? -0.622  0.836   -11.671 1.00 3.80   ? 42  THR A CB    1 
ATOM   311  O  OG1   . THR A 1 42  ? -1.432  0.134   -10.711 1.00 13.80  ? 42  THR A OG1   1 
ATOM   312  C  CG2   . THR A 1 42  ? -0.280  2.167   -11.019 1.00 5.81   ? 42  THR A CG2   1 
ATOM   313  N  N     . PRO A 1 43  ? -1.017  -0.833  -14.471 1.00 7.77   ? 43  PRO A N     1 
ATOM   314  C  CA    . PRO A 1 43  ? -1.361  -2.120  -15.086 1.00 6.04   ? 43  PRO A CA    1 
ATOM   315  C  C     . PRO A 1 43  ? -1.218  -3.261  -14.090 1.00 6.21   ? 43  PRO A C     1 
ATOM   316  O  O     . PRO A 1 43  ? -0.361  -3.213  -13.209 1.00 19.46  ? 43  PRO A O     1 
ATOM   317  C  CB    . PRO A 1 43  ? -0.333  -2.244  -16.215 1.00 10.34  ? 43  PRO A CB    1 
ATOM   318  C  CG    . PRO A 1 43  ? 0.820   -1.424  -15.753 1.00 4.18   ? 43  PRO A CG    1 
ATOM   319  C  CD    . PRO A 1 43  ? 0.236   -0.271  -14.980 1.00 5.25   ? 43  PRO A CD    1 
ATOM   320  N  N     . PRO A 1 44  ? -2.059  -4.276  -14.238 1.00 8.71   ? 44  PRO A N     1 
ATOM   321  C  CA    . PRO A 1 44  ? -2.014  -5.451  -13.371 1.00 14.88  ? 44  PRO A CA    1 
ATOM   322  C  C     . PRO A 1 44  ? -0.586  -5.992  -13.317 1.00 28.20  ? 44  PRO A C     1 
ATOM   323  O  O     . PRO A 1 44  ? 0.130   -5.950  -14.320 1.00 8.66   ? 44  PRO A O     1 
ATOM   324  C  CB    . PRO A 1 44  ? -2.923  -6.456  -14.071 1.00 16.94  ? 44  PRO A CB    1 
ATOM   325  C  CG    . PRO A 1 44  ? -3.862  -5.617  -14.864 1.00 15.88  ? 44  PRO A CG    1 
ATOM   326  C  CD    . PRO A 1 44  ? -3.102  -4.386  -15.271 1.00 12.94  ? 44  PRO A CD    1 
ATOM   327  N  N     . LEU A 1 45  ? -0.178  -6.463  -12.148 1.00 26.30  ? 45  LEU A N     1 
ATOM   328  C  CA    . LEU A 1 45  ? 1.208   -6.902  -11.977 1.00 23.48  ? 45  LEU A CA    1 
ATOM   329  C  C     . LEU A 1 45  ? 1.404   -8.296  -12.564 1.00 18.94  ? 45  LEU A C     1 
ATOM   330  O  O     . LEU A 1 45  ? 2.474   -8.606  -13.094 1.00 14.10  ? 45  LEU A O     1 
ATOM   331  C  CB    . LEU A 1 45  ? 1.542   -6.798  -10.490 1.00 16.79  ? 45  LEU A CB    1 
ATOM   332  C  CG    . LEU A 1 45  ? 2.617   -7.720  -9.931  1.00 13.13  ? 45  LEU A CG    1 
ATOM   333  C  CD1   . LEU A 1 45  ? 3.953   -6.995  -9.913  1.00 17.82  ? 45  LEU A CD1   1 
ATOM   334  C  CD2   . LEU A 1 45  ? 2.226   -8.221  -8.546  1.00 7.47   ? 45  LEU A CD2   1 
ATOM   335  N  N     . GLY A 1 46  ? 0.371   -9.123  -12.479 1.00 6.92   ? 46  GLY A N     1 
ATOM   336  C  CA    . GLY A 1 46  ? 0.301   -10.469 -12.988 1.00 11.74  ? 46  GLY A CA    1 
ATOM   337  C  C     . GLY A 1 46  ? -0.579  -10.620 -14.212 1.00 16.15  ? 46  GLY A C     1 
ATOM   338  O  O     . GLY A 1 46  ? -0.356  -10.029 -15.275 1.00 11.98  ? 46  GLY A O     1 
ATOM   339  N  N     . PRO A 1 47  ? -1.620  -11.440 -14.098 1.00 12.48  ? 47  PRO A N     1 
ATOM   340  C  CA    . PRO A 1 47  ? -2.504  -11.660 -15.249 1.00 13.39  ? 47  PRO A CA    1 
ATOM   341  C  C     . PRO A 1 47  ? -3.093  -10.351 -15.763 1.00 13.16  ? 47  PRO A C     1 
ATOM   342  O  O     . PRO A 1 47  ? -3.406  -9.437  -15.007 1.00 18.11  ? 47  PRO A O     1 
ATOM   343  C  CB    . PRO A 1 47  ? -3.578  -12.591 -14.689 1.00 18.81  ? 47  PRO A CB    1 
ATOM   344  C  CG    . PRO A 1 47  ? -3.431  -12.596 -13.207 1.00 16.26  ? 47  PRO A CG    1 
ATOM   345  C  CD    . PRO A 1 47  ? -2.009  -12.203 -12.909 1.00 9.92   ? 47  PRO A CD    1 
ATOM   346  N  N     . GLN A 1 48  ? -3.264  -10.204 -17.076 1.00 15.57  ? 48  GLN A N     1 
ATOM   347  C  CA    . GLN A 1 48  ? -3.729  -8.947  -17.650 1.00 19.07  ? 48  GLN A CA    1 
ATOM   348  C  C     . GLN A 1 48  ? -5.235  -8.881  -17.875 1.00 20.22  ? 48  GLN A C     1 
ATOM   349  O  O     . GLN A 1 48  ? -5.788  -7.809  -18.146 1.00 22.28  ? 48  GLN A O     1 
ATOM   350  C  CB    . GLN A 1 48  ? -3.028  -8.706  -18.995 1.00 16.34  ? 48  GLN A CB    1 
ATOM   351  C  CG    . GLN A 1 48  ? -1.540  -8.423  -18.852 1.00 21.74  ? 48  GLN A CG    1 
ATOM   352  C  CD    . GLN A 1 48  ? -1.272  -7.212  -17.978 1.00 21.97  ? 48  GLN A CD    1 
ATOM   353  O  OE1   . GLN A 1 48  ? -1.388  -6.071  -18.425 1.00 11.66  ? 48  GLN A OE1   1 
ATOM   354  N  NE2   . GLN A 1 48  ? -0.912  -7.480  -16.725 1.00 10.34  ? 48  GLN A NE2   1 
ATOM   355  N  N     . ASP A 1 49  ? -5.927  -10.005 -17.781 1.00 13.47  ? 49  ASP A N     1 
ATOM   356  C  CA    . ASP A 1 49  ? -7.364  -10.048 -18.037 1.00 16.54  ? 49  ASP A CA    1 
ATOM   357  C  C     . ASP A 1 49  ? -8.198  -9.544  -16.857 1.00 17.65  ? 49  ASP A C     1 
ATOM   358  O  O     . ASP A 1 49  ? -9.055  -10.247 -16.321 1.00 10.69  ? 49  ASP A O     1 
ATOM   359  C  CB    . ASP A 1 49  ? -7.769  -11.480 -18.384 1.00 20.61  ? 49  ASP A CB    1 
ATOM   360  C  CG    . ASP A 1 49  ? -7.272  -12.483 -17.362 1.00 23.86  ? 49  ASP A CG    1 
ATOM   361  O  OD1   . ASP A 1 49  ? -6.313  -12.178 -16.625 1.00 36.06  ? 49  ASP A OD1   1 
ATOM   362  O  OD2   . ASP A 1 49  ? -7.855  -13.587 -17.293 1.00 27.27  ? 49  ASP A OD2   1 
ATOM   363  N  N     . GLN A 1 50  ? -7.931  -8.309  -16.462 1.00 23.73  ? 50  GLN A N     1 
ATOM   364  C  CA    . GLN A 1 50  ? -8.596  -7.617  -15.364 1.00 14.81  ? 50  GLN A CA    1 
ATOM   365  C  C     . GLN A 1 50  ? -8.352  -6.126  -15.489 1.00 7.39   ? 50  GLN A C     1 
ATOM   366  O  O     . GLN A 1 50  ? -7.452  -5.670  -16.198 1.00 13.00  ? 50  GLN A O     1 
ATOM   367  C  CB    . GLN A 1 50  ? -8.115  -8.179  -14.023 1.00 15.49  ? 50  GLN A CB    1 
ATOM   368  C  CG    . GLN A 1 50  ? -6.798  -7.605  -13.540 1.00 12.48  ? 50  GLN A CG    1 
ATOM   369  C  CD    . GLN A 1 50  ? -6.290  -8.222  -12.255 1.00 20.15  ? 50  GLN A CD    1 
ATOM   370  O  OE1   . GLN A 1 50  ? -6.748  -7.931  -11.146 1.00 15.44  ? 50  GLN A OE1   1 
ATOM   371  N  NE2   . GLN A 1 50  ? -5.304  -9.096  -12.416 1.00 11.71  ? 50  GLN A NE2   1 
ATOM   372  N  N     . PRO A 1 51  ? -9.143  -5.285  -14.824 1.00 5.44   ? 51  PRO A N     1 
ATOM   373  C  CA    . PRO A 1 51  ? -8.952  -3.854  -14.983 1.00 4.49   ? 51  PRO A CA    1 
ATOM   374  C  C     . PRO A 1 51  ? -7.644  -3.373  -14.369 1.00 11.63  ? 51  PRO A C     1 
ATOM   375  O  O     . PRO A 1 51  ? -7.042  -4.025  -13.521 1.00 19.87  ? 51  PRO A O     1 
ATOM   376  C  CB    . PRO A 1 51  ? -10.125 -3.238  -14.203 1.00 11.13  ? 51  PRO A CB    1 
ATOM   377  C  CG    . PRO A 1 51  ? -11.015 -4.348  -13.803 1.00 4.37   ? 51  PRO A CG    1 
ATOM   378  C  CD    . PRO A 1 51  ? -10.237 -5.624  -13.909 1.00 4.82   ? 51  PRO A CD    1 
ATOM   379  N  N     . ASP A 1 52  ? -7.215  -2.194  -14.813 1.00 20.92  ? 52  ASP A N     1 
ATOM   380  C  CA    . ASP A 1 52  ? -6.064  -1.537  -14.219 1.00 11.26  ? 52  ASP A CA    1 
ATOM   381  C  C     . ASP A 1 52  ? -6.392  -1.260  -12.751 1.00 15.41  ? 52  ASP A C     1 
ATOM   382  O  O     . ASP A 1 52  ? -7.565  -1.194  -12.380 1.00 6.16   ? 52  ASP A O     1 
ATOM   383  C  CB    . ASP A 1 52  ? -5.713  -0.230  -14.918 1.00 8.20   ? 52  ASP A CB    1 
ATOM   384  C  CG    . ASP A 1 52  ? -5.079  -0.382  -16.290 1.00 16.71  ? 52  ASP A CG    1 
ATOM   385  O  OD1   . ASP A 1 52  ? -4.927  -1.519  -16.782 1.00 4.23   ? 52  ASP A OD1   1 
ATOM   386  O  OD2   . ASP A 1 52  ? -4.718  0.650   -16.901 1.00 37.08  ? 52  ASP A OD2   1 
ATOM   387  N  N     . TYR A 1 53  ? -5.352  -1.096  -11.955 1.00 11.63  ? 53  TYR A N     1 
ATOM   388  C  CA    . TYR A 1 53  ? -5.492  -0.807  -10.541 1.00 10.61  ? 53  TYR A CA    1 
ATOM   389  C  C     . TYR A 1 53  ? -5.447  0.688   -10.270 1.00 15.74  ? 53  TYR A C     1 
ATOM   390  O  O     . TYR A 1 53  ? -4.686  1.398   -10.922 1.00 14.87  ? 53  TYR A O     1 
ATOM   391  C  CB    . TYR A 1 53  ? -4.356  -1.467  -9.740  1.00 3.84   ? 53  TYR A CB    1 
ATOM   392  C  CG    . TYR A 1 53  ? -4.617  -2.933  -9.477  1.00 3.10   ? 53  TYR A CG    1 
ATOM   393  C  CD1   . TYR A 1 53  ? -4.572  -3.848  -10.522 1.00 12.35  ? 53  TYR A CD1   1 
ATOM   394  C  CD2   . TYR A 1 53  ? -4.911  -3.401  -8.214  1.00 8.92   ? 53  TYR A CD2   1 
ATOM   395  C  CE1   . TYR A 1 53  ? -4.812  -5.192  -10.285 1.00 15.24  ? 53  TYR A CE1   1 
ATOM   396  C  CE2   . TYR A 1 53  ? -5.150  -4.742  -7.966  1.00 17.19  ? 53  TYR A CE2   1 
ATOM   397  C  CZ    . TYR A 1 53  ? -5.100  -5.635  -9.015  1.00 14.76  ? 53  TYR A CZ    1 
ATOM   398  O  OH    . TYR A 1 53  ? -5.336  -6.969  -8.790  1.00 8.54   ? 53  TYR A OH    1 
ATOM   399  N  N     . LEU A 1 54  ? -6.238  1.115   -9.290  1.00 17.71  ? 54  LEU A N     1 
ATOM   400  C  CA    . LEU A 1 54  ? -5.993  2.397   -8.641  1.00 7.41   ? 54  LEU A CA    1 
ATOM   401  C  C     . LEU A 1 54  ? -5.038  2.099   -7.480  1.00 8.84   ? 54  LEU A C     1 
ATOM   402  O  O     . LEU A 1 54  ? -5.326  1.234   -6.647  1.00 8.07   ? 54  LEU A O     1 
ATOM   403  C  CB    . LEU A 1 54  ? -7.235  3.093   -8.113  1.00 7.11   ? 54  LEU A CB    1 
ATOM   404  C  CG    . LEU A 1 54  ? -7.165  4.603   -7.938  1.00 7.10   ? 54  LEU A CG    1 
ATOM   405  C  CD1   . LEU A 1 54  ? -8.568  5.197   -7.840  1.00 14.16  ? 54  LEU A CD1   1 
ATOM   406  C  CD2   . LEU A 1 54  ? -6.363  5.014   -6.707  1.00 20.24  ? 54  LEU A CD2   1 
ATOM   407  N  N     . ASN A 1 55  ? -3.925  2.810   -7.482  1.00 9.17   ? 55  ASN A N     1 
ATOM   408  C  CA    . ASN A 1 55  ? -2.922  2.604   -6.450  1.00 10.33  ? 55  ASN A CA    1 
ATOM   409  C  C     . ASN A 1 55  ? -2.669  3.924   -5.745  1.00 7.23   ? 55  ASN A C     1 
ATOM   410  O  O     . ASN A 1 55  ? -2.710  4.963   -6.402  1.00 17.32  ? 55  ASN A O     1 
ATOM   411  C  CB    . ASN A 1 55  ? -1.637  2.051   -7.055  1.00 21.75  ? 55  ASN A CB    1 
ATOM   412  C  CG    . ASN A 1 55  ? -1.569  0.538   -7.049  1.00 23.61  ? 55  ASN A CG    1 
ATOM   413  O  OD1   . ASN A 1 55  ? -1.656  -0.115  -8.092  1.00 26.79  ? 55  ASN A OD1   1 
ATOM   414  N  ND2   . ASN A 1 55  ? -1.403  -0.035  -5.866  1.00 3.94   ? 55  ASN A ND2   1 
ATOM   415  N  N     . ALA A 1 56  ? -2.420  3.870   -4.442  1.00 11.53  ? 56  ALA A N     1 
ATOM   416  C  CA    . ALA A 1 56  ? -2.039  5.060   -3.694  1.00 14.43  ? 56  ALA A CA    1 
ATOM   417  C  C     . ALA A 1 56  ? -1.151  4.665   -2.513  1.00 16.91  ? 56  ALA A C     1 
ATOM   418  O  O     . ALA A 1 56  ? -1.097  3.481   -2.168  1.00 13.30  ? 56  ALA A O     1 
ATOM   419  C  CB    . ALA A 1 56  ? -3.257  5.818   -3.190  1.00 5.79   ? 56  ALA A CB    1 
ATOM   420  N  N     . ALA A 1 57  ? -0.495  5.660   -1.933  1.00 18.80  ? 57  ALA A N     1 
ATOM   421  C  CA    . ALA A 1 57  ? 0.310   5.451   -0.734  1.00 17.49  ? 57  ALA A CA    1 
ATOM   422  C  C     . ALA A 1 57  ? -0.147  6.357   0.400   1.00 10.28  ? 57  ALA A C     1 
ATOM   423  O  O     . ALA A 1 57  ? -0.406  7.544   0.212   1.00 6.03   ? 57  ALA A O     1 
ATOM   424  C  CB    . ALA A 1 57  ? 1.786   5.698   -1.011  1.00 8.31   ? 57  ALA A CB    1 
ATOM   425  N  N     . VAL A 1 58  ? -0.237  5.817   1.621   1.00 4.73   ? 58  VAL A N     1 
ATOM   426  C  CA    . VAL A 1 58  ? -0.562  6.755   2.699   1.00 9.84   ? 58  VAL A CA    1 
ATOM   427  C  C     . VAL A 1 58  ? 0.464   6.687   3.816   1.00 4.60   ? 58  VAL A C     1 
ATOM   428  O  O     . VAL A 1 58  ? 0.923   5.596   4.148   1.00 8.90   ? 58  VAL A O     1 
ATOM   429  C  CB    . VAL A 1 58  ? -1.946  6.453   3.301   1.00 15.09  ? 58  VAL A CB    1 
ATOM   430  C  CG1   . VAL A 1 58  ? -2.159  7.251   4.579   1.00 7.99   ? 58  VAL A CG1   1 
ATOM   431  C  CG2   . VAL A 1 58  ? -3.024  6.748   2.273   1.00 5.62   ? 58  VAL A CG2   1 
ATOM   432  N  N     . ALA A 1 59  ? 0.772   7.854   4.361   1.00 4.32   ? 59  ALA A N     1 
ATOM   433  C  CA    . ALA A 1 59  ? 1.494   7.987   5.613   1.00 8.29   ? 59  ALA A CA    1 
ATOM   434  C  C     . ALA A 1 59  ? 0.504   8.093   6.776   1.00 6.59   ? 59  ALA A C     1 
ATOM   435  O  O     . ALA A 1 59  ? -0.055  9.173   6.983   1.00 4.33   ? 59  ALA A O     1 
ATOM   436  C  CB    . ALA A 1 59  ? 2.394   9.207   5.578   1.00 3.81   ? 59  ALA A CB    1 
ATOM   437  N  N     . LEU A 1 60  ? 0.299   7.011   7.502   1.00 7.34   ? 60  LEU A N     1 
ATOM   438  C  CA    . LEU A 1 60  ? -0.542  6.956   8.682   1.00 14.40  ? 60  LEU A CA    1 
ATOM   439  C  C     . LEU A 1 60  ? 0.263   7.006   9.978   1.00 15.55  ? 60  LEU A C     1 
ATOM   440  O  O     . LEU A 1 60  ? 1.027   6.083   10.262  1.00 6.52   ? 60  LEU A O     1 
ATOM   441  C  CB    . LEU A 1 60  ? -1.372  5.665   8.722   1.00 10.12  ? 60  LEU A CB    1 
ATOM   442  C  CG    . LEU A 1 60  ? -2.406  5.584   9.848   1.00 6.08   ? 60  LEU A CG    1 
ATOM   443  C  CD1   . LEU A 1 60  ? -3.689  6.278   9.408   1.00 8.56   ? 60  LEU A CD1   1 
ATOM   444  C  CD2   . LEU A 1 60  ? -2.690  4.150   10.264  1.00 3.86   ? 60  LEU A CD2   1 
ATOM   445  N  N     . GLU A 1 61  ? 0.090   8.063   10.766  1.00 18.80  ? 61  GLU A N     1 
ATOM   446  C  CA    . GLU A 1 61  ? 0.678   8.061   12.112  1.00 16.41  ? 61  GLU A CA    1 
ATOM   447  C  C     . GLU A 1 61  ? -0.186  7.166   12.992  1.00 14.41  ? 61  GLU A C     1 
ATOM   448  O  O     . GLU A 1 61  ? -1.407  7.363   13.037  1.00 12.27  ? 61  GLU A O     1 
ATOM   449  C  CB    . GLU A 1 61  ? 0.766   9.475   12.663  1.00 14.61  ? 61  GLU A CB    1 
ATOM   450  C  CG    . GLU A 1 61  ? 1.091   9.593   14.137  1.00 19.05  ? 61  GLU A CG    1 
ATOM   451  C  CD    . GLU A 1 61  ? 2.444   9.050   14.537  1.00 26.26  ? 61  GLU A CD    1 
ATOM   452  O  OE1   . GLU A 1 61  ? 3.457   9.349   13.864  1.00 26.14  ? 61  GLU A OE1   1 
ATOM   453  O  OE2   . GLU A 1 61  ? 2.490   8.310   15.550  1.00 10.02  ? 61  GLU A OE2   1 
ATOM   454  N  N     . THR A 1 62  ? 0.391   6.177   13.671  1.00 9.50   ? 62  THR A N     1 
ATOM   455  C  CA    . THR A 1 62  ? -0.466  5.331   14.512  1.00 19.91  ? 62  THR A CA    1 
ATOM   456  C  C     . THR A 1 62  ? 0.256   4.939   15.798  1.00 23.36  ? 62  THR A C     1 
ATOM   457  O  O     . THR A 1 62  ? 1.484   4.810   15.824  1.00 9.58   ? 62  THR A O     1 
ATOM   458  C  CB    . THR A 1 62  ? -0.964  4.067   13.793  1.00 19.01  ? 62  THR A CB    1 
ATOM   459  O  OG1   . THR A 1 62  ? -1.799  3.303   14.682  1.00 14.14  ? 62  THR A OG1   1 
ATOM   460  C  CG2   . THR A 1 62  ? 0.180   3.143   13.396  1.00 3.91   ? 62  THR A CG2   1 
ATOM   461  N  N     . SER A 1 63  ? -0.534  4.763   16.859  1.00 18.35  ? 63  SER A N     1 
ATOM   462  C  CA    . SER A 1 63  ? 0.031   4.319   18.136  1.00 9.14   ? 63  SER A CA    1 
ATOM   463  C  C     . SER A 1 63  ? -0.133  2.807   18.280  1.00 6.52   ? 63  SER A C     1 
ATOM   464  O  O     . SER A 1 63  ? 0.430   2.207   19.201  1.00 4.90   ? 63  SER A O     1 
ATOM   465  C  CB    . SER A 1 63  ? -0.600  5.071   19.308  1.00 16.67  ? 63  SER A CB    1 
ATOM   466  O  OG    . SER A 1 63  ? -0.309  6.467   19.254  1.00 5.37   ? 63  SER A OG    1 
ATOM   467  N  N     . LEU A 1 64  ? -0.884  2.197   17.367  1.00 8.91   ? 64  LEU A N     1 
ATOM   468  C  CA    . LEU A 1 64  ? -1.102  0.757   17.332  1.00 17.23  ? 64  LEU A CA    1 
ATOM   469  C  C     . LEU A 1 64  ? 0.179   -0.018  17.019  1.00 21.28  ? 64  LEU A C     1 
ATOM   470  O  O     . LEU A 1 64  ? 1.070   0.472   16.328  1.00 11.07  ? 64  LEU A O     1 
ATOM   471  C  CB    . LEU A 1 64  ? -2.143  0.376   16.277  1.00 17.09  ? 64  LEU A CB    1 
ATOM   472  C  CG    . LEU A 1 64  ? -3.614  0.649   16.553  1.00 17.26  ? 64  LEU A CG    1 
ATOM   473  C  CD1   . LEU A 1 64  ? -4.427  0.588   15.262  1.00 22.46  ? 64  LEU A CD1   1 
ATOM   474  C  CD2   . LEU A 1 64  ? -4.188  -0.337  17.564  1.00 6.94   ? 64  LEU A CD2   1 
ATOM   475  N  N     . ALA A 1 65  ? 0.260   -1.245  17.516  1.00 21.05  ? 65  ALA A N     1 
ATOM   476  C  CA    . ALA A 1 65  ? 1.382   -2.124  17.191  1.00 21.59  ? 65  ALA A CA    1 
ATOM   477  C  C     . ALA A 1 65  ? 1.161   -2.714  15.797  1.00 17.61  ? 65  ALA A C     1 
ATOM   478  O  O     . ALA A 1 65  ? -0.001  -2.751  15.367  1.00 9.36   ? 65  ALA A O     1 
ATOM   479  C  CB    . ALA A 1 65  ? 1.550   -3.208  18.241  1.00 20.04  ? 65  ALA A CB    1 
ATOM   480  N  N     . PRO A 1 66  ? 2.243   -3.125  15.154  1.00 14.30  ? 66  PRO A N     1 
ATOM   481  C  CA    . PRO A 1 66  ? 2.188   -3.594  13.764  1.00 15.54  ? 66  PRO A CA    1 
ATOM   482  C  C     . PRO A 1 66  ? 1.048   -4.581  13.548  1.00 11.84  ? 66  PRO A C     1 
ATOM   483  O  O     . PRO A 1 66  ? 0.170   -4.277  12.743  1.00 14.48  ? 66  PRO A O     1 
ATOM   484  C  CB    . PRO A 1 66  ? 3.537   -4.283  13.542  1.00 16.49  ? 66  PRO A CB    1 
ATOM   485  C  CG    . PRO A 1 66  ? 4.452   -3.576  14.489  1.00 20.09  ? 66  PRO A CG    1 
ATOM   486  C  CD    . PRO A 1 66  ? 3.621   -3.189  15.677  1.00 12.34  ? 66  PRO A CD    1 
ATOM   487  N  N     . GLU A 1 67  ? 1.052   -5.703  14.257  1.00 11.16  ? 67  GLU A N     1 
ATOM   488  C  CA    . GLU A 1 67  ? -0.039  -6.667  14.068  1.00 9.98   ? 67  GLU A CA    1 
ATOM   489  C  C     . GLU A 1 67  ? -1.356  -6.112  14.592  1.00 18.58  ? 67  GLU A C     1 
ATOM   490  O  O     . GLU A 1 67  ? -2.455  -6.527  14.215  1.00 16.01  ? 67  GLU A O     1 
ATOM   491  C  CB    . GLU A 1 67  ? 0.329   -7.989  14.733  1.00 6.85   ? 67  GLU A CB    1 
ATOM   492  C  CG    . GLU A 1 67  ? 1.540   -8.653  14.093  1.00 18.68  ? 67  GLU A CG    1 
ATOM   493  C  CD    . GLU A 1 67  ? 1.653   -10.130 14.407  1.00 25.97  ? 67  GLU A CD    1 
ATOM   494  O  OE1   . GLU A 1 67  ? 1.464   -10.523 15.580  1.00 23.46  ? 67  GLU A OE1   1 
ATOM   495  O  OE2   . GLU A 1 67  ? 1.940   -10.907 13.471  1.00 41.34  ? 67  GLU A OE2   1 
ATOM   496  N  N     . GLU A 1 68  ? -1.309  -5.117  15.483  1.00 9.47   ? 68  GLU A N     1 
ATOM   497  C  CA    . GLU A 1 68  ? -2.587  -4.513  15.869  1.00 15.68  ? 68  GLU A CA    1 
ATOM   498  C  C     . GLU A 1 68  ? -3.093  -3.662  14.710  1.00 14.86  ? 68  GLU A C     1 
ATOM   499  O  O     . GLU A 1 68  ? -4.293  -3.616  14.438  1.00 8.46   ? 68  GLU A O     1 
ATOM   500  C  CB    . GLU A 1 68  ? -2.457  -3.694  17.153  1.00 9.98   ? 68  GLU A CB    1 
ATOM   501  C  CG    . GLU A 1 68  ? -1.794  -4.479  18.280  1.00 12.14  ? 68  GLU A CG    1 
ATOM   502  C  CD    . GLU A 1 68  ? -2.570  -5.715  18.678  1.00 17.82  ? 68  GLU A CD    1 
ATOM   503  O  OE1   . GLU A 1 68  ? -3.781  -5.802  18.389  1.00 17.83  ? 68  GLU A OE1   1 
ATOM   504  O  OE2   . GLU A 1 68  ? -1.972  -6.622  19.297  1.00 22.16  ? 68  GLU A OE2   1 
ATOM   505  N  N     . LEU A 1 69  ? -2.161  -2.996  14.025  1.00 9.52   ? 69  LEU A N     1 
ATOM   506  C  CA    . LEU A 1 69  ? -2.576  -2.250  12.832  1.00 16.01  ? 69  LEU A CA    1 
ATOM   507  C  C     . LEU A 1 69  ? -3.153  -3.189  11.774  1.00 13.89  ? 69  LEU A C     1 
ATOM   508  O  O     . LEU A 1 69  ? -4.053  -2.815  11.017  1.00 15.45  ? 69  LEU A O     1 
ATOM   509  C  CB    . LEU A 1 69  ? -1.409  -1.440  12.270  1.00 14.28  ? 69  LEU A CB    1 
ATOM   510  C  CG    . LEU A 1 69  ? -1.679  -0.674  10.973  1.00 12.64  ? 69  LEU A CG    1 
ATOM   511  C  CD1   . LEU A 1 69  ? -2.859  0.266   11.144  1.00 15.27  ? 69  LEU A CD1   1 
ATOM   512  C  CD2   . LEU A 1 69  ? -0.455  0.111   10.525  1.00 3.37   ? 69  LEU A CD2   1 
ATOM   513  N  N     . LEU A 1 70  ? -2.671  -4.426  11.702  1.00 13.85  ? 70  LEU A N     1 
ATOM   514  C  CA    . LEU A 1 70  ? -3.131  -5.371  10.679  1.00 18.14  ? 70  LEU A CA    1 
ATOM   515  C  C     . LEU A 1 70  ? -4.553  -5.838  10.948  1.00 20.95  ? 70  LEU A C     1 
ATOM   516  O  O     . LEU A 1 70  ? -5.378  -6.052  10.054  1.00 6.79   ? 70  LEU A O     1 
ATOM   517  C  CB    . LEU A 1 70  ? -2.165  -6.555  10.608  1.00 4.24   ? 70  LEU A CB    1 
ATOM   518  C  CG    . LEU A 1 70  ? -2.359  -7.603  9.521   1.00 9.86   ? 70  LEU A CG    1 
ATOM   519  C  CD1   . LEU A 1 70  ? -2.171  -7.006  8.131   1.00 5.28   ? 70  LEU A CD1   1 
ATOM   520  C  CD2   . LEU A 1 70  ? -1.406  -8.777  9.731   1.00 3.92   ? 70  LEU A CD2   1 
ATOM   521  N  N     . ASN A 1 71  ? -4.884  -6.008  12.232  1.00 18.53  ? 71  ASN A N     1 
ATOM   522  C  CA    . ASN A 1 71  ? -6.265  -6.387  12.553  1.00 12.90  ? 71  ASN A CA    1 
ATOM   523  C  C     . ASN A 1 71  ? -7.216  -5.321  12.035  1.00 7.83   ? 71  ASN A C     1 
ATOM   524  O  O     . ASN A 1 71  ? -8.234  -5.586  11.394  1.00 15.71  ? 71  ASN A O     1 
ATOM   525  C  CB    . ASN A 1 71  ? -6.404  -6.600  14.064  1.00 9.89   ? 71  ASN A CB    1 
ATOM   526  C  CG    . ASN A 1 71  ? -5.702  -7.872  14.501  1.00 9.99   ? 71  ASN A CG    1 
ATOM   527  O  OD1   . ASN A 1 71  ? -5.581  -8.818  13.716  1.00 11.35  ? 71  ASN A OD1   1 
ATOM   528  N  ND2   . ASN A 1 71  ? -5.236  -7.920  15.747  1.00 14.14  ? 71  ASN A ND2   1 
ATOM   529  N  N     . HIS A 1 72  ? -6.853  -4.064  12.302  1.00 9.25   ? 72  HIS A N     1 
ATOM   530  C  CA    . HIS A 1 72  ? -7.681  -2.944  11.859  1.00 8.62   ? 72  HIS A CA    1 
ATOM   531  C  C     . HIS A 1 72  ? -7.783  -2.845  10.348  1.00 12.39  ? 72  HIS A C     1 
ATOM   532  O  O     . HIS A 1 72  ? -8.909  -2.929  9.834   1.00 16.26  ? 72  HIS A O     1 
ATOM   533  C  CB    . HIS A 1 72  ? -7.130  -1.666  12.514  1.00 6.85   ? 72  HIS A CB    1 
ATOM   534  C  CG    . HIS A 1 72  ? -7.401  -1.754  13.999  1.00 13.35  ? 72  HIS A CG    1 
ATOM   535  N  ND1   . HIS A 1 72  ? -8.407  -1.065  14.624  1.00 16.38  ? 72  HIS A ND1   1 
ATOM   536  C  CD2   . HIS A 1 72  ? -6.799  -2.490  14.963  1.00 5.68   ? 72  HIS A CD2   1 
ATOM   537  C  CE1   . HIS A 1 72  ? -8.409  -1.352  15.916  1.00 15.65  ? 72  HIS A CE1   1 
ATOM   538  N  NE2   . HIS A 1 72  ? -7.437  -2.218  16.150  1.00 14.25  ? 72  HIS A NE2   1 
ATOM   539  N  N     . THR A 1 73  ? -6.690  -2.692  9.611   1.00 11.13  ? 73  THR A N     1 
ATOM   540  C  CA    . THR A 1 73  ? -6.766  -2.676  8.148   1.00 16.13  ? 73  THR A CA    1 
ATOM   541  C  C     . THR A 1 73  ? -7.493  -3.885  7.578   1.00 9.19   ? 73  THR A C     1 
ATOM   542  O  O     . THR A 1 73  ? -8.209  -3.801  6.576   1.00 17.91  ? 73  THR A O     1 
ATOM   543  C  CB    . THR A 1 73  ? -5.379  -2.662  7.457   1.00 18.96  ? 73  THR A CB    1 
ATOM   544  O  OG1   . THR A 1 73  ? -4.652  -3.844  7.819   1.00 20.26  ? 73  THR A OG1   1 
ATOM   545  C  CG2   . THR A 1 73  ? -4.566  -1.468  7.908   1.00 3.66   ? 73  THR A CG2   1 
ATOM   546  N  N     . GLN A 1 74  ? -7.301  -5.059  8.181   1.00 13.32  ? 74  GLN A N     1 
ATOM   547  C  CA    . GLN A 1 74  ? -7.953  -6.224  7.586   1.00 8.03   ? 74  GLN A CA    1 
ATOM   548  C  C     . GLN A 1 74  ? -9.458  -6.155  7.806   1.00 17.52  ? 74  GLN A C     1 
ATOM   549  O  O     . GLN A 1 74  ? -10.242 -6.673  7.012   1.00 15.12  ? 74  GLN A O     1 
ATOM   550  C  CB    . GLN A 1 74  ? -7.378  -7.521  8.146   1.00 10.86  ? 74  GLN A CB    1 
ATOM   551  C  CG    . GLN A 1 74  ? -5.892  -7.723  7.870   1.00 6.89   ? 74  GLN A CG    1 
ATOM   552  C  CD    . GLN A 1 74  ? -5.526  -9.169  8.152   1.00 13.65  ? 74  GLN A CD    1 
ATOM   553  O  OE1   . GLN A 1 74  ? -6.114  -9.794  9.039   1.00 13.64  ? 74  GLN A OE1   1 
ATOM   554  N  NE2   . GLN A 1 74  ? -4.564  -9.693  7.408   1.00 15.35  ? 74  GLN A NE2   1 
ATOM   555  N  N     . ARG A 1 75  ? -9.889  -5.507  8.892   1.00 14.88  ? 75  ARG A N     1 
ATOM   556  C  CA    . ARG A 1 75  ? -11.337 -5.377  9.068   1.00 12.11  ? 75  ARG A CA    1 
ATOM   557  C  C     . ARG A 1 75  ? -11.930 -4.618  7.879   1.00 3.38   ? 75  ARG A C     1 
ATOM   558  O  O     . ARG A 1 75  ? -12.858 -5.113  7.253   1.00 11.21  ? 75  ARG A O     1 
ATOM   559  C  CB    . ARG A 1 75  ? -11.656 -4.669  10.378  1.00 10.91  ? 75  ARG A CB    1 
ATOM   560  C  CG    . ARG A 1 75  ? -13.128 -4.352  10.588  1.00 10.04  ? 75  ARG A CG    1 
ATOM   561  C  CD    . ARG A 1 75  ? -13.814 -5.423  11.430  1.00 8.24   ? 75  ARG A CD    1 
ATOM   562  N  NE    . ARG A 1 75  ? -15.064 -4.909  12.000  1.00 7.82   ? 75  ARG A NE    1 
ATOM   563  C  CZ    . ARG A 1 75  ? -16.085 -5.667  12.382  1.00 13.59  ? 75  ARG A CZ    1 
ATOM   564  N  NH1   . ARG A 1 75  ? -16.026 -6.985  12.270  1.00 15.88  ? 75  ARG A NH1   1 
ATOM   565  N  NH2   . ARG A 1 75  ? -17.183 -5.119  12.889  1.00 26.62  ? 75  ARG A NH2   1 
ATOM   566  N  N     . ILE A 1 76  ? -11.358 -3.456  7.623   1.00 6.05   ? 76  ILE A N     1 
ATOM   567  C  CA    . ILE A 1 76  ? -11.711 -2.531  6.568   1.00 13.91  ? 76  ILE A CA    1 
ATOM   568  C  C     . ILE A 1 76  ? -11.740 -3.214  5.209   1.00 17.70  ? 76  ILE A C     1 
ATOM   569  O  O     . ILE A 1 76  ? -12.702 -3.067  4.452   1.00 14.37  ? 76  ILE A O     1 
ATOM   570  C  CB    . ILE A 1 76  ? -10.725 -1.345  6.550   1.00 13.48  ? 76  ILE A CB    1 
ATOM   571  C  CG1   . ILE A 1 76  ? -10.825 -0.473  7.801   1.00 4.15   ? 76  ILE A CG1   1 
ATOM   572  C  CG2   . ILE A 1 76  ? -10.904 -0.549  5.268   1.00 17.96  ? 76  ILE A CG2   1 
ATOM   573  C  CD1   . ILE A 1 76  ? -9.849  0.678   7.873   1.00 5.97   ? 76  ILE A CD1   1 
ATOM   574  N  N     . GLU A 1 77  ? -10.702 -3.984  4.897   1.00 8.82   ? 77  GLU A N     1 
ATOM   575  C  CA    . GLU A 1 77  ? -10.756 -4.819  3.701   1.00 15.90  ? 77  GLU A CA    1 
ATOM   576  C  C     . GLU A 1 77  ? -12.032 -5.659  3.655   1.00 24.27  ? 77  GLU A C     1 
ATOM   577  O  O     . GLU A 1 77  ? -12.794 -5.556  2.689   1.00 8.70   ? 77  GLU A O     1 
ATOM   578  C  CB    . GLU A 1 77  ? -9.535  -5.734  3.625   1.00 10.30  ? 77  GLU A CB    1 
ATOM   579  C  CG    . GLU A 1 77  ? -8.248  -4.976  3.274   1.00 8.61   ? 77  GLU A CG    1 
ATOM   580  C  CD    . GLU A 1 77  ? -7.101  -5.970  3.151   1.00 6.41   ? 77  GLU A CD    1 
ATOM   581  O  OE1   . GLU A 1 77  ? -7.276  -7.093  3.668   1.00 13.78  ? 77  GLU A OE1   1 
ATOM   582  O  OE2   . GLU A 1 77  ? -6.066  -5.635  2.549   1.00 12.90  ? 77  GLU A OE2   1 
ATOM   583  N  N     . LEU A 1 78  ? -12.265 -6.465  4.680   1.00 29.59  ? 78  LEU A N     1 
ATOM   584  C  CA    . LEU A 1 78  ? -13.460 -7.292  4.814   1.00 22.73  ? 78  LEU A CA    1 
ATOM   585  C  C     . LEU A 1 78  ? -14.736 -6.472  4.663   1.00 19.09  ? 78  LEU A C     1 
ATOM   586  O  O     . LEU A 1 78  ? -15.715 -6.891  4.051   1.00 17.70  ? 78  LEU A O     1 
ATOM   587  C  CB    . LEU A 1 78  ? -13.456 -7.994  6.177   1.00 17.97  ? 78  LEU A CB    1 
ATOM   588  C  CG    . LEU A 1 78  ? -12.336 -9.010  6.391   1.00 6.00   ? 78  LEU A CG    1 
ATOM   589  C  CD1   . LEU A 1 78  ? -12.379 -9.616  7.782   1.00 12.06  ? 78  LEU A CD1   1 
ATOM   590  C  CD2   . LEU A 1 78  ? -12.421 -10.108 5.338   1.00 17.72  ? 78  LEU A CD2   1 
ATOM   591  N  N     . GLN A 1 79  ? -14.720 -5.275  5.227   1.00 13.11  ? 79  GLN A N     1 
ATOM   592  C  CA    . GLN A 1 79  ? -15.847 -4.363  5.170   1.00 15.99  ? 79  GLN A CA    1 
ATOM   593  C  C     . GLN A 1 79  ? -16.138 -3.903  3.747   1.00 24.25  ? 79  GLN A C     1 
ATOM   594  O  O     . GLN A 1 79  ? -17.262 -3.516  3.424   1.00 11.81  ? 79  GLN A O     1 
ATOM   595  C  CB    . GLN A 1 79  ? -15.565 -3.139  6.044   1.00 18.90  ? 79  GLN A CB    1 
ATOM   596  C  CG    . GLN A 1 79  ? -15.132 -3.493  7.463   1.00 28.82  ? 79  GLN A CG    1 
ATOM   597  C  CD    . GLN A 1 79  ? -15.613 -2.462  8.468   1.00 32.92  ? 79  GLN A CD    1 
ATOM   598  O  OE1   . GLN A 1 79  ? -16.427 -2.766  9.343   1.00 33.01  ? 79  GLN A OE1   1 
ATOM   599  N  NE2   . GLN A 1 79  ? -15.111 -1.238  8.330   1.00 47.38  ? 79  GLN A NE2   1 
ATOM   600  N  N     . GLN A 1 80  ? -15.111 -3.949  2.901   1.00 23.20  ? 80  GLN A N     1 
ATOM   601  C  CA    . GLN A 1 80  ? -15.189 -3.520  1.544   1.00 8.07   ? 80  GLN A CA    1 
ATOM   602  C  C     . GLN A 1 80  ? -15.298 -4.657  0.561   1.00 14.35  ? 80  GLN A C     1 
ATOM   603  O  O     . GLN A 1 80  ? -14.843 -4.586  -0.583  1.00 24.66  ? 80  GLN A O     1 
ATOM   604  C  CB    . GLN A 1 80  ? -14.148 -2.481  1.204   1.00 6.09   ? 80  GLN A CB    1 
ATOM   605  C  CG    . GLN A 1 80  ? -14.136 -1.302  2.160   1.00 17.61  ? 80  GLN A CG    1 
ATOM   606  C  CD    . GLN A 1 80  ? -13.419 -0.062  1.687   1.00 18.54  ? 80  GLN A CD    1 
ATOM   607  O  OE1   . GLN A 1 80  ? -13.029 0.789   2.500   1.00 17.24  ? 80  GLN A OE1   1 
ATOM   608  N  NE2   . GLN A 1 80  ? -13.236 0.083   0.380   1.00 5.57   ? 80  GLN A NE2   1 
ATOM   609  N  N     . GLY A 1 81  ? -15.849 -5.773  1.029   1.00 9.14   ? 81  GLY A N     1 
ATOM   610  C  CA    . GLY A 1 81  ? -16.016 -6.993  0.283   1.00 14.78  ? 81  GLY A CA    1 
ATOM   611  C  C     . GLY A 1 81  ? -14.804 -7.601  -0.379  1.00 25.75  ? 81  GLY A C     1 
ATOM   612  O  O     . GLY A 1 81  ? -14.940 -8.294  -1.401  1.00 32.45  ? 81  GLY A O     1 
ATOM   613  N  N     . ARG A 1 82  ? -13.591 -7.410  0.134   1.00 28.74  ? 82  ARG A N     1 
ATOM   614  C  CA    . ARG A 1 82  ? -12.417 -8.061  -0.449  1.00 24.27  ? 82  ARG A CA    1 
ATOM   615  C  C     . ARG A 1 82  ? -12.430 -9.562  -0.176  1.00 26.51  ? 82  ARG A C     1 
ATOM   616  O  O     . ARG A 1 82  ? -12.573 -9.994  0.963   1.00 23.95  ? 82  ARG A O     1 
ATOM   617  C  CB    . ARG A 1 82  ? -11.117 -7.474  0.098   1.00 27.68  ? 82  ARG A CB    1 
ATOM   618  C  CG    . ARG A 1 82  ? -9.900  -8.361  -0.156  1.00 28.94  ? 82  ARG A CG    1 
ATOM   619  C  CD    . ARG A 1 82  ? -8.730  -7.898  0.687   1.00 31.23  ? 82  ARG A CD    1 
ATOM   620  N  NE    . ARG A 1 82  ? -7.447  -7.941  -0.012  1.00 27.09  ? 82  ARG A NE    1 
ATOM   621  C  CZ    . ARG A 1 82  ? -6.585  -8.935  0.181   1.00 25.17  ? 82  ARG A CZ    1 
ATOM   622  N  NH1   . ARG A 1 82  ? -6.900  -9.909  1.025   1.00 25.67  ? 82  ARG A NH1   1 
ATOM   623  N  NH2   . ARG A 1 82  ? -5.425  -8.960  -0.454  1.00 16.68  ? 82  ARG A NH2   1 
ATOM   624  N  N     . VAL A 1 83  ? -12.271 -10.356 -1.225  1.00 35.22  ? 83  VAL A N     1 
ATOM   625  C  CA    . VAL A 1 83  ? -12.434 -11.800 -1.149  1.00 37.99  ? 83  VAL A CA    1 
ATOM   626  C  C     . VAL A 1 83  ? -11.130 -12.587 -1.114  1.00 46.84  ? 83  VAL A C     1 
ATOM   627  O  O     . VAL A 1 83  ? -10.267 -12.330 -1.962  1.00 26.46  ? 83  VAL A O     1 
ATOM   628  C  CB    . VAL A 1 83  ? -13.269 -12.232 -2.380  1.00 32.77  ? 83  VAL A CB    1 
ATOM   629  C  CG1   . VAL A 1 83  ? -13.105 -13.708 -2.673  1.00 22.61  ? 83  VAL A CG1   1 
ATOM   630  C  CG2   . VAL A 1 83  ? -14.730 -11.875 -2.147  1.00 40.54  ? 83  VAL A CG2   1 
ATOM   631  N  N     . ARG A 1 84  ? -11.014 -13.523 -0.169  1.00 50.49  ? 84  ARG A N     1 
ATOM   632  C  CA    . ARG A 1 84  ? -9.891  -14.474 -0.137  1.00 57.88  ? 84  ARG A CA    1 
ATOM   633  C  C     . ARG A 1 84  ? -9.967  -15.379 -1.335  1.00 63.71  ? 84  ARG A C     1 
ATOM   634  O  O     . ARG A 1 84  ? -10.886 -16.205 -1.448  1.00 87.31  ? 84  ARG A O     1 
ATOM   635  C  CB    . ARG A 1 84  ? -9.828  -15.287 1.155   0.50 60.99  ? 84  ARG A CB    1 
ATOM   636  C  CG    . ARG A 1 84  ? -8.456  -15.334 1.844   0.50 64.59  ? 84  ARG A CG    1 
ATOM   637  C  CD    . ARG A 1 84  ? -7.331  -15.757 0.904   0.50 68.73  ? 84  ARG A CD    1 
ATOM   638  N  NE    . ARG A 1 84  ? -6.106  -15.971 1.683   0.50 71.30  ? 84  ARG A NE    1 
ATOM   639  C  CZ    . ARG A 1 84  ? -4.874  -15.513 1.364   0.50 70.60  ? 84  ARG A CZ    1 
ATOM   640  N  NH1   . ARG A 1 84  ? -4.731  -14.886 0.204   0.50 69.28  ? 84  ARG A NH1   1 
ATOM   641  N  NH2   . ARG A 1 84  ? -3.814  -15.723 2.169   0.50 67.73  ? 84  ARG A NH2   1 
ATOM   642  N  N     . LYS A 1 85  ? -8.995  -15.174 -2.163  1.00 59.85  ? 85  LYS A N     1 
ATOM   643  C  CA    . LYS A 1 85  ? -8.846  -15.905 -3.398  1.00 62.60  ? 85  LYS A CA    1 
ATOM   644  C  C     . LYS A 1 85  ? -7.642  -16.823 -3.293  1.00 65.36  ? 85  LYS A C     1 
ATOM   645  O  O     . LYS A 1 85  ? -6.638  -16.480 -2.651  1.00 81.26  ? 85  LYS A O     1 
ATOM   646  C  CB    . LYS A 1 85  ? -8.677  -14.952 -4.584  0.50 57.25  ? 85  LYS A CB    1 
ATOM   647  C  CG    . LYS A 1 85  ? -9.984  -14.505 -5.220  0.50 51.35  ? 85  LYS A CG    1 
ATOM   648  C  CD    . LYS A 1 85  ? -9.971  -13.014 -5.530  0.50 48.71  ? 85  LYS A CD    1 
ATOM   649  C  CE    . LYS A 1 85  ? -9.099  -12.697 -6.729  0.50 47.05  ? 85  LYS A CE    1 
ATOM   650  N  NZ    . LYS A 1 85  ? -8.117  -11.611 -6.334  0.50 44.01  ? 85  LYS A NZ    1 
ATOM   651  N  N     . ALA A 1 86  ? -7.775  -17.968 -3.926  1.00 57.58  ? 86  ALA A N     1 
ATOM   652  C  CA    . ALA A 1 86  ? -6.704  -18.968 -3.969  1.00 57.32  ? 86  ALA A CA    1 
ATOM   653  C  C     . ALA A 1 86  ? -5.465  -18.337 -4.598  1.00 53.98  ? 86  ALA A C     1 
ATOM   654  O  O     . ALA A 1 86  ? -4.606  -17.802 -3.889  1.00 47.66  ? 86  ALA A O     1 
ATOM   655  C  CB    . ALA A 1 86  ? -7.157  -20.202 -4.720  1.00 66.62  ? 86  ALA A CB    1 
ATOM   656  N  N     . GLU A 1 87  ? -5.389  -18.424 -5.927  1.00 46.89  ? 87  GLU A N     1 
ATOM   657  C  CA    . GLU A 1 87  ? -4.288  -17.899 -6.716  1.00 37.10  ? 87  GLU A CA    1 
ATOM   658  C  C     . GLU A 1 87  ? -4.095  -16.404 -6.456  1.00 25.26  ? 87  GLU A C     1 
ATOM   659  O  O     . GLU A 1 87  ? -5.058  -15.644 -6.357  1.00 30.28  ? 87  GLU A O     1 
ATOM   660  C  CB    . GLU A 1 87  ? -4.489  -18.096 -8.225  1.00 47.10  ? 87  GLU A CB    1 
ATOM   661  C  CG    . GLU A 1 87  ? -4.590  -16.784 -8.990  1.00 60.34  ? 87  GLU A CG    1 
ATOM   662  C  CD    . GLU A 1 87  ? -3.993  -16.762 -10.378 1.00 66.40  ? 87  GLU A CD    1 
ATOM   663  O  OE1   . GLU A 1 87  ? -3.421  -17.776 -10.833 1.00 69.77  ? 87  GLU A OE1   1 
ATOM   664  O  OE2   . GLU A 1 87  ? -4.085  -15.708 -11.057 1.00 61.41  ? 87  GLU A OE2   1 
ATOM   665  N  N     . ARG A 1 88  ? -2.832  -16.005 -6.349  1.00 16.00  ? 88  ARG A N     1 
ATOM   666  C  CA    . ARG A 1 88  ? -2.505  -14.604 -6.154  1.00 15.46  ? 88  ARG A CA    1 
ATOM   667  C  C     . ARG A 1 88  ? -2.684  -13.816 -7.471  1.00 8.39   ? 88  ARG A C     1 
ATOM   668  O  O     . ARG A 1 88  ? -2.922  -14.447 -8.515  1.00 9.25   ? 88  ARG A O     1 
ATOM   669  C  CB    . ARG A 1 88  ? -1.063  -14.404 -5.694  1.00 20.53  ? 88  ARG A CB    1 
ATOM   670  C  CG    . ARG A 1 88  ? -0.727  -14.710 -4.247  1.00 16.09  ? 88  ARG A CG    1 
ATOM   671  C  CD    . ARG A 1 88  ? 0.675   -15.289 -4.135  1.00 13.71  ? 88  ARG A CD    1 
ATOM   672  N  NE    . ARG A 1 88  ? 1.071   -15.540 -2.754  1.00 29.58  ? 88  ARG A NE    1 
ATOM   673  C  CZ    . ARG A 1 88  ? 1.407   -16.733 -2.276  1.00 37.47  ? 88  ARG A CZ    1 
ATOM   674  N  NH1   . ARG A 1 88  ? 1.402   -17.809 -3.053  1.00 42.93  ? 88  ARG A NH1   1 
ATOM   675  N  NH2   . ARG A 1 88  ? 1.757   -16.861 -1.002  1.00 56.76  ? 88  ARG A NH2   1 
ATOM   676  N  N     . TRP A 1 89  ? -2.640  -12.514 -7.258  1.00 11.44  ? 89  TRP A N     1 
ATOM   677  C  CA    . TRP A 1 89  ? -2.658  -11.433 -8.264  1.00 20.57  ? 89  TRP A CA    1 
ATOM   678  C  C     . TRP A 1 89  ? -3.941  -11.356 -9.118  1.00 21.90  ? 89  TRP A C     1 
ATOM   679  O  O     . TRP A 1 89  ? -3.919  -10.583 -10.079 1.00 8.49   ? 89  TRP A O     1 
ATOM   680  C  CB    . TRP A 1 89  ? -1.418  -11.518 -9.162  1.00 14.85  ? 89  TRP A CB    1 
ATOM   681  C  CG    . TRP A 1 89  ? -0.151  -11.449 -8.358  1.00 17.12  ? 89  TRP A CG    1 
ATOM   682  C  CD1   . TRP A 1 89  ? -0.031  -11.103 -7.042  1.00 18.55  ? 89  TRP A CD1   1 
ATOM   683  C  CD2   . TRP A 1 89  ? 1.176   -11.738 -8.817  1.00 15.16  ? 89  TRP A CD2   1 
ATOM   684  N  NE1   . TRP A 1 89  ? 1.281   -11.154 -6.643  1.00 18.08  ? 89  TRP A NE1   1 
ATOM   685  C  CE2   . TRP A 1 89  ? 2.045   -11.542 -7.724  1.00 19.69  ? 89  TRP A CE2   1 
ATOM   686  C  CE3   . TRP A 1 89  ? 1.712   -12.143 -10.046 1.00 13.83  ? 89  TRP A CE3   1 
ATOM   687  C  CZ2   . TRP A 1 89  ? 3.424   -11.737 -7.830  1.00 14.07  ? 89  TRP A CZ2   1 
ATOM   688  C  CZ3   . TRP A 1 89  ? 3.079   -12.334 -10.149 1.00 13.63  ? 89  TRP A CZ3   1 
ATOM   689  C  CH2   . TRP A 1 89  ? 3.921   -12.131 -9.047  1.00 15.53  ? 89  TRP A CH2   1 
ATOM   690  N  N     . GLY A 1 90  ? -4.998  -12.082 -8.778  1.00 13.30  ? 90  GLY A N     1 
ATOM   691  C  CA    . GLY A 1 90  ? -6.301  -11.881 -9.414  1.00 19.26  ? 90  GLY A CA    1 
ATOM   692  C  C     . GLY A 1 90  ? -6.916  -10.596 -8.879  1.00 19.81  ? 90  GLY A C     1 
ATOM   693  O  O     . GLY A 1 90  ? -6.341  -10.021 -7.947  1.00 31.55  ? 90  GLY A O     1 
ATOM   694  N  N     . PRO A 1 91  ? -8.037  -10.103 -9.378  1.00 12.12  ? 91  PRO A N     1 
ATOM   695  C  CA    . PRO A 1 91  ? -8.510  -8.760  -8.998  1.00 8.36   ? 91  PRO A CA    1 
ATOM   696  C  C     . PRO A 1 91  ? -9.224  -8.731  -7.655  1.00 5.75   ? 91  PRO A C     1 
ATOM   697  O  O     . PRO A 1 91  ? -9.610  -9.773  -7.130  1.00 10.70  ? 91  PRO A O     1 
ATOM   698  C  CB    . PRO A 1 91  ? -9.514  -8.438  -10.122 1.00 15.02  ? 91  PRO A CB    1 
ATOM   699  C  CG    . PRO A 1 91  ? -10.105 -9.780  -10.425 1.00 5.31   ? 91  PRO A CG    1 
ATOM   700  C  CD    . PRO A 1 91  ? -8.962  -10.757 -10.321 1.00 7.89   ? 91  PRO A CD    1 
ATOM   701  N  N     . ARG A 1 92  ? -9.421  -7.551  -7.063  1.00 14.77  ? 92  ARG A N     1 
ATOM   702  C  CA    . ARG A 1 92  ? -10.040 -7.563  -5.724  1.00 13.81  ? 92  ARG A CA    1 
ATOM   703  C  C     . ARG A 1 92  ? -10.548 -6.190  -5.348  1.00 13.50  ? 92  ARG A C     1 
ATOM   704  O  O     . ARG A 1 92  ? -10.047 -5.164  -5.822  1.00 7.44   ? 92  ARG A O     1 
ATOM   705  C  CB    . ARG A 1 92  ? -9.007  -8.136  -4.754  1.00 7.60   ? 92  ARG A CB    1 
ATOM   706  C  CG    . ARG A 1 92  ? -7.992  -7.174  -4.198  1.00 8.82   ? 92  ARG A CG    1 
ATOM   707  C  CD    . ARG A 1 92  ? -6.806  -6.945  -5.109  1.00 17.25  ? 92  ARG A CD    1 
ATOM   708  N  NE    . ARG A 1 92  ? -6.133  -8.156  -5.537  1.00 22.81  ? 92  ARG A NE    1 
ATOM   709  C  CZ    . ARG A 1 92  ? -5.210  -8.881  -4.930  1.00 26.57  ? 92  ARG A CZ    1 
ATOM   710  N  NH1   . ARG A 1 92  ? -4.750  -8.548  -3.728  1.00 17.70  ? 92  ARG A NH1   1 
ATOM   711  N  NH2   . ARG A 1 92  ? -4.733  -9.969  -5.536  1.00 9.61   ? 92  ARG A NH2   1 
ATOM   712  N  N     . THR A 1 93  ? -11.576 -6.065  -4.496  1.00 6.83   ? 93  THR A N     1 
ATOM   713  C  CA    . THR A 1 93  ? -12.092 -4.710  -4.272  1.00 5.66   ? 93  THR A CA    1 
ATOM   714  C  C     . THR A 1 93  ? -11.113 -3.832  -3.518  1.00 5.53   ? 93  THR A C     1 
ATOM   715  O  O     . THR A 1 93  ? -11.057 -2.611  -3.705  1.00 5.77   ? 93  THR A O     1 
ATOM   716  C  CB    . THR A 1 93  ? -13.422 -4.722  -3.486  1.00 10.22  ? 93  THR A CB    1 
ATOM   717  O  OG1   . THR A 1 93  ? -13.253 -5.446  -2.263  1.00 10.33  ? 93  THR A OG1   1 
ATOM   718  C  CG2   . THR A 1 93  ? -14.506 -5.436  -4.276  1.00 15.65  ? 93  THR A CG2   1 
ATOM   719  N  N     . LEU A 1 94  ? -10.339 -4.464  -2.629  1.00 9.47   ? 94  LEU A N     1 
ATOM   720  C  CA    . LEU A 1 94  ? -9.479  -3.668  -1.766  1.00 13.85  ? 94  LEU A CA    1 
ATOM   721  C  C     . LEU A 1 94  ? -8.284  -4.442  -1.225  1.00 7.61   ? 94  LEU A C     1 
ATOM   722  O  O     . LEU A 1 94  ? -8.378  -5.608  -0.878  1.00 18.79  ? 94  LEU A O     1 
ATOM   723  C  CB    . LEU A 1 94  ? -10.249 -3.119  -0.547  1.00 9.03   ? 94  LEU A CB    1 
ATOM   724  C  CG    . LEU A 1 94  ? -9.435  -2.135  0.306   1.00 7.57   ? 94  LEU A CG    1 
ATOM   725  C  CD1   . LEU A 1 94  ? -8.950  -0.962  -0.532  1.00 12.17  ? 94  LEU A CD1   1 
ATOM   726  C  CD2   . LEU A 1 94  ? -10.232 -1.604  1.489   1.00 6.78   ? 94  LEU A CD2   1 
ATOM   727  N  N     . ASP A 1 95  ? -7.184  -3.715  -1.152  1.00 11.06  ? 95  ASP A N     1 
ATOM   728  C  CA    . ASP A 1 95  ? -5.935  -4.176  -0.586  1.00 8.54   ? 95  ASP A CA    1 
ATOM   729  C  C     . ASP A 1 95  ? -5.411  -3.082  0.332   1.00 6.30   ? 95  ASP A C     1 
ATOM   730  O  O     . ASP A 1 95  ? -5.188  -1.957  -0.111  1.00 6.11   ? 95  ASP A O     1 
ATOM   731  C  CB    . ASP A 1 95  ? -4.895  -4.474  -1.654  1.00 12.12  ? 95  ASP A CB    1 
ATOM   732  C  CG    . ASP A 1 95  ? -4.931  -5.886  -2.192  1.00 26.47  ? 95  ASP A CG    1 
ATOM   733  O  OD1   . ASP A 1 95  ? -5.608  -6.752  -1.604  1.00 34.38  ? 95  ASP A OD1   1 
ATOM   734  O  OD2   . ASP A 1 95  ? -4.262  -6.130  -3.223  1.00 39.41  ? 95  ASP A OD2   1 
ATOM   735  N  N     . LEU A 1 96  ? -5.233  -3.419  1.602   1.00 5.01   ? 96  LEU A N     1 
ATOM   736  C  CA    . LEU A 1 96  ? -4.472  -2.485  2.434   1.00 5.90   ? 96  LEU A CA    1 
ATOM   737  C  C     . LEU A 1 96  ? -3.248  -3.269  2.894   1.00 4.84   ? 96  LEU A C     1 
ATOM   738  O  O     . LEU A 1 96  ? -3.394  -4.246  3.619   1.00 16.48  ? 96  LEU A O     1 
ATOM   739  C  CB    . LEU A 1 96  ? -5.301  -1.914  3.580   1.00 4.64   ? 96  LEU A CB    1 
ATOM   740  C  CG    . LEU A 1 96  ? -6.522  -1.111  3.104   1.00 5.28   ? 96  LEU A CG    1 
ATOM   741  C  CD1   . LEU A 1 96  ? -7.466  -0.836  4.270   1.00 21.02  ? 96  LEU A CD1   1 
ATOM   742  C  CD2   . LEU A 1 96  ? -6.084  0.184   2.448   1.00 6.24   ? 96  LEU A CD2   1 
ATOM   743  N  N     . ASP A 1 97  ? -2.089  -2.833  2.417   1.00 11.78  ? 97  ASP A N     1 
ATOM   744  C  CA    . ASP A 1 97  ? -0.819  -3.505  2.641   1.00 7.08   ? 97  ASP A CA    1 
ATOM   745  C  C     . ASP A 1 97  ? 0.134   -2.590  3.395   1.00 9.71   ? 97  ASP A C     1 
ATOM   746  O  O     . ASP A 1 97  ? 0.368   -1.443  3.020   1.00 7.09   ? 97  ASP A O     1 
ATOM   747  C  CB    . ASP A 1 97  ? -0.193  -3.935  1.311   1.00 5.38   ? 97  ASP A CB    1 
ATOM   748  C  CG    . ASP A 1 97  ? -0.772  -5.222  0.765   1.00 11.16  ? 97  ASP A CG    1 
ATOM   749  O  OD1   . ASP A 1 97  ? -0.955  -6.200  1.524   1.00 9.87   ? 97  ASP A OD1   1 
ATOM   750  O  OD2   . ASP A 1 97  ? -1.057  -5.241  -0.456  1.00 14.81  ? 97  ASP A OD2   1 
ATOM   751  N  N     . ILE A 1 98  ? 0.693   -3.106  4.492   1.00 7.30   ? 98  ILE A N     1 
ATOM   752  C  CA    . ILE A 1 98  ? 1.692   -2.287  5.177   1.00 7.75   ? 98  ILE A CA    1 
ATOM   753  C  C     . ILE A 1 98  ? 3.034   -2.452  4.481   1.00 6.98   ? 98  ILE A C     1 
ATOM   754  O  O     . ILE A 1 98  ? 3.669   -3.510  4.583   1.00 5.60   ? 98  ILE A O     1 
ATOM   755  C  CB    . ILE A 1 98  ? 1.816   -2.686  6.656   1.00 15.76  ? 98  ILE A CB    1 
ATOM   756  C  CG1   . ILE A 1 98  ? 0.536   -2.434  7.465   1.00 11.71  ? 98  ILE A CG1   1 
ATOM   757  C  CG2   . ILE A 1 98  ? 3.001   -2.004  7.310   1.00 8.79   ? 98  ILE A CG2   1 
ATOM   758  C  CD1   . ILE A 1 98  ? 0.192   -3.618  8.353   1.00 23.39  ? 98  ILE A CD1   1 
ATOM   759  N  N     . MET A 1 99  ? 3.456   -1.423  3.773   1.00 7.02   ? 99  MET A N     1 
ATOM   760  C  CA    . MET A 1 99  ? 4.729   -1.464  3.072   1.00 18.08  ? 99  MET A CA    1 
ATOM   761  C  C     . MET A 1 99  ? 5.881   -1.411  4.076   1.00 21.96  ? 99  MET A C     1 
ATOM   762  O  O     . MET A 1 99  ? 6.783   -2.249  4.041   1.00 17.12  ? 99  MET A O     1 
ATOM   763  C  CB    . MET A 1 99  ? 4.841   -0.310  2.083   1.00 14.31  ? 99  MET A CB    1 
ATOM   764  C  CG    . MET A 1 99  ? 3.867   -0.374  0.916   1.00 18.29  ? 99  MET A CG    1 
ATOM   765  S  SD    . MET A 1 99  ? 4.215   0.877   -0.334  1.00 21.34  ? 99  MET A SD    1 
ATOM   766  C  CE    . MET A 1 99  ? 3.624   2.370   0.459   1.00 13.00  ? 99  MET A CE    1 
ATOM   767  N  N     . LEU A 1 100 ? 5.812   -0.408  4.940   1.00 13.25  ? 100 LEU A N     1 
ATOM   768  C  CA    . LEU A 1 100 ? 6.801   -0.123  5.965   1.00 16.59  ? 100 LEU A CA    1 
ATOM   769  C  C     . LEU A 1 100 ? 6.122   0.310   7.262   1.00 19.85  ? 100 LEU A C     1 
ATOM   770  O  O     . LEU A 1 100 ? 5.056   0.918   7.218   1.00 7.27   ? 100 LEU A O     1 
ATOM   771  C  CB    . LEU A 1 100 ? 7.766   0.964   5.470   1.00 14.92  ? 100 LEU A CB    1 
ATOM   772  C  CG    . LEU A 1 100 ? 8.467   0.632   4.141   1.00 12.99  ? 100 LEU A CG    1 
ATOM   773  C  CD1   . LEU A 1 100 ? 8.799   1.877   3.356   1.00 9.97   ? 100 LEU A CD1   1 
ATOM   774  C  CD2   . LEU A 1 100 ? 9.701   -0.206  4.429   1.00 15.44  ? 100 LEU A CD2   1 
ATOM   775  N  N     . PHE A 1 101 ? 6.726   0.008   8.400   1.00 15.71  ? 101 PHE A N     1 
ATOM   776  C  CA    . PHE A 1 101 ? 6.225   0.314   9.717   1.00 5.99   ? 101 PHE A CA    1 
ATOM   777  C  C     . PHE A 1 101 ? 7.344   1.021   10.496  1.00 6.62   ? 101 PHE A C     1 
ATOM   778  O  O     . PHE A 1 101 ? 8.180   0.298   11.049  1.00 10.01  ? 101 PHE A O     1 
ATOM   779  C  CB    . PHE A 1 101 ? 5.669   -0.885  10.442  1.00 3.50   ? 101 PHE A CB    1 
ATOM   780  C  CG    . PHE A 1 101 ? 4.916   -0.548  11.726  1.00 8.56   ? 101 PHE A CG    1 
ATOM   781  C  CD1   . PHE A 1 101 ? 3.560   -0.275  11.695  1.00 13.82  ? 101 PHE A CD1   1 
ATOM   782  C  CD2   . PHE A 1 101 ? 5.554   -0.498  12.949  1.00 15.72  ? 101 PHE A CD2   1 
ATOM   783  C  CE1   . PHE A 1 101 ? 2.849   0.044   12.837  1.00 20.36  ? 101 PHE A CE1   1 
ATOM   784  C  CE2   . PHE A 1 101 ? 4.861   -0.172  14.100  1.00 15.83  ? 101 PHE A CE2   1 
ATOM   785  C  CZ    . PHE A 1 101 ? 3.508   0.105   14.051  1.00 21.93  ? 101 PHE A CZ    1 
ATOM   786  N  N     . GLY A 1 102 ? 7.381   2.353   10.494  1.00 12.53  ? 102 GLY A N     1 
ATOM   787  C  CA    . GLY A 1 102 ? 8.560   3.054   11.015  1.00 16.55  ? 102 GLY A CA    1 
ATOM   788  C  C     . GLY A 1 102 ? 9.770   2.461   10.285  1.00 23.05  ? 102 GLY A C     1 
ATOM   789  O  O     . GLY A 1 102 ? 9.619   2.055   9.130   1.00 17.83  ? 102 GLY A O     1 
ATOM   790  N  N     . ASN A 1 103 ? 10.897  2.375   10.963  1.00 22.69  ? 103 ASN A N     1 
ATOM   791  C  CA    . ASN A 1 103 ? 12.084  1.692   10.480  1.00 13.62  ? 103 ASN A CA    1 
ATOM   792  C  C     . ASN A 1 103 ? 12.124  0.227   10.869  1.00 8.87   ? 103 ASN A C     1 
ATOM   793  O  O     . ASN A 1 103 ? 13.206  -0.363  10.961  1.00 21.75  ? 103 ASN A O     1 
ATOM   794  C  CB    . ASN A 1 103 ? 13.347  2.349   11.047  1.00 11.40  ? 103 ASN A CB    1 
ATOM   795  C  CG    . ASN A 1 103 ? 14.591  1.969   10.271  1.00 19.29  ? 103 ASN A CG    1 
ATOM   796  O  OD1   . ASN A 1 103 ? 14.575  1.898   9.041   1.00 11.77  ? 103 ASN A OD1   1 
ATOM   797  N  ND2   . ASN A 1 103 ? 15.678  1.724   10.992  1.00 37.12  ? 103 ASN A ND2   1 
ATOM   798  N  N     . GLU A 1 104 ? 10.987  -0.410  11.124  1.00 3.91   ? 104 GLU A N     1 
ATOM   799  C  CA    . GLU A 1 104 ? 11.102  -1.772  11.649  1.00 3.94   ? 104 GLU A CA    1 
ATOM   800  C  C     . GLU A 1 104 ? 11.215  -2.826  10.556  1.00 5.45   ? 104 GLU A C     1 
ATOM   801  O  O     . GLU A 1 104 ? 10.892  -2.591  9.404   1.00 13.12  ? 104 GLU A O     1 
ATOM   802  C  CB    . GLU A 1 104 ? 9.900   -2.111  12.545  1.00 7.73   ? 104 GLU A CB    1 
ATOM   803  C  CG    . GLU A 1 104 ? 9.478   -0.950  13.423  1.00 23.47  ? 104 GLU A CG    1 
ATOM   804  C  CD    . GLU A 1 104 ? 8.758   -1.308  14.702  1.00 24.80  ? 104 GLU A CD    1 
ATOM   805  O  OE1   . GLU A 1 104 ? 8.395   -2.482  14.923  1.00 13.99  ? 104 GLU A OE1   1 
ATOM   806  O  OE2   . GLU A 1 104 ? 8.554   -0.360  15.499  1.00 29.09  ? 104 GLU A OE2   1 
ATOM   807  N  N     . VAL A 1 105 ? 11.665  -3.999  10.973  1.00 7.64   ? 105 VAL A N     1 
ATOM   808  C  CA    . VAL A 1 105 ? 11.734  -5.188  10.141  1.00 14.50  ? 105 VAL A CA    1 
ATOM   809  C  C     . VAL A 1 105 ? 10.993  -6.328  10.840  1.00 16.07  ? 105 VAL A C     1 
ATOM   810  O  O     . VAL A 1 105 ? 11.476  -6.891  11.820  1.00 21.07  ? 105 VAL A O     1 
ATOM   811  C  CB    . VAL A 1 105 ? 13.179  -5.626  9.839   1.00 18.64  ? 105 VAL A CB    1 
ATOM   812  C  CG1   . VAL A 1 105 ? 13.173  -7.016  9.210   1.00 17.32  ? 105 VAL A CG1   1 
ATOM   813  C  CG2   . VAL A 1 105 ? 13.899  -4.638  8.934   1.00 7.52   ? 105 VAL A CG2   1 
ATOM   814  N  N     . ILE A 1 106 ? 9.805   -6.651  10.325  1.00 3.88   ? 106 ILE A N     1 
ATOM   815  C  CA    . ILE A 1 106 ? 8.963   -7.674  10.942  1.00 15.37  ? 106 ILE A CA    1 
ATOM   816  C  C     . ILE A 1 106 ? 8.820   -8.906  10.067  1.00 19.26  ? 106 ILE A C     1 
ATOM   817  O  O     . ILE A 1 106 ? 8.453   -8.803  8.893   1.00 19.24  ? 106 ILE A O     1 
ATOM   818  C  CB    . ILE A 1 106 ? 7.588   -7.040  11.250  1.00 8.75   ? 106 ILE A CB    1 
ATOM   819  C  CG1   . ILE A 1 106 ? 7.750   -5.701  11.967  1.00 12.35  ? 106 ILE A CG1   1 
ATOM   820  C  CG2   . ILE A 1 106 ? 6.699   -8.003  12.015  1.00 3.84   ? 106 ILE A CG2   1 
ATOM   821  C  CD1   . ILE A 1 106 ? 6.795   -4.611  11.557  1.00 6.09   ? 106 ILE A CD1   1 
ATOM   822  N  N     . ASN A 1 107 ? 9.103   -10.081 10.634  1.00 14.29  ? 107 ASN A N     1 
ATOM   823  C  CA    . ASN A 1 107 ? 8.958   -11.326 9.888   1.00 16.87  ? 107 ASN A CA    1 
ATOM   824  C  C     . ASN A 1 107 ? 8.151   -12.379 10.644  1.00 28.84  ? 107 ASN A C     1 
ATOM   825  O  O     . ASN A 1 107 ? 8.642   -13.495 10.842  1.00 48.38  ? 107 ASN A O     1 
ATOM   826  C  CB    . ASN A 1 107 ? 10.321  -11.924 9.536   1.00 26.17  ? 107 ASN A CB    1 
ATOM   827  C  CG    . ASN A 1 107 ? 11.206  -11.068 8.663   1.00 31.85  ? 107 ASN A CG    1 
ATOM   828  O  OD1   . ASN A 1 107 ? 10.995  -10.899 7.460   1.00 23.90  ? 107 ASN A OD1   1 
ATOM   829  N  ND2   . ASN A 1 107 ? 12.255  -10.510 9.269   1.00 43.05  ? 107 ASN A ND2   1 
ATOM   830  N  N     . THR A 1 108 ? 6.931   -12.067 11.061  1.00 23.83  ? 108 THR A N     1 
ATOM   831  C  CA    . THR A 1 108 ? 6.092   -12.956 11.795  1.00 18.21  ? 108 THR A CA    1 
ATOM   832  C  C     . THR A 1 108 ? 5.221   -13.856 10.869  1.00 9.43   ? 108 THR A C     1 
ATOM   833  O  O     . THR A 1 108 ? 5.263   -13.701 9.651   1.00 12.99  ? 108 THR A O     1 
ATOM   834  C  CB    . THR A 1 108 ? 5.186   -12.305 12.812  1.00 23.66  ? 108 THR A CB    1 
ATOM   835  O  OG1   . THR A 1 108 ? 4.254   -11.455 12.124  1.00 25.84  ? 108 THR A OG1   1 
ATOM   836  C  CG2   . THR A 1 108 ? 5.998   -11.403 13.726  1.00 7.75   ? 108 THR A CG2   1 
ATOM   837  N  N     . GLU A 1 109 ? 4.441   -14.723 11.494  1.00 14.00  ? 109 GLU A N     1 
ATOM   838  C  CA    . GLU A 1 109 ? 3.462   -15.606 10.892  1.00 30.28  ? 109 GLU A CA    1 
ATOM   839  C  C     . GLU A 1 109 ? 2.479   -14.871 9.975   1.00 25.08  ? 109 GLU A C     1 
ATOM   840  O  O     . GLU A 1 109 ? 2.147   -15.389 8.907   1.00 20.35  ? 109 GLU A O     1 
ATOM   841  C  CB    . GLU A 1 109 ? 2.669   -16.336 11.986  1.00 46.83  ? 109 GLU A CB    1 
ATOM   842  C  CG    . GLU A 1 109 ? 3.233   -17.699 12.363  1.00 65.06  ? 109 GLU A CG    1 
ATOM   843  C  CD    . GLU A 1 109 ? 3.010   -18.733 11.272  1.00 79.22  ? 109 GLU A CD    1 
ATOM   844  O  OE1   . GLU A 1 109 ? 2.463   -18.365 10.207  1.00 90.84  ? 109 GLU A OE1   1 
ATOM   845  O  OE2   . GLU A 1 109 ? 3.385   -19.908 11.488  1.00 102.45 ? 109 GLU A OE2   1 
ATOM   846  N  N     . ARG A 1 110 ? 2.044   -13.703 10.415  1.00 18.60  ? 110 ARG A N     1 
ATOM   847  C  CA    . ARG A 1 110 ? 1.082   -12.823 9.784   1.00 16.62  ? 110 ARG A CA    1 
ATOM   848  C  C     . ARG A 1 110 ? 1.724   -11.651 9.056   1.00 13.78  ? 110 ARG A C     1 
ATOM   849  O  O     . ARG A 1 110 ? 1.227   -11.195 8.016   1.00 9.06   ? 110 ARG A O     1 
ATOM   850  C  CB    . ARG A 1 110 ? 0.113   -12.267 10.842  1.00 12.82  ? 110 ARG A CB    1 
ATOM   851  C  CG    . ARG A 1 110 ? -0.756  -13.321 11.501  1.00 11.64  ? 110 ARG A CG    1 
ATOM   852  C  CD    . ARG A 1 110 ? -1.697  -12.701 12.520  1.00 17.60  ? 110 ARG A CD    1 
ATOM   853  N  NE    . ARG A 1 110 ? -2.745  -11.910 11.885  1.00 23.40  ? 110 ARG A NE    1 
ATOM   854  C  CZ    . ARG A 1 110 ? -3.529  -11.051 12.526  1.00 22.06  ? 110 ARG A CZ    1 
ATOM   855  N  NH1   . ARG A 1 110 ? -3.389  -10.859 13.828  1.00 4.02   ? 110 ARG A NH1   1 
ATOM   856  N  NH2   . ARG A 1 110 ? -4.455  -10.381 11.852  1.00 5.53   ? 110 ARG A NH2   1 
ATOM   857  N  N     . LEU A 1 111 ? 2.841   -11.140 9.584   1.00 4.11   ? 111 LEU A N     1 
ATOM   858  C  CA    . LEU A 1 111 ? 3.417   -9.934  9.012   1.00 3.81   ? 111 LEU A CA    1 
ATOM   859  C  C     . LEU A 1 111 ? 4.836   -10.038 8.483   1.00 15.77  ? 111 LEU A C     1 
ATOM   860  O  O     . LEU A 1 111 ? 5.763   -10.478 9.160   1.00 19.11  ? 111 LEU A O     1 
ATOM   861  C  CB    . LEU A 1 111 ? 3.377   -8.839  10.108  1.00 5.32   ? 111 LEU A CB    1 
ATOM   862  C  CG    . LEU A 1 111 ? 3.095   -7.430  9.596   1.00 10.99  ? 111 LEU A CG    1 
ATOM   863  C  CD1   . LEU A 1 111 ? 2.122   -7.480  8.424   1.00 8.50   ? 111 LEU A CD1   1 
ATOM   864  C  CD2   . LEU A 1 111 ? 2.569   -6.530  10.706  1.00 3.96   ? 111 LEU A CD2   1 
ATOM   865  N  N     . THR A 1 112 ? 5.037   -9.586  7.242   1.00 7.48   ? 112 THR A N     1 
ATOM   866  C  CA    . THR A 1 112 ? 6.367   -9.416  6.683   1.00 3.28   ? 112 THR A CA    1 
ATOM   867  C  C     . THR A 1 112 ? 6.624   -7.944  6.386   1.00 4.27   ? 112 THR A C     1 
ATOM   868  O  O     . THR A 1 112 ? 6.008   -7.371  5.482   1.00 11.65  ? 112 THR A O     1 
ATOM   869  C  CB    . THR A 1 112 ? 6.574   -10.176 5.357   1.00 7.49   ? 112 THR A CB    1 
ATOM   870  O  OG1   . THR A 1 112 ? 6.578   -11.580 5.609   1.00 14.46  ? 112 THR A OG1   1 
ATOM   871  C  CG2   . THR A 1 112 ? 7.923   -9.821  4.759   1.00 3.84   ? 112 THR A CG2   1 
ATOM   872  N  N     . VAL A 1 113 ? 7.527   -7.297  7.128   1.00 5.00   ? 113 VAL A N     1 
ATOM   873  C  CA    . VAL A 1 113 ? 7.699   -5.872  6.825   1.00 4.42   ? 113 VAL A CA    1 
ATOM   874  C  C     . VAL A 1 113 ? 9.188   -5.556  6.780   1.00 10.94  ? 113 VAL A C     1 
ATOM   875  O  O     . VAL A 1 113 ? 9.894   -6.008  7.693   1.00 12.21  ? 113 VAL A O     1 
ATOM   876  C  CB    . VAL A 1 113 ? 6.937   -4.945  7.778   1.00 13.57  ? 113 VAL A CB    1 
ATOM   877  C  CG1   . VAL A 1 113 ? 7.522   -3.544  7.796   1.00 11.91  ? 113 VAL A CG1   1 
ATOM   878  C  CG2   . VAL A 1 113 ? 5.467   -4.898  7.360   1.00 12.24  ? 113 VAL A CG2   1 
ATOM   879  N  N     . PRO A 1 114 ? 9.688   -4.833  5.781   1.00 11.74  ? 114 PRO A N     1 
ATOM   880  C  CA    . PRO A 1 114 ? 8.968   -4.263  4.641   1.00 14.17  ? 114 PRO A CA    1 
ATOM   881  C  C     . PRO A 1 114 ? 8.364   -5.294  3.685   1.00 13.08  ? 114 PRO A C     1 
ATOM   882  O  O     . PRO A 1 114 ? 8.847   -6.417  3.596   1.00 17.22  ? 114 PRO A O     1 
ATOM   883  C  CB    . PRO A 1 114 ? 10.029  -3.446  3.891   1.00 21.02  ? 114 PRO A CB    1 
ATOM   884  C  CG    . PRO A 1 114 ? 11.069  -3.180  4.941   1.00 17.85  ? 114 PRO A CG    1 
ATOM   885  C  CD    . PRO A 1 114 ? 11.132  -4.480  5.707   1.00 6.09   ? 114 PRO A CD    1 
ATOM   886  N  N     . HIS A 1 115 ? 7.251   -4.885  3.072   1.00 9.18   ? 115 HIS A N     1 
ATOM   887  C  CA    . HIS A 1 115 ? 6.401   -5.796  2.317   1.00 3.94   ? 115 HIS A CA    1 
ATOM   888  C  C     . HIS A 1 115 ? 7.252   -6.563  1.308   1.00 3.82   ? 115 HIS A C     1 
ATOM   889  O  O     . HIS A 1 115 ? 8.125   -5.988  0.665   1.00 11.79  ? 115 HIS A O     1 
ATOM   890  C  CB    . HIS A 1 115 ? 5.254   -5.044  1.643   1.00 3.86   ? 115 HIS A CB    1 
ATOM   891  C  CG    . HIS A 1 115 ? 4.194   -5.901  1.031   1.00 8.96   ? 115 HIS A CG    1 
ATOM   892  N  ND1   . HIS A 1 115 ? 4.425   -6.790  0.008   1.00 13.84  ? 115 HIS A ND1   1 
ATOM   893  C  CD2   . HIS A 1 115 ? 2.871   -6.007  1.299   1.00 4.61   ? 115 HIS A CD2   1 
ATOM   894  C  CE1   . HIS A 1 115 ? 3.305   -7.407  -0.331  1.00 5.23   ? 115 HIS A CE1   1 
ATOM   895  N  NE2   . HIS A 1 115 ? 2.345   -6.943  0.441   1.00 7.79   ? 115 HIS A NE2   1 
ATOM   896  N  N     . TYR A 1 116 ? 6.987   -7.855  1.236   1.00 4.50   ? 116 TYR A N     1 
ATOM   897  C  CA    . TYR A 1 116 ? 7.678   -8.759  0.335   1.00 4.39   ? 116 TYR A CA    1 
ATOM   898  C  C     . TYR A 1 116 ? 7.739   -8.160  -1.059  1.00 13.26  ? 116 TYR A C     1 
ATOM   899  O  O     . TYR A 1 116 ? 6.710   -7.705  -1.566  1.00 8.15   ? 116 TYR A O     1 
ATOM   900  C  CB    . TYR A 1 116 ? 6.947   -10.097 0.334   1.00 3.50   ? 116 TYR A CB    1 
ATOM   901  C  CG    . TYR A 1 116 ? 7.406   -11.083 -0.707  1.00 14.31  ? 116 TYR A CG    1 
ATOM   902  C  CD1   . TYR A 1 116 ? 8.673   -11.650 -0.627  1.00 16.91  ? 116 TYR A CD1   1 
ATOM   903  C  CD2   . TYR A 1 116 ? 6.575   -11.442 -1.762  1.00 22.07  ? 116 TYR A CD2   1 
ATOM   904  C  CE1   . TYR A 1 116 ? 9.110   -12.556 -1.573  1.00 21.29  ? 116 TYR A CE1   1 
ATOM   905  C  CE2   . TYR A 1 116 ? 7.005   -12.347 -2.715  1.00 24.98  ? 116 TYR A CE2   1 
ATOM   906  C  CZ    . TYR A 1 116 ? 8.267   -12.895 -2.612  1.00 24.74  ? 116 TYR A CZ    1 
ATOM   907  O  OH    . TYR A 1 116 ? 8.699   -13.793 -3.557  1.00 26.88  ? 116 TYR A OH    1 
ATOM   908  N  N     . ASP A 1 117 ? 8.927   -8.163  -1.653  1.00 9.49   ? 117 ASP A N     1 
ATOM   909  C  CA    . ASP A 1 117 ? 9.102   -7.813  -3.057  1.00 11.90  ? 117 ASP A CA    1 
ATOM   910  C  C     . ASP A 1 117 ? 8.696   -6.395  -3.410  1.00 10.97  ? 117 ASP A C     1 
ATOM   911  O  O     . ASP A 1 117 ? 8.554   -6.060  -4.590  1.00 12.27  ? 117 ASP A O     1 
ATOM   912  C  CB    . ASP A 1 117 ? 8.285   -8.795  -3.920  1.00 11.99  ? 117 ASP A CB    1 
ATOM   913  C  CG    . ASP A 1 117 ? 8.682   -8.737  -5.383  1.00 16.54  ? 117 ASP A CG    1 
ATOM   914  O  OD1   . ASP A 1 117 ? 9.898   -8.612  -5.638  1.00 15.02  ? 117 ASP A OD1   1 
ATOM   915  O  OD2   . ASP A 1 117 ? 7.810   -8.802  -6.268  1.00 12.92  ? 117 ASP A OD2   1 
ATOM   916  N  N     . MET A 1 118 ? 8.482   -5.513  -2.435  1.00 6.91   ? 118 MET A N     1 
ATOM   917  C  CA    . MET A 1 118 ? 8.004   -4.178  -2.792  1.00 11.25  ? 118 MET A CA    1 
ATOM   918  C  C     . MET A 1 118 ? 9.077   -3.370  -3.508  1.00 7.46   ? 118 MET A C     1 
ATOM   919  O  O     . MET A 1 118 ? 8.745   -2.426  -4.232  1.00 6.32   ? 118 MET A O     1 
ATOM   920  C  CB    . MET A 1 118 ? 7.504   -3.430  -1.551  1.00 11.04  ? 118 MET A CB    1 
ATOM   921  C  CG    . MET A 1 118 ? 8.552   -3.258  -0.466  1.00 11.36  ? 118 MET A CG    1 
ATOM   922  S  SD    . MET A 1 118 ? 8.054   -2.031  0.763   1.00 9.11   ? 118 MET A SD    1 
ATOM   923  C  CE    . MET A 1 118 ? 7.927   -0.558  -0.242  1.00 7.10   ? 118 MET A CE    1 
ATOM   924  N  N     . LYS A 1 119 ? 10.348  -3.732  -3.331  1.00 10.42  ? 119 LYS A N     1 
ATOM   925  C  CA    . LYS A 1 119 ? 11.436  -3.025  -4.009  1.00 13.68  ? 119 LYS A CA    1 
ATOM   926  C  C     . LYS A 1 119 ? 11.481  -3.298  -5.509  1.00 8.57   ? 119 LYS A C     1 
ATOM   927  O  O     . LYS A 1 119 ? 12.312  -2.724  -6.222  1.00 12.26  ? 119 LYS A O     1 
ATOM   928  C  CB    . LYS A 1 119 ? 12.788  -3.397  -3.389  1.00 7.75   ? 119 LYS A CB    1 
ATOM   929  C  CG    . LYS A 1 119 ? 12.798  -3.293  -1.872  1.00 9.79   ? 119 LYS A CG    1 
ATOM   930  C  CD    . LYS A 1 119 ? 14.226  -3.273  -1.359  1.00 3.87   ? 119 LYS A CD    1 
ATOM   931  C  CE    . LYS A 1 119 ? 14.398  -2.324  -0.186  1.00 8.71   ? 119 LYS A CE    1 
ATOM   932  N  NZ    . LYS A 1 119 ? 15.716  -2.535  0.475   1.00 24.77  ? 119 LYS A NZ    1 
ATOM   933  N  N     . ASN A 1 120 ? 10.608  -4.166  -6.015  1.00 3.90   ? 120 ASN A N     1 
ATOM   934  C  CA    . ASN A 1 120 ? 10.551  -4.377  -7.458  1.00 7.49   ? 120 ASN A CA    1 
ATOM   935  C  C     . ASN A 1 120 ? 9.203   -3.919  -8.013  1.00 14.70  ? 120 ASN A C     1 
ATOM   936  O  O     . ASN A 1 120 ? 8.856   -4.317  -9.126  1.00 24.65  ? 120 ASN A O     1 
ATOM   937  C  CB    . ASN A 1 120 ? 10.783  -5.843  -7.808  1.00 3.02   ? 120 ASN A CB    1 
ATOM   938  C  CG    . ASN A 1 120 ? 12.128  -6.381  -7.371  1.00 14.68  ? 120 ASN A CG    1 
ATOM   939  O  OD1   . ASN A 1 120 ? 13.154  -5.718  -7.521  1.00 15.20  ? 120 ASN A OD1   1 
ATOM   940  N  ND2   . ASN A 1 120 ? 12.145  -7.584  -6.811  1.00 12.37  ? 120 ASN A ND2   1 
ATOM   941  N  N     . ARG A 1 121 ? 8.464   -3.103  -7.265  1.00 11.95  ? 121 ARG A N     1 
ATOM   942  C  CA    . ARG A 1 121 ? 7.096   -2.758  -7.653  1.00 4.42   ? 121 ARG A CA    1 
ATOM   943  C  C     . ARG A 1 121 ? 6.821   -1.274  -7.720  1.00 8.93   ? 121 ARG A C     1 
ATOM   944  O  O     . ARG A 1 121 ? 6.649   -0.557  -6.736  1.00 15.46  ? 121 ARG A O     1 
ATOM   945  C  CB    . ARG A 1 121 ? 6.126   -3.448  -6.678  1.00 5.99   ? 121 ARG A CB    1 
ATOM   946  C  CG    . ARG A 1 121 ? 6.319   -4.952  -6.699  1.00 10.86  ? 121 ARG A CG    1 
ATOM   947  C  CD    . ARG A 1 121 ? 5.262   -5.675  -5.870  1.00 13.13  ? 121 ARG A CD    1 
ATOM   948  N  NE    . ARG A 1 121 ? 5.533   -7.108  -5.866  1.00 4.88   ? 121 ARG A NE    1 
ATOM   949  C  CZ    . ARG A 1 121 ? 4.739   -8.070  -5.430  1.00 12.17  ? 121 ARG A CZ    1 
ATOM   950  N  NH1   . ARG A 1 121 ? 3.538   -7.817  -4.918  1.00 9.62   ? 121 ARG A NH1   1 
ATOM   951  N  NH2   . ARG A 1 121 ? 5.180   -9.321  -5.519  1.00 10.79  ? 121 ARG A NH2   1 
ATOM   952  N  N     . GLY A 1 122 ? 6.762   -0.769  -8.962  1.00 4.52   ? 122 GLY A N     1 
ATOM   953  C  CA    . GLY A 1 122 ? 6.607   0.665   -9.129  1.00 5.91   ? 122 GLY A CA    1 
ATOM   954  C  C     . GLY A 1 122 ? 5.305   1.190   -8.556  1.00 7.82   ? 122 GLY A C     1 
ATOM   955  O  O     . GLY A 1 122 ? 5.220   2.356   -8.159  1.00 8.31   ? 122 GLY A O     1 
ATOM   956  N  N     . PHE A 1 123 ? 4.280   0.334   -8.527  1.00 7.09   ? 123 PHE A N     1 
ATOM   957  C  CA    . PHE A 1 123 ? 2.979   0.856   -8.087  1.00 10.58  ? 123 PHE A CA    1 
ATOM   958  C  C     . PHE A 1 123 ? 3.052   1.074   -6.581  1.00 15.76  ? 123 PHE A C     1 
ATOM   959  O  O     . PHE A 1 123 ? 2.287   1.832   -5.995  1.00 29.25  ? 123 PHE A O     1 
ATOM   960  C  CB    . PHE A 1 123 ? 1.841   -0.055  -8.492  1.00 3.48   ? 123 PHE A CB    1 
ATOM   961  C  CG    . PHE A 1 123 ? 1.907   -1.488  -8.008  1.00 13.84  ? 123 PHE A CG    1 
ATOM   962  C  CD1   . PHE A 1 123 ? 1.511   -1.833  -6.723  1.00 4.50   ? 123 PHE A CD1   1 
ATOM   963  C  CD2   . PHE A 1 123 ? 2.382   -2.484  -8.851  1.00 9.07   ? 123 PHE A CD2   1 
ATOM   964  C  CE1   . PHE A 1 123 ? 1.594   -3.137  -6.288  1.00 4.65   ? 123 PHE A CE1   1 
ATOM   965  C  CE2   . PHE A 1 123 ? 2.441   -3.795  -8.429  1.00 10.78  ? 123 PHE A CE2   1 
ATOM   966  C  CZ    . PHE A 1 123 ? 2.030   -4.127  -7.151  1.00 15.25  ? 123 PHE A CZ    1 
ATOM   967  N  N     . MET A 1 124 ? 4.019   0.391   -5.967  1.00 10.70  ? 124 MET A N     1 
ATOM   968  C  CA    . MET A 1 124 ? 4.228   0.646   -4.541  1.00 4.97   ? 124 MET A CA    1 
ATOM   969  C  C     . MET A 1 124 ? 5.250   1.761   -4.365  1.00 15.10  ? 124 MET A C     1 
ATOM   970  O  O     . MET A 1 124 ? 5.035   2.665   -3.552  1.00 13.19  ? 124 MET A O     1 
ATOM   971  C  CB    . MET A 1 124 ? 4.659   -0.630  -3.846  1.00 10.52  ? 124 MET A CB    1 
ATOM   972  C  CG    . MET A 1 124 ? 3.536   -1.560  -3.419  1.00 9.95   ? 124 MET A CG    1 
ATOM   973  S  SD    . MET A 1 124 ? 4.175   -2.854  -2.328  1.00 20.56  ? 124 MET A SD    1 
ATOM   974  C  CE    . MET A 1 124 ? 3.752   -4.319  -3.269  1.00 71.67  ? 124 MET A CE    1 
ATOM   975  N  N     . LEU A 1 125 ? 6.336   1.707   -5.133  1.00 12.48  ? 125 LEU A N     1 
ATOM   976  C  CA    . LEU A 1 125 ? 7.466   2.615   -4.976  1.00 12.77  ? 125 LEU A CA    1 
ATOM   977  C  C     . LEU A 1 125 ? 7.199   4.042   -5.416  1.00 21.10  ? 125 LEU A C     1 
ATOM   978  O  O     . LEU A 1 125 ? 7.668   5.003   -4.784  1.00 11.77  ? 125 LEU A O     1 
ATOM   979  C  CB    . LEU A 1 125 ? 8.685   2.060   -5.743  1.00 6.21   ? 125 LEU A CB    1 
ATOM   980  C  CG    . LEU A 1 125 ? 9.181   0.679   -5.300  1.00 5.53   ? 125 LEU A CG    1 
ATOM   981  C  CD1   . LEU A 1 125 ? 10.439  0.251   -6.053  1.00 4.51   ? 125 LEU A CD1   1 
ATOM   982  C  CD2   . LEU A 1 125 ? 9.464   0.638   -3.801  1.00 6.18   ? 125 LEU A CD2   1 
ATOM   983  N  N     . TRP A 1 126 ? 6.457   4.257   -6.506  1.00 18.05  ? 126 TRP A N     1 
ATOM   984  C  CA    . TRP A 1 126 ? 6.286   5.643   -6.954  1.00 11.52  ? 126 TRP A CA    1 
ATOM   985  C  C     . TRP A 1 126 ? 5.391   6.460   -6.025  1.00 16.48  ? 126 TRP A C     1 
ATOM   986  O  O     . TRP A 1 126 ? 5.799   7.560   -5.629  1.00 6.93   ? 126 TRP A O     1 
ATOM   987  C  CB    . TRP A 1 126 ? 5.737   5.684   -8.380  1.00 11.00  ? 126 TRP A CB    1 
ATOM   988  C  CG    . TRP A 1 126 ? 6.738   5.474   -9.473  1.00 4.64   ? 126 TRP A CG    1 
ATOM   989  C  CD1   . TRP A 1 126 ? 6.717   4.466   -10.396 1.00 15.07  ? 126 TRP A CD1   1 
ATOM   990  C  CD2   . TRP A 1 126 ? 7.897   6.263   -9.776  1.00 3.73   ? 126 TRP A CD2   1 
ATOM   991  N  NE1   . TRP A 1 126 ? 7.786   4.571   -11.254 1.00 14.07  ? 126 TRP A NE1   1 
ATOM   992  C  CE2   . TRP A 1 126 ? 8.527   5.669   -10.895 1.00 8.00   ? 126 TRP A CE2   1 
ATOM   993  C  CE3   . TRP A 1 126 ? 8.482   7.410   -9.231  1.00 9.26   ? 126 TRP A CE3   1 
ATOM   994  C  CZ2   . TRP A 1 126 ? 9.694   6.181   -11.463 1.00 10.13  ? 126 TRP A CZ2   1 
ATOM   995  C  CZ3   . TRP A 1 126 ? 9.637   7.919   -9.793  1.00 12.96  ? 126 TRP A CZ3   1 
ATOM   996  C  CH2   . TRP A 1 126 ? 10.239  7.304   -10.906 1.00 9.56   ? 126 TRP A CH2   1 
ATOM   997  N  N     . PRO A 1 127 ? 4.197   6.008   -5.658  1.00 13.43  ? 127 PRO A N     1 
ATOM   998  C  CA    . PRO A 1 127 ? 3.377   6.777   -4.711  1.00 10.76  ? 127 PRO A CA    1 
ATOM   999  C  C     . PRO A 1 127 ? 4.132   7.083   -3.416  1.00 9.73   ? 127 PRO A C     1 
ATOM   1000 O  O     . PRO A 1 127 ? 4.089   8.210   -2.917  1.00 11.98  ? 127 PRO A O     1 
ATOM   1001 C  CB    . PRO A 1 127 ? 2.206   5.849   -4.402  1.00 13.72  ? 127 PRO A CB    1 
ATOM   1002 C  CG    . PRO A 1 127 ? 2.147   4.889   -5.538  1.00 16.14  ? 127 PRO A CG    1 
ATOM   1003 C  CD    . PRO A 1 127 ? 3.533   4.775   -6.098  1.00 17.07  ? 127 PRO A CD    1 
ATOM   1004 N  N     . LEU A 1 128 ? 4.800   6.074   -2.876  1.00 16.27  ? 128 LEU A N     1 
ATOM   1005 C  CA    . LEU A 1 128 ? 5.557   6.193   -1.630  1.00 11.06  ? 128 LEU A CA    1 
ATOM   1006 C  C     . LEU A 1 128 ? 6.573   7.320   -1.735  1.00 14.18  ? 128 LEU A C     1 
ATOM   1007 O  O     . LEU A 1 128 ? 6.656   8.190   -0.873  1.00 9.76   ? 128 LEU A O     1 
ATOM   1008 C  CB    . LEU A 1 128 ? 6.256   4.877   -1.308  1.00 4.44   ? 128 LEU A CB    1 
ATOM   1009 C  CG    . LEU A 1 128 ? 7.121   4.781   -0.058  1.00 14.44  ? 128 LEU A CG    1 
ATOM   1010 C  CD1   . LEU A 1 128 ? 6.314   4.979   1.220   1.00 3.99   ? 128 LEU A CD1   1 
ATOM   1011 C  CD2   . LEU A 1 128 ? 7.828   3.427   -0.034  1.00 3.73   ? 128 LEU A CD2   1 
ATOM   1012 N  N     . PHE A 1 129 ? 7.345   7.282   -2.821  1.00 13.00  ? 129 PHE A N     1 
ATOM   1013 C  CA    . PHE A 1 129 ? 8.370   8.289   -3.080  1.00 6.85   ? 129 PHE A CA    1 
ATOM   1014 C  C     . PHE A 1 129 ? 7.768   9.678   -3.184  1.00 3.45   ? 129 PHE A C     1 
ATOM   1015 O  O     . PHE A 1 129 ? 8.421   10.680  -2.899  1.00 11.73  ? 129 PHE A O     1 
ATOM   1016 C  CB    . PHE A 1 129 ? 9.096   7.942   -4.383  1.00 4.51   ? 129 PHE A CB    1 
ATOM   1017 C  CG    . PHE A 1 129 ? 10.237  8.871   -4.752  1.00 8.75   ? 129 PHE A CG    1 
ATOM   1018 C  CD1   . PHE A 1 129 ? 11.372  8.962   -3.971  1.00 8.76   ? 129 PHE A CD1   1 
ATOM   1019 C  CD2   . PHE A 1 129 ? 10.164  9.642   -5.895  1.00 4.15   ? 129 PHE A CD2   1 
ATOM   1020 C  CE1   . PHE A 1 129 ? 12.406  9.799   -4.320  1.00 7.64   ? 129 PHE A CE1   1 
ATOM   1021 C  CE2   . PHE A 1 129 ? 11.196  10.486  -6.255  1.00 4.79   ? 129 PHE A CE2   1 
ATOM   1022 C  CZ    . PHE A 1 129 ? 12.328  10.555  -5.469  1.00 11.23  ? 129 PHE A CZ    1 
ATOM   1023 N  N     . GLU A 1 130 ? 6.506   9.708   -3.615  1.00 10.60  ? 130 GLU A N     1 
ATOM   1024 C  CA    . GLU A 1 130 ? 5.786   10.970  -3.732  1.00 12.61  ? 130 GLU A CA    1 
ATOM   1025 C  C     . GLU A 1 130 ? 5.619   11.624  -2.364  1.00 8.45   ? 130 GLU A C     1 
ATOM   1026 O  O     . GLU A 1 130 ? 5.683   12.849  -2.273  1.00 19.34  ? 130 GLU A O     1 
ATOM   1027 C  CB    . GLU A 1 130 ? 4.393   10.790  -4.348  1.00 8.91   ? 130 GLU A CB    1 
ATOM   1028 C  CG    . GLU A 1 130 ? 3.682   12.114  -4.593  1.00 4.99   ? 130 GLU A CG    1 
ATOM   1029 C  CD    . GLU A 1 130 ? 2.333   11.915  -5.266  1.00 7.42   ? 130 GLU A CD    1 
ATOM   1030 O  OE1   . GLU A 1 130 ? 1.992   10.752  -5.553  1.00 12.47  ? 130 GLU A OE1   1 
ATOM   1031 O  OE2   . GLU A 1 130 ? 1.637   12.922  -5.495  1.00 8.65   ? 130 GLU A OE2   1 
ATOM   1032 N  N     . ILE A 1 131 ? 5.398   10.800  -1.346  1.00 7.03   ? 131 ILE A N     1 
ATOM   1033 C  CA    . ILE A 1 131 ? 5.077   11.290  -0.003  1.00 9.48   ? 131 ILE A CA    1 
ATOM   1034 C  C     . ILE A 1 131 ? 6.254   11.206  0.957   1.00 15.23  ? 131 ILE A C     1 
ATOM   1035 O  O     . ILE A 1 131 ? 6.283   11.849  2.015   1.00 18.94  ? 131 ILE A O     1 
ATOM   1036 C  CB    . ILE A 1 131 ? 3.888   10.497  0.575   1.00 13.58  ? 131 ILE A CB    1 
ATOM   1037 C  CG1   . ILE A 1 131 ? 4.170   9.013   0.799   1.00 15.40  ? 131 ILE A CG1   1 
ATOM   1038 C  CG2   . ILE A 1 131 ? 2.654   10.684  -0.306  1.00 4.86   ? 131 ILE A CG2   1 
ATOM   1039 C  CD1   . ILE A 1 131 ? 3.129   8.316   1.655   1.00 20.38  ? 131 ILE A CD1   1 
ATOM   1040 N  N     . ALA A 1 132 ? 7.264   10.408  0.622   1.00 21.44  ? 132 ALA A N     1 
ATOM   1041 C  CA    . ALA A 1 132 ? 8.483   10.388  1.437   1.00 13.86  ? 132 ALA A CA    1 
ATOM   1042 C  C     . ALA A 1 132 ? 9.686   10.289  0.511   1.00 3.66   ? 132 ALA A C     1 
ATOM   1043 O  O     . ALA A 1 132 ? 10.245  9.212   0.300   1.00 16.68  ? 132 ALA A O     1 
ATOM   1044 C  CB    . ALA A 1 132 ? 8.498   9.256   2.442   1.00 3.79   ? 132 ALA A CB    1 
ATOM   1045 N  N     . PRO A 1 133 ? 10.089  11.421  -0.042  1.00 5.89   ? 133 PRO A N     1 
ATOM   1046 C  CA    . PRO A 1 133 ? 11.180  11.330  -1.031  1.00 12.90  ? 133 PRO A CA    1 
ATOM   1047 C  C     . PRO A 1 133 ? 12.471  10.994  -0.296  1.00 15.57  ? 133 PRO A C     1 
ATOM   1048 O  O     . PRO A 1 133 ? 13.438  10.515  -0.879  1.00 12.23  ? 133 PRO A O     1 
ATOM   1049 C  CB    . PRO A 1 133 ? 11.217  12.724  -1.643  1.00 9.95   ? 133 PRO A CB    1 
ATOM   1050 C  CG    . PRO A 1 133 ? 10.656  13.620  -0.584  1.00 14.26  ? 133 PRO A CG    1 
ATOM   1051 C  CD    . PRO A 1 133 ? 9.655   12.797  0.185   1.00 8.73   ? 133 PRO A CD    1 
ATOM   1052 N  N     . GLU A 1 134 ? 12.487  11.236  1.015   1.00 14.89  ? 134 GLU A N     1 
ATOM   1053 C  CA    . GLU A 1 134 ? 13.731  11.072  1.767   1.00 11.37  ? 134 GLU A CA    1 
ATOM   1054 C  C     . GLU A 1 134 ? 13.908  9.681   2.354   1.00 9.95   ? 134 GLU A C     1 
ATOM   1055 O  O     . GLU A 1 134 ? 14.947  9.455   2.992   1.00 16.92  ? 134 GLU A O     1 
ATOM   1056 C  CB    . GLU A 1 134 ? 13.784  12.119  2.880   1.00 16.32  ? 134 GLU A CB    1 
ATOM   1057 C  CG    . GLU A 1 134 ? 12.990  11.753  4.123   1.00 18.46  ? 134 GLU A CG    1 
ATOM   1058 C  CD    . GLU A 1 134 ? 11.488  11.835  3.949   1.00 20.39  ? 134 GLU A CD    1 
ATOM   1059 O  OE1   . GLU A 1 134 ? 11.025  12.135  2.830   1.00 19.00  ? 134 GLU A OE1   1 
ATOM   1060 O  OE2   . GLU A 1 134 ? 10.752  11.599  4.930   1.00 23.87  ? 134 GLU A OE2   1 
ATOM   1061 N  N     . LEU A 1 135 ? 12.964  8.780   2.157   1.00 3.98   ? 135 LEU A N     1 
ATOM   1062 C  CA    . LEU A 1 135 ? 12.907  7.439   2.709   1.00 5.19   ? 135 LEU A CA    1 
ATOM   1063 C  C     . LEU A 1 135 ? 14.093  6.530   2.377   1.00 12.65  ? 135 LEU A C     1 
ATOM   1064 O  O     . LEU A 1 135 ? 14.551  6.449   1.241   1.00 22.58  ? 135 LEU A O     1 
ATOM   1065 C  CB    . LEU A 1 135 ? 11.667  6.675   2.214   1.00 4.98   ? 135 LEU A CB    1 
ATOM   1066 C  CG    . LEU A 1 135 ? 11.249  5.442   3.011   1.00 8.76   ? 135 LEU A CG    1 
ATOM   1067 C  CD1   . LEU A 1 135 ? 9.727   5.339   3.104   1.00 7.40   ? 135 LEU A CD1   1 
ATOM   1068 C  CD2   . LEU A 1 135 ? 11.794  4.165   2.398   1.00 10.14  ? 135 LEU A CD2   1 
ATOM   1069 N  N     . VAL A 1 136 ? 14.527  5.830   3.407   1.00 8.62   ? 136 VAL A N     1 
ATOM   1070 C  CA    . VAL A 1 136 ? 15.573  4.829   3.400   1.00 11.03  ? 136 VAL A CA    1 
ATOM   1071 C  C     . VAL A 1 136 ? 15.079  3.555   4.080   1.00 12.45  ? 136 VAL A C     1 
ATOM   1072 O  O     . VAL A 1 136 ? 14.527  3.611   5.181   1.00 14.77  ? 136 VAL A O     1 
ATOM   1073 C  CB    . VAL A 1 136 ? 16.834  5.337   4.120   1.00 15.29  ? 136 VAL A CB    1 
ATOM   1074 C  CG1   . VAL A 1 136 ? 17.962  4.319   4.032   1.00 6.80   ? 136 VAL A CG1   1 
ATOM   1075 C  CG2   . VAL A 1 136 ? 17.267  6.669   3.539   1.00 5.98   ? 136 VAL A CG2   1 
ATOM   1076 N  N     . PHE A 1 137 ? 15.280  2.423   3.429   1.00 3.94   ? 137 PHE A N     1 
ATOM   1077 C  CA    . PHE A 1 137 ? 14.844  1.139   3.957   1.00 7.30   ? 137 PHE A CA    1 
ATOM   1078 C  C     . PHE A 1 137 ? 15.727  0.677   5.114   1.00 12.60  ? 137 PHE A C     1 
ATOM   1079 O  O     . PHE A 1 137 ? 16.850  1.166   5.254   1.00 21.69  ? 137 PHE A O     1 
ATOM   1080 C  CB    . PHE A 1 137 ? 14.832  0.120   2.829   1.00 3.53   ? 137 PHE A CB    1 
ATOM   1081 C  CG    . PHE A 1 137 ? 13.669  0.287   1.861   1.00 4.73   ? 137 PHE A CG    1 
ATOM   1082 C  CD1   . PHE A 1 137 ? 13.753  1.203   0.826   1.00 11.06  ? 137 PHE A CD1   1 
ATOM   1083 C  CD2   . PHE A 1 137 ? 12.529  -0.475  2.008   1.00 6.47   ? 137 PHE A CD2   1 
ATOM   1084 C  CE1   . PHE A 1 137 ? 12.688  1.340   -0.051  1.00 9.91   ? 137 PHE A CE1   1 
ATOM   1085 C  CE2   . PHE A 1 137 ? 11.454  -0.347  1.144   1.00 8.12   ? 137 PHE A CE2   1 
ATOM   1086 C  CZ    . PHE A 1 137 ? 11.552  0.568   0.109   1.00 10.95  ? 137 PHE A CZ    1 
ATOM   1087 N  N     . PRO A 1 138 ? 15.236  -0.240  5.943   1.00 3.43   ? 138 PRO A N     1 
ATOM   1088 C  CA    . PRO A 1 138 ? 15.969  -0.659  7.136   1.00 5.93   ? 138 PRO A CA    1 
ATOM   1089 C  C     . PRO A 1 138 ? 17.365  -1.180  6.815   1.00 12.58  ? 138 PRO A C     1 
ATOM   1090 O  O     . PRO A 1 138 ? 18.249  -1.156  7.674   1.00 12.28  ? 138 PRO A O     1 
ATOM   1091 C  CB    . PRO A 1 138 ? 15.132  -1.829  7.674   1.00 3.76   ? 138 PRO A CB    1 
ATOM   1092 C  CG    . PRO A 1 138 ? 13.741  -1.465  7.223   1.00 6.48   ? 138 PRO A CG    1 
ATOM   1093 C  CD    . PRO A 1 138 ? 13.957  -0.962  5.815   1.00 5.71   ? 138 PRO A CD    1 
ATOM   1094 N  N     . ASP A 1 139 ? 17.557  -1.667  5.586   1.00 15.57  ? 139 ASP A N     1 
ATOM   1095 C  CA    . ASP A 1 139 ? 18.850  -2.265  5.229   1.00 4.52   ? 139 ASP A CA    1 
ATOM   1096 C  C     . ASP A 1 139 ? 19.787  -1.179  4.712   1.00 6.17   ? 139 ASP A C     1 
ATOM   1097 O  O     . ASP A 1 139 ? 20.924  -1.430  4.310   1.00 15.46  ? 139 ASP A O     1 
ATOM   1098 C  CB    . ASP A 1 139 ? 18.660  -3.394  4.222   1.00 9.45   ? 139 ASP A CB    1 
ATOM   1099 C  CG    . ASP A 1 139 ? 18.342  -2.931  2.811   1.00 3.91   ? 139 ASP A CG    1 
ATOM   1100 O  OD1   . ASP A 1 139 ? 18.024  -1.744  2.614   1.00 9.22   ? 139 ASP A OD1   1 
ATOM   1101 O  OD2   . ASP A 1 139 ? 18.395  -3.783  1.896   1.00 12.22  ? 139 ASP A OD2   1 
ATOM   1102 N  N     . GLY A 1 140 ? 19.287  0.052   4.744   1.00 4.47   ? 140 GLY A N     1 
ATOM   1103 C  CA    . GLY A 1 140 ? 20.048  1.202   4.296   1.00 9.51   ? 140 GLY A CA    1 
ATOM   1104 C  C     . GLY A 1 140 ? 19.849  1.565   2.834   1.00 9.06   ? 140 GLY A C     1 
ATOM   1105 O  O     . GLY A 1 140 ? 20.332  2.616   2.410   1.00 6.59   ? 140 GLY A O     1 
ATOM   1106 N  N     . GLU A 1 141 ? 19.144  0.743   2.063   1.00 10.99  ? 141 GLU A N     1 
ATOM   1107 C  CA    . GLU A 1 141 ? 18.929  1.048   0.644   1.00 14.54  ? 141 GLU A CA    1 
ATOM   1108 C  C     . GLU A 1 141 ? 18.027  2.263   0.489   1.00 11.89  ? 141 GLU A C     1 
ATOM   1109 O  O     . GLU A 1 141 ? 16.947  2.275   1.085   1.00 9.50   ? 141 GLU A O     1 
ATOM   1110 C  CB    . GLU A 1 141 ? 18.304  -0.138  -0.085  1.00 15.19  ? 141 GLU A CB    1 
ATOM   1111 C  CG    . GLU A 1 141 ? 19.152  -0.727  -1.195  1.00 25.23  ? 141 GLU A CG    1 
ATOM   1112 C  CD    . GLU A 1 141 ? 18.352  -1.559  -2.178  1.00 30.39  ? 141 GLU A CD    1 
ATOM   1113 O  OE1   . GLU A 1 141 ? 17.577  -2.418  -1.704  1.00 31.79  ? 141 GLU A OE1   1 
ATOM   1114 O  OE2   . GLU A 1 141 ? 18.513  -1.343  -3.401  1.00 29.40  ? 141 GLU A OE2   1 
ATOM   1115 N  N     . MET A 1 142 ? 18.467  3.258   -0.276  1.00 3.94   ? 142 MET A N     1 
ATOM   1116 C  CA    . MET A 1 142 ? 17.692  4.474   -0.420  1.00 4.73   ? 142 MET A CA    1 
ATOM   1117 C  C     . MET A 1 142 ? 16.664  4.328   -1.547  1.00 14.82  ? 142 MET A C     1 
ATOM   1118 O  O     . MET A 1 142 ? 16.974  3.795   -2.614  1.00 14.54  ? 142 MET A O     1 
ATOM   1119 C  CB    . MET A 1 142 ? 18.543  5.694   -0.713  1.00 9.03   ? 142 MET A CB    1 
ATOM   1120 C  CG    . MET A 1 142 ? 19.643  5.999   0.285   1.00 15.45  ? 142 MET A CG    1 
ATOM   1121 S  SD    . MET A 1 142 ? 20.790  7.203   -0.422  1.00 30.90  ? 142 MET A SD    1 
ATOM   1122 C  CE    . MET A 1 142 ? 21.461  6.257   -1.783  1.00 11.51  ? 142 MET A CE    1 
ATOM   1123 N  N     . LEU A 1 143 ? 15.478  4.834   -1.237  1.00 11.94  ? 143 LEU A N     1 
ATOM   1124 C  CA    . LEU A 1 143 ? 14.348  4.791   -2.157  1.00 11.94  ? 143 LEU A CA    1 
ATOM   1125 C  C     . LEU A 1 143 ? 14.589  5.570   -3.442  1.00 11.95  ? 143 LEU A C     1 
ATOM   1126 O  O     . LEU A 1 143 ? 14.235  5.132   -4.542  1.00 5.43   ? 143 LEU A O     1 
ATOM   1127 C  CB    . LEU A 1 143 ? 13.109  5.339   -1.448  1.00 3.90   ? 143 LEU A CB    1 
ATOM   1128 C  CG    . LEU A 1 143 ? 11.809  5.321   -2.258  1.00 3.44   ? 143 LEU A CG    1 
ATOM   1129 C  CD1   . LEU A 1 143 ? 11.519  3.912   -2.739  1.00 13.38  ? 143 LEU A CD1   1 
ATOM   1130 C  CD2   . LEU A 1 143 ? 10.653  5.866   -1.422  1.00 7.70   ? 143 LEU A CD2   1 
ATOM   1131 N  N     . ARG A 1 144 ? 15.187  6.756   -3.335  1.00 9.41   ? 144 ARG A N     1 
ATOM   1132 C  CA    . ARG A 1 144 ? 15.395  7.535   -4.554  1.00 15.63  ? 144 ARG A CA    1 
ATOM   1133 C  C     . ARG A 1 144 ? 16.413  6.866   -5.475  1.00 23.38  ? 144 ARG A C     1 
ATOM   1134 O  O     . ARG A 1 144 ? 16.358  7.042   -6.693  1.00 24.82  ? 144 ARG A O     1 
ATOM   1135 C  CB    . ARG A 1 144 ? 15.853  8.957   -4.228  1.00 14.69  ? 144 ARG A CB    1 
ATOM   1136 C  CG    . ARG A 1 144 ? 15.670  9.918   -5.390  1.00 20.46  ? 144 ARG A CG    1 
ATOM   1137 C  CD    . ARG A 1 144 ? 16.251  11.286  -5.090  1.00 35.74  ? 144 ARG A CD    1 
ATOM   1138 N  NE    . ARG A 1 144 ? 15.294  12.368  -5.309  1.00 39.36  ? 144 ARG A NE    1 
ATOM   1139 C  CZ    . ARG A 1 144 ? 14.544  12.919  -4.363  1.00 39.17  ? 144 ARG A CZ    1 
ATOM   1140 N  NH1   . ARG A 1 144 ? 14.618  12.504  -3.104  1.00 35.68  ? 144 ARG A NH1   1 
ATOM   1141 N  NH2   . ARG A 1 144 ? 13.708  13.898  -4.678  1.00 34.45  ? 144 ARG A NH2   1 
ATOM   1142 N  N     . GLN A 1 145 ? 17.326  6.110   -4.874  1.00 23.93  ? 145 GLN A N     1 
ATOM   1143 C  CA    . GLN A 1 145 ? 18.352  5.384   -5.610  1.00 24.27  ? 145 GLN A CA    1 
ATOM   1144 C  C     . GLN A 1 145 ? 17.754  4.176   -6.319  1.00 23.55  ? 145 GLN A C     1 
ATOM   1145 O  O     . GLN A 1 145 ? 18.017  3.886   -7.484  1.00 11.68  ? 145 GLN A O     1 
ATOM   1146 C  CB    . GLN A 1 145 ? 19.466  4.927   -4.665  1.00 29.55  ? 145 GLN A CB    1 
ATOM   1147 C  CG    . GLN A 1 145 ? 20.493  4.033   -5.335  1.00 44.36  ? 145 GLN A CG    1 
ATOM   1148 C  CD    . GLN A 1 145 ? 21.668  4.779   -5.929  1.00 55.44  ? 145 GLN A CD    1 
ATOM   1149 O  OE1   . GLN A 1 145 ? 21.616  5.982   -6.191  1.00 62.99  ? 145 GLN A OE1   1 
ATOM   1150 N  NE2   . GLN A 1 145 ? 22.769  4.066   -6.156  1.00 69.52  ? 145 GLN A NE2   1 
ATOM   1151 N  N     . ILE A 1 146 ? 16.924  3.463   -5.563  1.00 19.72  ? 146 ILE A N     1 
ATOM   1152 C  CA    . ILE A 1 146 ? 16.231  2.299   -6.086  1.00 21.05  ? 146 ILE A CA    1 
ATOM   1153 C  C     . ILE A 1 146 ? 15.412  2.668   -7.318  1.00 25.83  ? 146 ILE A C     1 
ATOM   1154 O  O     . ILE A 1 146 ? 15.293  1.876   -8.253  1.00 19.19  ? 146 ILE A O     1 
ATOM   1155 C  CB    . ILE A 1 146 ? 15.287  1.696   -5.037  1.00 23.44  ? 146 ILE A CB    1 
ATOM   1156 C  CG1   . ILE A 1 146 ? 15.978  1.252   -3.741  1.00 22.98  ? 146 ILE A CG1   1 
ATOM   1157 C  CG2   . ILE A 1 146 ? 14.495  0.543   -5.634  1.00 31.98  ? 146 ILE A CG2   1 
ATOM   1158 C  CD1   . ILE A 1 146 ? 15.037  0.433   -2.872  1.00 14.96  ? 146 ILE A CD1   1 
ATOM   1159 N  N     . LEU A 1 147 ? 14.859  3.877   -7.276  1.00 21.99  ? 147 LEU A N     1 
ATOM   1160 C  CA    . LEU A 1 147 ? 13.981  4.351   -8.341  1.00 14.82  ? 147 LEU A CA    1 
ATOM   1161 C  C     . LEU A 1 147 ? 14.801  4.960   -9.472  1.00 16.46  ? 147 LEU A C     1 
ATOM   1162 O  O     . LEU A 1 147 ? 14.292  5.172   -10.573 1.00 26.90  ? 147 LEU A O     1 
ATOM   1163 C  CB    . LEU A 1 147 ? 12.966  5.363   -7.797  1.00 12.91  ? 147 LEU A CB    1 
ATOM   1164 C  CG    . LEU A 1 147 ? 11.724  4.736   -7.149  1.00 16.05  ? 147 LEU A CG    1 
ATOM   1165 C  CD1   . LEU A 1 147 ? 10.906  5.794   -6.422  1.00 32.84  ? 147 LEU A CD1   1 
ATOM   1166 C  CD2   . LEU A 1 147 ? 10.861  4.019   -8.176  1.00 11.33  ? 147 LEU A CD2   1 
ATOM   1167 N  N     . HIS A 1 148 ? 16.067  5.222   -9.178  1.00 17.70  ? 148 HIS A N     1 
ATOM   1168 C  CA    . HIS A 1 148 ? 16.967  5.833   -10.142 1.00 20.87  ? 148 HIS A CA    1 
ATOM   1169 C  C     . HIS A 1 148 ? 17.730  4.826   -10.989 1.00 20.13  ? 148 HIS A C     1 
ATOM   1170 O  O     . HIS A 1 148 ? 17.983  5.079   -12.168 1.00 17.74  ? 148 HIS A O     1 
ATOM   1171 C  CB    . HIS A 1 148 ? 17.984  6.728   -9.408  1.00 31.58  ? 148 HIS A CB    1 
ATOM   1172 C  CG    . HIS A 1 148 ? 18.704  7.623   -10.372 1.00 47.30  ? 148 HIS A CG    1 
ATOM   1173 N  ND1   . HIS A 1 148 ? 18.012  8.467   -11.217 1.00 56.79  ? 148 HIS A ND1   1 
ATOM   1174 C  CD2   . HIS A 1 148 ? 20.015  7.808   -10.634 1.00 52.87  ? 148 HIS A CD2   1 
ATOM   1175 C  CE1   . HIS A 1 148 ? 18.875  9.139   -11.958 1.00 61.39  ? 148 HIS A CE1   1 
ATOM   1176 N  NE2   . HIS A 1 148 ? 20.098  8.758   -11.626 1.00 57.61  ? 148 HIS A NE2   1 
ATOM   1177 N  N     . THR A 1 149 ? 18.108  3.689   -10.413 1.00 20.42  ? 149 THR A N     1 
ATOM   1178 C  CA    . THR A 1 149 ? 18.995  2.760   -11.100 1.00 19.30  ? 149 THR A CA    1 
ATOM   1179 C  C     . THR A 1 149 ? 18.255  1.738   -11.949 1.00 28.99  ? 149 THR A C     1 
ATOM   1180 O  O     . THR A 1 149 ? 18.915  0.913   -12.582 1.00 18.46  ? 149 THR A O     1 
ATOM   1181 C  CB    . THR A 1 149 ? 19.892  1.988   -10.109 1.00 10.74  ? 149 THR A CB    1 
ATOM   1182 O  OG1   . THR A 1 149 ? 19.059  1.120   -9.332  1.00 8.72   ? 149 THR A OG1   1 
ATOM   1183 C  CG2   . THR A 1 149 ? 20.553  2.967   -9.165  1.00 4.00   ? 149 THR A CG2   1 
ATOM   1184 N  N     . ARG A 1 150 ? 16.932  1.791   -11.956 1.00 22.14  ? 150 ARG A N     1 
ATOM   1185 C  CA    . ARG A 1 150 ? 16.134  1.113   -12.963 1.00 17.62  ? 150 ARG A CA    1 
ATOM   1186 C  C     . ARG A 1 150 ? 15.124  2.147   -13.476 1.00 20.56  ? 150 ARG A C     1 
ATOM   1187 O  O     . ARG A 1 150 ? 14.625  2.960   -12.695 1.00 19.40  ? 150 ARG A O     1 
ATOM   1188 C  CB    . ARG A 1 150 ? 15.381  -0.116  -12.491 1.00 21.57  ? 150 ARG A CB    1 
ATOM   1189 C  CG    . ARG A 1 150 ? 16.205  -1.296  -12.011 1.00 16.58  ? 150 ARG A CG    1 
ATOM   1190 C  CD    . ARG A 1 150 ? 15.844  -1.609  -10.561 1.00 18.90  ? 150 ARG A CD    1 
ATOM   1191 N  NE    . ARG A 1 150 ? 14.949  -2.734  -10.441 1.00 19.31  ? 150 ARG A NE    1 
ATOM   1192 C  CZ    . ARG A 1 150 ? 14.352  -3.181  -9.355  1.00 15.26  ? 150 ARG A CZ    1 
ATOM   1193 N  NH1   . ARG A 1 150 ? 14.508  -2.608  -8.172  1.00 5.73   ? 150 ARG A NH1   1 
ATOM   1194 N  NH2   . ARG A 1 150 ? 13.564  -4.240  -9.489  1.00 14.17  ? 150 ARG A NH2   1 
ATOM   1195 N  N     . ALA A 1 151 ? 14.850  2.105   -14.767 1.00 15.52  ? 151 ALA A N     1 
ATOM   1196 C  CA    . ALA A 1 151 ? 13.878  3.019   -15.345 1.00 15.57  ? 151 ALA A CA    1 
ATOM   1197 C  C     . ALA A 1 151 ? 12.472  2.458   -15.139 1.00 16.27  ? 151 ALA A C     1 
ATOM   1198 O  O     . ALA A 1 151 ? 11.818  2.152   -16.135 1.00 19.94  ? 151 ALA A O     1 
ATOM   1199 C  CB    . ALA A 1 151 ? 14.150  3.251   -16.823 1.00 15.88  ? 151 ALA A CB    1 
ATOM   1200 N  N     . PHE A 1 152 ? 12.058  2.324   -13.882 1.00 18.15  ? 152 PHE A N     1 
ATOM   1201 C  CA    . PHE A 1 152 ? 10.707  1.863   -13.568 1.00 11.05  ? 152 PHE A CA    1 
ATOM   1202 C  C     . PHE A 1 152 ? 9.709   2.678   -14.388 1.00 16.51  ? 152 PHE A C     1 
ATOM   1203 O  O     . PHE A 1 152 ? 9.905   3.886   -14.535 1.00 10.09  ? 152 PHE A O     1 
ATOM   1204 C  CB    . PHE A 1 152 ? 10.382  2.007   -12.095 1.00 7.70   ? 152 PHE A CB    1 
ATOM   1205 C  CG    . PHE A 1 152 ? 10.885  0.902   -11.183 1.00 8.87   ? 152 PHE A CG    1 
ATOM   1206 C  CD1   . PHE A 1 152 ? 10.143  -0.247  -10.973 1.00 14.15  ? 152 PHE A CD1   1 
ATOM   1207 C  CD2   . PHE A 1 152 ? 12.104  1.027   -10.527 1.00 8.61   ? 152 PHE A CD2   1 
ATOM   1208 C  CE1   . PHE A 1 152 ? 10.599  -1.251  -10.138 1.00 14.40  ? 152 PHE A CE1   1 
ATOM   1209 C  CE2   . PHE A 1 152 ? 12.570  0.028   -9.691  1.00 4.45   ? 152 PHE A CE2   1 
ATOM   1210 C  CZ    . PHE A 1 152 ? 11.807  -1.103  -9.485  1.00 4.48   ? 152 PHE A CZ    1 
ATOM   1211 N  N     . ASP A 1 153 ? 8.689   2.021   -14.927 1.00 21.62  ? 153 ASP A N     1 
ATOM   1212 C  CA    . ASP A 1 153 ? 7.729   2.757   -15.743 1.00 21.68  ? 153 ASP A CA    1 
ATOM   1213 C  C     . ASP A 1 153 ? 7.093   3.876   -14.913 1.00 20.14  ? 153 ASP A C     1 
ATOM   1214 O  O     . ASP A 1 153 ? 6.778   3.650   -13.747 1.00 17.99  ? 153 ASP A O     1 
ATOM   1215 C  CB    . ASP A 1 153 ? 6.628   1.855   -16.298 1.00 18.01  ? 153 ASP A CB    1 
ATOM   1216 C  CG    . ASP A 1 153 ? 7.139   0.895   -17.353 1.00 25.26  ? 153 ASP A CG    1 
ATOM   1217 O  OD1   . ASP A 1 153 ? 8.087   0.148   -17.049 1.00 18.05  ? 153 ASP A OD1   1 
ATOM   1218 O  OD2   . ASP A 1 153 ? 6.597   0.886   -18.477 1.00 48.75  ? 153 ASP A OD2   1 
ATOM   1219 N  N     . LYS A 1 154 ? 6.933   5.015   -15.561 1.00 16.97  ? 154 LYS A N     1 
ATOM   1220 C  CA    . LYS A 1 154 ? 6.241   6.180   -15.046 1.00 20.24  ? 154 LYS A CA    1 
ATOM   1221 C  C     . LYS A 1 154 ? 4.772   5.875   -14.784 1.00 20.07  ? 154 LYS A C     1 
ATOM   1222 O  O     . LYS A 1 154 ? 4.102   5.165   -15.544 1.00 16.48  ? 154 LYS A O     1 
ATOM   1223 C  CB    . LYS A 1 154 ? 6.382   7.344   -16.036 1.00 28.36  ? 154 LYS A CB    1 
ATOM   1224 C  CG    . LYS A 1 154 ? 7.589   8.226   -15.739 1.00 35.72  ? 154 LYS A CG    1 
ATOM   1225 C  CD    . LYS A 1 154 ? 8.079   8.012   -14.313 1.00 38.32  ? 154 LYS A CD    1 
ATOM   1226 C  CE    . LYS A 1 154 ? 9.301   8.864   -14.010 1.00 36.93  ? 154 LYS A CE    1 
ATOM   1227 N  NZ    . LYS A 1 154 ? 8.945   10.299  -13.824 1.00 52.17  ? 154 LYS A NZ    1 
ATOM   1228 N  N     . LEU A 1 155 ? 4.248   6.416   -13.682 1.00 18.98  ? 155 LEU A N     1 
ATOM   1229 C  CA    . LEU A 1 155 ? 2.833   6.171   -13.404 1.00 15.02  ? 155 LEU A CA    1 
ATOM   1230 C  C     . LEU A 1 155 ? 1.961   7.221   -14.081 1.00 4.37   ? 155 LEU A C     1 
ATOM   1231 O  O     . LEU A 1 155 ? 2.253   8.415   -14.129 1.00 17.61  ? 155 LEU A O     1 
ATOM   1232 C  CB    . LEU A 1 155 ? 2.578   6.136   -11.895 1.00 13.62  ? 155 LEU A CB    1 
ATOM   1233 C  CG    . LEU A 1 155 ? 3.277   5.045   -11.088 1.00 14.82  ? 155 LEU A CG    1 
ATOM   1234 C  CD1   . LEU A 1 155 ? 2.769   5.027   -9.649  1.00 4.54   ? 155 LEU A CD1   1 
ATOM   1235 C  CD2   . LEU A 1 155 ? 3.088   3.665   -11.696 1.00 3.75   ? 155 LEU A CD2   1 
ATOM   1236 N  N     . ASN A 1 156 ? 0.835   6.759   -14.624 1.00 3.79   ? 156 ASN A N     1 
ATOM   1237 C  CA    . ASN A 1 156 ? -0.187  7.712   -15.047 1.00 9.11   ? 156 ASN A CA    1 
ATOM   1238 C  C     . ASN A 1 156 ? -1.103  7.994   -13.861 1.00 4.74   ? 156 ASN A C     1 
ATOM   1239 O  O     . ASN A 1 156 ? -1.359  7.116   -13.045 1.00 12.13  ? 156 ASN A O     1 
ATOM   1240 C  CB    . ASN A 1 156 ? -0.977  7.175   -16.243 1.00 4.12   ? 156 ASN A CB    1 
ATOM   1241 C  CG    . ASN A 1 156 ? 0.004   6.864   -17.369 1.00 11.92  ? 156 ASN A CG    1 
ATOM   1242 O  OD1   . ASN A 1 156 ? 0.769   7.740   -17.765 1.00 31.10  ? 156 ASN A OD1   1 
ATOM   1243 N  ND2   . ASN A 1 156 ? -0.007  5.633   -17.849 1.00 11.65  ? 156 ASN A ND2   1 
ATOM   1244 N  N     . LYS A 1 157 ? -1.598  9.216   -13.745 1.00 5.13   ? 157 LYS A N     1 
ATOM   1245 C  CA    . LYS A 1 157 ? -2.557  9.500   -12.683 1.00 7.41   ? 157 LYS A CA    1 
ATOM   1246 C  C     . LYS A 1 157 ? -3.905  8.873   -13.015 1.00 15.15  ? 157 LYS A C     1 
ATOM   1247 O  O     . LYS A 1 157 ? -4.331  8.870   -14.171 1.00 10.49  ? 157 LYS A O     1 
ATOM   1248 C  CB    . LYS A 1 157 ? -2.724  11.001  -12.500 1.00 6.73   ? 157 LYS A CB    1 
ATOM   1249 C  CG    . LYS A 1 157 ? -1.489  11.762  -12.067 1.00 15.02  ? 157 LYS A CG    1 
ATOM   1250 C  CD    . LYS A 1 157 ? -1.319  11.763  -10.560 1.00 11.04  ? 157 LYS A CD    1 
ATOM   1251 C  CE    . LYS A 1 157 ? 0.073   12.174  -10.112 1.00 3.88   ? 157 LYS A CE    1 
ATOM   1252 N  NZ    . LYS A 1 157 ? 0.485   13.500  -10.620 1.00 3.87   ? 157 LYS A NZ    1 
ATOM   1253 N  N     . TRP A 1 158 ? -4.569  8.351   -11.989 1.00 13.58  ? 158 TRP A N     1 
ATOM   1254 C  CA    . TRP A 1 158 ? -5.918  7.837   -12.185 1.00 15.70  ? 158 TRP A CA    1 
ATOM   1255 C  C     . TRP A 1 158 ? -6.798  8.887   -12.864 1.00 6.72   ? 158 TRP A C     1 
ATOM   1256 O  O     . TRP A 1 158 ? -7.655  8.503   -13.675 1.00 13.48  ? 158 TRP A O     1 
ATOM   1257 C  CB    . TRP A 1 158 ? -6.547  7.407   -10.859 1.00 11.69  ? 158 TRP A CB    1 
ATOM   1258 C  CG    . TRP A 1 158 ? -7.930  6.862   -11.041 1.00 13.24  ? 158 TRP A CG    1 
ATOM   1259 C  CD1   . TRP A 1 158 ? -9.116  7.533   -10.951 1.00 16.91  ? 158 TRP A CD1   1 
ATOM   1260 C  CD2   . TRP A 1 158 ? -8.256  5.499   -11.352 1.00 10.19  ? 158 TRP A CD2   1 
ATOM   1261 N  NE1   . TRP A 1 158 ? -10.159 6.668   -11.188 1.00 19.50  ? 158 TRP A NE1   1 
ATOM   1262 C  CE2   . TRP A 1 158 ? -9.657  5.417   -11.434 1.00 13.78  ? 158 TRP A CE2   1 
ATOM   1263 C  CE3   . TRP A 1 158 ? -7.484  4.354   -11.562 1.00 13.92  ? 158 TRP A CE3   1 
ATOM   1264 C  CZ2   . TRP A 1 158 ? -10.312 4.221   -11.722 1.00 14.02  ? 158 TRP A CZ2   1 
ATOM   1265 C  CZ3   . TRP A 1 158 ? -8.128  3.166   -11.849 1.00 15.81  ? 158 TRP A CZ3   1 
ATOM   1266 C  CH2   . TRP A 1 158 ? -9.529  3.117   -11.925 1.00 9.39   ? 158 TRP A CH2   1 
ATOM   1267 O  OXT   . TRP A 1 158 ? -6.589  10.085  -12.561 1.00 9.07   ? 158 TRP A OXT   1 
HETATM 1268 MG MG    . MG  B 2 .   ? -1.659  -9.028  -0.694  1.00 18.53  ? 161 MG  A MG    1 
HETATM 1269 CL CL    . CL  C 3 .   ? 14.857  -3.302  3.745   1.00 25.31  ? 162 CL  A CL    1 
HETATM 1270 N  N9R   . A4P D 4 .   ? 0.858   -10.187 5.153   1.00 3.98   ? 171 A4P A N9R   1 
HETATM 1271 C  C8R   . A4P D 4 .   ? 2.269   -10.352 5.286   1.00 3.11   ? 171 A4P A C8R   1 
HETATM 1272 N  N7R   . A4P D 4 .   ? 2.972   -9.251  5.218   1.00 8.68   ? 171 A4P A N7R   1 
HETATM 1273 C  C5R   . A4P D 4 .   ? 1.955   -8.278  5.024   1.00 5.32   ? 171 A4P A C5R   1 
HETATM 1274 C  C6R   . A4P D 4 .   ? 2.150   -6.871  4.880   1.00 5.73   ? 171 A4P A C6R   1 
HETATM 1275 N  N6R   . A4P D 4 .   ? 3.231   -6.218  4.893   1.00 13.45  ? 171 A4P A N6R   1 
HETATM 1276 N  N1R   . A4P D 4 .   ? 0.929   -6.075  4.690   1.00 3.66   ? 171 A4P A N1R   1 
HETATM 1277 C  C1R   . A4P D 4 .   ? -0.010  -11.385 5.332   1.00 8.93   ? 171 A4P A C1R   1 
HETATM 1278 C  C2R   . A4P D 4 .   ? -0.239  -6.706  4.667   1.00 6.38   ? 171 A4P A C2R   1 
HETATM 1279 N  N3R   . A4P D 4 .   ? -0.508  -8.068  4.800   1.00 5.85   ? 171 A4P A N3R   1 
HETATM 1280 C  C4R   . A4P D 4 .   ? 0.676   -8.828  4.983   1.00 3.89   ? 171 A4P A C4R   1 
HETATM 1281 O  "O5'" . A4P D 4 .   ? -2.345  -11.506 2.211   1.00 14.48  ? 171 A4P A "O5'" 1 
HETATM 1282 C  "C5'" . A4P D 4 .   ? -2.183  -12.841 2.876   1.00 20.19  ? 171 A4P A "C5'" 1 
HETATM 1283 C  "C4'" . A4P D 4 .   ? -1.609  -12.578 4.221   1.00 12.51  ? 171 A4P A "C4'" 1 
HETATM 1284 O  "O4'" . A4P D 4 .   ? -0.336  -11.909 4.074   1.00 15.55  ? 171 A4P A "O4'" 1 
HETATM 1285 C  "C3'" . A4P D 4 .   ? -2.364  -11.668 5.108   1.00 13.79  ? 171 A4P A "C3'" 1 
HETATM 1286 O  "O3'" . A4P D 4 .   ? -3.457  -12.295 5.726   1.00 9.97   ? 171 A4P A "O3'" 1 
HETATM 1287 C  "C2'" . A4P D 4 .   ? -1.312  -11.173 6.091   1.00 13.64  ? 171 A4P A "C2'" 1 
HETATM 1288 O  "O2'" . A4P D 4 .   ? -1.322  -11.963 7.311   1.00 16.95  ? 171 A4P A "O2'" 1 
HETATM 1289 P  PA    . A4P D 4 .   ? -3.108  -11.403 0.806   1.00 20.94  ? 171 A4P A PA    1 
HETATM 1290 O  O1A   . A4P D 4 .   ? -2.807  -10.023 0.341   1.00 20.67  ? 171 A4P A O1A   1 
HETATM 1291 O  O2A   . A4P D 4 .   ? -4.588  -11.703 0.897   1.00 15.78  ? 171 A4P A O2A   1 
HETATM 1292 O  O3A   . A4P D 4 .   ? -2.482  -12.529 -0.039  1.00 18.59  ? 171 A4P A O3A   1 
HETATM 1293 P  PB    . A4P D 4 .   ? -1.117  -12.261 -0.919  1.00 17.22  ? 171 A4P A PB    1 
HETATM 1294 O  O1B   . A4P D 4 .   ? -0.164  -13.426 -0.834  1.00 18.45  ? 171 A4P A O1B   1 
HETATM 1295 O  O2B   . A4P D 4 .   ? -0.590  -10.870 -0.689  1.00 8.56   ? 171 A4P A O2B   1 
HETATM 1296 O  O3B   . A4P D 4 .   ? -1.693  -12.355 -2.456  1.00 11.53  ? 171 A4P A O3B   1 
HETATM 1297 P  PG    . A4P D 4 .   ? -2.028  -11.181 -3.287  1.00 11.22  ? 171 A4P A PG    1 
HETATM 1298 O  O1G   . A4P D 4 .   ? -2.555  -10.035 -2.419  1.00 13.77  ? 171 A4P A O1G   1 
HETATM 1299 O  O2G   . A4P D 4 .   ? -2.992  -11.654 -4.327  1.00 15.93  ? 171 A4P A O2G   1 
HETATM 1300 O  O3G   . A4P D 4 .   ? -0.681  -10.674 -3.928  1.00 13.33  ? 171 A4P A O3G   1 
HETATM 1301 P  PD    . A4P D 4 .   ? 0.010   -9.266  -3.564  1.00 25.14  ? 171 A4P A PD    1 
HETATM 1302 O  O1D   . A4P D 4 .   ? 1.478   -9.529  -3.819  1.00 23.80  ? 171 A4P A O1D   1 
HETATM 1303 O  O2D   . A4P D 4 .   ? -0.168  -9.144  -2.066  1.00 38.54  ? 171 A4P A O2D   1 
HETATM 1304 O  O3D   . A4P D 4 .   ? -0.593  -8.081  -4.253  1.00 29.32  ? 171 A4P A O3D   1 
HETATM 1305 N  N1    . A4P D 4 .   ? -1.056  -4.783  -9.540  1.00 3.36   ? 171 A4P A N1    1 
HETATM 1306 C  C2    . A4P D 4 .   ? -1.155  -3.467  -9.429  1.00 4.41   ? 171 A4P A C2    1 
HETATM 1307 N  N2    . A4P D 4 .   ? -1.025  -2.639  -10.437 1.00 6.14   ? 171 A4P A N2    1 
HETATM 1308 N  N3    . A4P D 4 .   ? -1.415  -2.944  -8.143  1.00 6.75   ? 171 A4P A N3    1 
HETATM 1309 C  C4    . A4P D 4 .   ? -1.579  -3.667  -6.975  1.00 11.46  ? 171 A4P A C4    1 
HETATM 1310 O  O4    . A4P D 4 .   ? -1.809  -3.009  -5.897  1.00 15.84  ? 171 A4P A O4    1 
HETATM 1311 N  N5    . A4P D 4 .   ? -1.608  -5.998  -6.020  1.00 6.22   ? 171 A4P A N5    1 
HETATM 1312 C  C6    . A4P D 4 .   ? -1.486  -7.350  -6.255  1.00 20.35  ? 171 A4P A C6    1 
HETATM 1313 C  C6A   . A4P D 4 .   ? -1.623  -8.321  -5.152  1.00 30.69  ? 171 A4P A C6A   1 
HETATM 1314 C  C7    . A4P D 4 .   ? -1.207  -7.928  -7.632  1.00 24.72  ? 171 A4P A C7    1 
HETATM 1315 N  N8    . A4P D 4 .   ? -1.097  -6.971  -8.576  1.00 15.14  ? 171 A4P A N8    1 
HETATM 1316 C  C9    . A4P D 4 .   ? -1.195  -5.620  -8.477  1.00 5.36   ? 171 A4P A C9    1 
HETATM 1317 C  C10   . A4P D 4 .   ? -1.467  -5.111  -7.112  1.00 6.07   ? 171 A4P A C10   1 
HETATM 1318 O  O     . HOH E 5 .   ? -0.413  -8.393  0.477   1.00 14.09  ? 201 HOH A O     1 
HETATM 1319 O  O     . HOH E 5 .   ? -2.552  -7.265  -0.720  1.00 19.48  ? 202 HOH A O     1 
HETATM 1320 O  O     . HOH E 5 .   ? -6.472  12.030  9.568   1.00 8.37   ? 203 HOH A O     1 
HETATM 1321 O  O     . HOH E 5 .   ? 9.485   -0.836  7.878   1.00 6.10   ? 204 HOH A O     1 
HETATM 1322 O  O     . HOH E 5 .   ? 5.884   -2.183  -11.204 1.00 5.86   ? 205 HOH A O     1 
HETATM 1323 O  O     . HOH E 5 .   ? 0.187   1.278   -3.858  1.00 13.33  ? 206 HOH A O     1 
HETATM 1324 O  O     . HOH E 5 .   ? -14.943 0.770   4.835   1.00 14.53  ? 207 HOH A O     1 
HETATM 1325 O  O     . HOH E 5 .   ? 1.680   -2.907  -12.216 1.00 25.17  ? 208 HOH A O     1 
HETATM 1326 O  O     . HOH E 5 .   ? 8.083   12.319  4.711   1.00 26.00  ? 209 HOH A O     1 
HETATM 1327 O  O     . HOH E 5 .   ? 11.560  -6.252  -2.235  1.00 15.29  ? 210 HOH A O     1 
HETATM 1328 O  O     . HOH E 5 .   ? -11.952 9.537   -11.696 1.00 22.02  ? 211 HOH A O     1 
HETATM 1329 O  O     . HOH E 5 .   ? -4.859  -5.425  5.808   1.00 30.44  ? 212 HOH A O     1 
HETATM 1330 O  O     . HOH E 5 .   ? 6.511   1.288   -12.550 1.00 15.28  ? 213 HOH A O     1 
HETATM 1331 O  O     . HOH E 5 .   ? 7.850   -0.582  -14.073 1.00 24.26  ? 214 HOH A O     1 
HETATM 1332 O  O     . HOH E 5 .   ? 18.117  -0.808  10.178  1.00 22.78  ? 215 HOH A O     1 
HETATM 1333 O  O     . HOH E 5 .   ? 0.163   -6.285  20.072  1.00 8.67   ? 216 HOH A O     1 
HETATM 1334 O  O     . HOH E 5 .   ? -14.994 3.638   4.839   1.00 21.24  ? 217 HOH A O     1 
HETATM 1335 O  O     . HOH E 5 .   ? 0.834   -10.561 1.801   1.00 15.85  ? 218 HOH A O     1 
HETATM 1336 O  O     . HOH E 5 .   ? 16.967  0.293   -8.860  1.00 14.05  ? 219 HOH A O     1 
HETATM 1337 O  O     . HOH E 5 .   ? 20.785  3.103   -1.853  1.00 28.81  ? 220 HOH A O     1 
HETATM 1338 O  O     . HOH E 5 .   ? -3.618  13.879  5.475   1.00 17.45  ? 221 HOH A O     1 
HETATM 1339 O  O     . HOH E 5 .   ? -10.800 1.015   13.194  1.00 12.53  ? 222 HOH A O     1 
HETATM 1340 O  O     . HOH E 5 .   ? -6.051  -4.276  17.173  1.00 16.89  ? 223 HOH A O     1 
HETATM 1341 O  O     . HOH E 5 .   ? 0.474   3.767   -14.838 1.00 12.74  ? 224 HOH A O     1 
HETATM 1342 O  O     . HOH E 5 .   ? 12.002  -10.441 -4.894  1.00 5.09   ? 225 HOH A O     1 
HETATM 1343 O  O     . HOH E 5 .   ? 8.463   12.120  -6.715  1.00 22.76  ? 226 HOH A O     1 
HETATM 1344 O  O     . HOH E 5 .   ? 10.896  3.301   -18.276 1.00 20.49  ? 227 HOH A O     1 
HETATM 1345 O  O     . HOH E 5 .   ? -2.479  10.001  16.255  1.00 15.96  ? 228 HOH A O     1 
HETATM 1346 O  O     . HOH E 5 .   ? 1.071   -9.841  17.983  1.00 23.29  ? 229 HOH A O     1 
HETATM 1347 O  O     . HOH E 5 .   ? 15.375  9.752   5.835   1.00 11.25  ? 230 HOH A O     1 
HETATM 1348 O  O     . HOH E 5 .   ? 2.798   3.559   19.939  1.00 15.51  ? 231 HOH A O     1 
HETATM 1349 O  O     . HOH E 5 .   ? -12.693 -8.459  -4.084  1.00 15.57  ? 232 HOH A O     1 
HETATM 1350 O  O     . HOH E 5 .   ? 2.900   -6.428  16.255  1.00 10.46  ? 233 HOH A O     1 
HETATM 1351 O  O     . HOH E 5 .   ? 11.720  -8.882  6.628   1.00 40.69  ? 234 HOH A O     1 
HETATM 1352 O  O     . HOH E 5 .   ? 4.975   -15.426 14.761  1.00 52.24  ? 235 HOH A O     1 
HETATM 1353 O  O     . HOH E 5 .   ? -3.438  -12.284 9.063   1.00 13.39  ? 236 HOH A O     1 
HETATM 1354 O  O     . HOH E 5 .   ? -4.402  9.056   23.582  1.00 24.03  ? 237 HOH A O     1 
HETATM 1355 O  O     . HOH E 5 .   ? 3.614   0.659   -13.891 1.00 15.41  ? 238 HOH A O     1 
HETATM 1356 O  O     . HOH E 5 .   ? 11.392  5.742   -14.893 1.00 19.29  ? 239 HOH A O     1 
HETATM 1357 O  O     . HOH E 5 .   ? -14.910 -0.881  -11.432 1.00 10.23  ? 240 HOH A O     1 
HETATM 1358 O  O     . HOH E 5 .   ? -10.273 0.102   -13.014 1.00 13.53  ? 241 HOH A O     1 
HETATM 1359 O  O     . HOH E 5 .   ? 10.522  -8.268  4.044   1.00 15.76  ? 242 HOH A O     1 
HETATM 1360 O  O     . HOH E 5 .   ? -10.223 9.937   6.932   1.00 26.41  ? 243 HOH A O     1 
HETATM 1361 O  O     . HOH E 5 .   ? 12.860  -3.815  13.721  1.00 17.88  ? 244 HOH A O     1 
HETATM 1362 O  O     . HOH E 5 .   ? -10.658 -1.275  11.492  1.00 32.08  ? 245 HOH A O     1 
HETATM 1363 O  O     . HOH E 5 .   ? -5.919  -13.081 -6.384  1.00 16.23  ? 246 HOH A O     1 
HETATM 1364 O  O     . HOH E 5 .   ? 5.584   7.734   -11.691 1.00 17.69  ? 247 HOH A O     1 
HETATM 1365 O  O     . HOH E 5 .   ? -1.756  -9.375  18.323  1.00 21.96  ? 248 HOH A O     1 
HETATM 1366 O  O     . HOH E 5 .   ? 14.053  -6.793  -2.466  1.00 19.65  ? 249 HOH A O     1 
HETATM 1367 O  O     . HOH E 5 .   ? -7.348  -12.594 -13.988 1.00 26.83  ? 250 HOH A O     1 
HETATM 1368 O  O     . HOH E 5 .   ? -6.802  -12.295 -2.362  1.00 31.48  ? 251 HOH A O     1 
HETATM 1369 O  O     . HOH E 5 .   ? -0.824  11.423  -15.891 1.00 46.17  ? 252 HOH A O     1 
HETATM 1370 O  O     . HOH E 5 .   ? 3.115   2.826   -15.548 1.00 21.95  ? 253 HOH A O     1 
HETATM 1371 O  O     . HOH E 5 .   ? 11.118  -10.111 2.748   1.00 16.51  ? 254 HOH A O     1 
HETATM 1372 O  O     . HOH E 5 .   ? -10.412 9.771   -13.808 1.00 17.52  ? 255 HOH A O     1 
HETATM 1373 O  O     . HOH E 5 .   ? -8.720  -8.975  5.216   1.00 19.62  ? 256 HOH A O     1 
HETATM 1374 O  O     . HOH E 5 .   ? -9.064  -10.165 2.922   1.00 46.87  ? 257 HOH A O     1 
HETATM 1375 O  O     . HOH E 5 .   ? 17.696  -2.747  -7.689  1.00 47.19  ? 258 HOH A O     1 
HETATM 1376 O  O     . HOH E 5 .   ? 3.442   -11.083 1.604   1.00 17.09  ? 259 HOH A O     1 
HETATM 1377 O  O     . HOH E 5 .   ? 8.699   3.215   -19.343 1.00 18.75  ? 260 HOH A O     1 
HETATM 1378 O  O     . HOH E 5 .   ? -8.189  8.077   14.490  1.00 11.87  ? 261 HOH A O     1 
HETATM 1379 O  O     . HOH E 5 .   ? 12.693  1.891   7.116   1.00 28.54  ? 262 HOH A O     1 
HETATM 1380 O  O     . HOH E 5 .   ? 6.574   9.695   -7.326  1.00 10.32  ? 263 HOH A O     1 
HETATM 1381 O  O     . HOH E 5 .   ? 8.254   1.176   -21.578 1.00 29.05  ? 264 HOH A O     1 
HETATM 1382 O  O     . HOH E 5 .   ? -7.532  8.673   16.637  1.00 33.31  ? 265 HOH A O     1 
HETATM 1383 O  O     . HOH E 5 .   ? -4.879  13.910  9.859   1.00 13.87  ? 266 HOH A O     1 
HETATM 1384 O  O     . HOH E 5 .   ? 4.716   -8.973  2.893   1.00 15.69  ? 267 HOH A O     1 
HETATM 1385 O  O     . HOH E 5 .   ? -8.410  11.967  7.560   1.00 19.60  ? 268 HOH A O     1 
HETATM 1386 O  O     . HOH E 5 .   ? 0.838   -11.572 -17.391 1.00 19.40  ? 269 HOH A O     1 
HETATM 1387 O  O     . HOH E 5 .   ? 13.309  6.529   5.793   1.00 24.58  ? 270 HOH A O     1 
HETATM 1388 O  O     . HOH E 5 .   ? 3.692   -11.852 -4.388  1.00 16.52  ? 271 HOH A O     1 
HETATM 1389 O  O     . HOH E 5 .   ? 11.222  -5.638  0.633   1.00 29.83  ? 272 HOH A O     1 
HETATM 1390 O  O     . HOH E 5 .   ? 5.285   -7.302  15.176  1.00 16.89  ? 273 HOH A O     1 
HETATM 1391 O  O     . HOH E 5 .   ? 8.951   13.149  -4.379  1.00 23.31  ? 274 HOH A O     1 
HETATM 1392 O  O     . HOH E 5 .   ? 15.137  -9.994  9.351   1.00 47.10  ? 275 HOH A O     1 
HETATM 1393 O  O     . HOH E 5 .   ? -7.941  10.577  14.120  1.00 37.84  ? 276 HOH A O     1 
HETATM 1394 O  O     . HOH E 5 .   ? 9.888   -10.108 13.425  1.00 20.31  ? 277 HOH A O     1 
HETATM 1395 O  O     . HOH E 5 .   ? 3.171   10.725  -12.567 1.00 25.41  ? 278 HOH A O     1 
HETATM 1396 O  O     . HOH E 5 .   ? -3.648  -15.030 6.282   1.00 33.49  ? 279 HOH A O     1 
HETATM 1397 O  O     . HOH E 5 .   ? -4.915  -15.035 -3.131  1.00 29.23  ? 280 HOH A O     1 
HETATM 1398 O  O     . HOH E 5 .   ? 6.461   -14.006 18.081  1.00 89.80  ? 281 HOH A O     1 
HETATM 1399 O  O     . HOH E 5 .   ? 8.809   -13.073 6.673   1.00 33.84  ? 282 HOH A O     1 
HETATM 1400 O  O     . HOH E 5 .   ? -11.598 2.578   10.877  1.00 20.55  ? 283 HOH A O     1 
HETATM 1401 O  O     . HOH E 5 .   ? 1.699   -11.675 19.424  1.00 40.68  ? 284 HOH A O     1 
HETATM 1402 O  O     . HOH E 5 .   ? -4.345  16.656  11.143  1.00 20.56  ? 285 HOH A O     1 
HETATM 1403 O  O     . HOH E 5 .   ? 16.002  -0.001  -16.355 1.00 10.34  ? 286 HOH A O     1 
HETATM 1404 O  O     . HOH E 5 .   ? -8.366  11.013  11.576  1.00 8.91   ? 287 HOH A O     1 
HETATM 1405 O  O     . HOH E 5 .   ? -3.350  -4.403  -19.145 1.00 19.90  ? 288 HOH A O     1 
HETATM 1406 O  O     . HOH E 5 .   ? -12.718 6.221   14.844  1.00 51.67  ? 289 HOH A O     1 
HETATM 1407 O  O     . HOH E 5 .   ? 10.797  -9.184  -0.293  1.00 20.11  ? 290 HOH A O     1 
HETATM 1408 O  O     . HOH E 5 .   ? -1.994  -8.771  -10.914 1.00 14.52  ? 291 HOH A O     1 
HETATM 1409 O  O     . HOH E 5 .   ? -10.368 -12.628 -13.628 1.00 39.98  ? 292 HOH A O     1 
HETATM 1410 O  O     . HOH E 5 .   ? 2.477   -7.049  18.965  1.00 19.37  ? 293 HOH A O     1 
HETATM 1411 O  O     . HOH E 5 .   ? 5.417   11.804  5.163   1.00 41.41  ? 294 HOH A O     1 
HETATM 1412 O  O     . HOH E 5 .   ? 15.297  8.155   -0.842  1.00 25.88  ? 295 HOH A O     1 
HETATM 1413 O  O     . HOH E 5 .   ? 3.203   -0.140  -11.192 1.00 13.12  ? 296 HOH A O     1 
HETATM 1414 O  O     . HOH E 5 .   ? 4.417   5.207   18.101  1.00 16.33  ? 297 HOH A O     1 
HETATM 1415 O  O     . HOH E 5 .   ? 2.912   -10.481 -2.299  1.00 26.84  ? 298 HOH A O     1 
HETATM 1416 O  O     . HOH E 5 .   ? -9.440  1.491   -15.081 1.00 21.89  ? 299 HOH A O     1 
HETATM 1417 O  O     . HOH E 5 .   ? 4.447   -13.176 6.918   1.00 15.69  ? 300 HOH A O     1 
HETATM 1418 O  O     . HOH E 5 .   ? 15.699  9.330   -9.231  1.00 39.42  ? 301 HOH A O     1 
HETATM 1419 O  O     . HOH E 5 .   ? -8.925  -0.380  -16.173 1.00 47.20  ? 302 HOH A O     1 
HETATM 1420 O  O     . HOH E 5 .   ? 9.682   -13.054 3.005   1.00 35.10  ? 303 HOH A O     1 
HETATM 1421 O  O     . HOH E 5 .   ? -3.519  -8.229  5.443   1.00 20.91  ? 304 HOH A O     1 
HETATM 1422 O  O     . HOH E 5 .   ? -4.884  11.874  -2.877  1.00 21.80  ? 305 HOH A O     1 
HETATM 1423 O  O     . HOH E 5 .   ? 3.514   -11.924 21.511  1.00 26.70  ? 306 HOH A O     1 
HETATM 1424 O  O     . HOH E 5 .   ? 5.946   -10.670 17.550  1.00 44.79  ? 307 HOH A O     1 
HETATM 1425 O  O     . HOH E 5 .   ? 19.232  -0.839  -15.402 1.00 24.85  ? 308 HOH A O     1 
HETATM 1426 O  O     . HOH E 5 .   ? -12.426 -1.888  -12.161 1.00 23.18  ? 309 HOH A O     1 
HETATM 1427 O  O     . HOH E 5 .   ? -4.431  12.244  -7.200  1.00 16.53  ? 310 HOH A O     1 
HETATM 1428 O  O     . HOH E 5 .   ? -3.548  -7.118  1.456   1.00 22.67  ? 311 HOH A O     1 
HETATM 1429 O  O     . HOH E 5 .   ? 0.443   -6.228  -2.555  1.00 14.68  ? 312 HOH A O     1 
HETATM 1430 O  O     . HOH E 5 .   ? -2.603  -17.800 -1.250  1.00 22.54  ? 313 HOH A O     1 
HETATM 1431 O  O     . HOH E 5 .   ? -16.584 6.320   -1.336  1.00 28.93  ? 314 HOH A O     1 
HETATM 1432 O  O     . HOH E 5 .   ? 21.921  -1.890  1.067   1.00 28.05  ? 315 HOH A O     1 
HETATM 1433 O  O     . HOH E 5 .   ? -5.349  10.898  -9.892  1.00 17.34  ? 316 HOH A O     1 
HETATM 1434 O  O     . HOH E 5 .   ? 20.432  -2.763  -6.866  1.00 23.60  ? 317 HOH A O     1 
HETATM 1435 O  O     . HOH E 5 .   ? 13.410  9.037   6.927   1.00 32.18  ? 318 HOH A O     1 
HETATM 1436 O  O     . HOH E 5 .   ? 21.433  1.278   -13.276 1.00 28.79  ? 319 HOH A O     1 
HETATM 1437 O  O     . HOH E 5 .   ? 7.857   5.745   16.759  1.00 75.15  ? 320 HOH A O     1 
HETATM 1438 O  O     . HOH E 5 .   ? -2.830  -1.582  -19.336 1.00 49.91  ? 321 HOH A O     1 
HETATM 1439 O  O     . HOH E 5 .   ? -1.194  -18.888 -3.656  1.00 25.30  ? 322 HOH A O     1 
HETATM 1440 O  O     . HOH E 5 .   ? 5.477   -9.734  20.011  1.00 83.54  ? 323 HOH A O     1 
HETATM 1441 O  O     . HOH E 5 .   ? -13.600 -0.846  10.898  1.00 46.60  ? 324 HOH A O     1 
HETATM 1442 O  O     . HOH E 5 .   ? 14.190  13.344  -8.034  1.00 36.24  ? 325 HOH A O     1 
HETATM 1443 O  O     . HOH E 5 .   ? -2.362  -11.564 -19.014 1.00 37.09  ? 326 HOH A O     1 
HETATM 1444 O  O     . HOH E 5 .   ? 2.208   -14.508 18.303  1.00 22.32  ? 327 HOH A O     1 
HETATM 1445 O  O     . HOH E 5 .   ? 7.935   -5.662  15.417  1.00 39.03  ? 328 HOH A O     1 
HETATM 1446 O  O     . HOH E 5 .   ? -11.694 -10.282 -14.534 1.00 41.53  ? 329 HOH A O     1 
HETATM 1447 O  O     . HOH E 5 .   ? 3.041   2.038   17.007  1.00 24.76  ? 330 HOH A O     1 
HETATM 1448 O  O     . HOH E 5 .   ? -6.622  12.498  -5.154  1.00 24.76  ? 331 HOH A O     1 
HETATM 1449 O  O     . HOH E 5 .   ? 16.770  -4.893  6.280   1.00 22.95  ? 332 HOH A O     1 
HETATM 1450 O  O     . HOH E 5 .   ? -14.169 -2.473  -14.538 1.00 27.65  ? 333 HOH A O     1 
HETATM 1451 O  O     . HOH E 5 .   ? -17.289 -3.240  -1.384  1.00 34.78  ? 334 HOH A O     1 
HETATM 1452 O  O     . HOH E 5 .   ? 2.711   -13.591 -2.281  1.00 25.19  ? 335 HOH A O     1 
HETATM 1453 O  O     . HOH E 5 .   ? -1.862  -2.730  -1.629  1.00 27.93  ? 336 HOH A O     1 
HETATM 1454 O  O     . HOH E 5 .   ? 6.372   -4.917  17.920  1.00 72.08  ? 337 HOH A O     1 
HETATM 1455 O  O     . HOH E 5 .   ? -19.477 -5.545  4.439   1.00 65.33  ? 338 HOH A O     1 
HETATM 1456 O  O     . HOH E 5 .   ? 10.470  3.042   7.168   1.00 26.92  ? 339 HOH A O     1 
HETATM 1457 O  O     . HOH E 5 .   ? -9.006  -14.989 -15.339 1.00 41.12  ? 340 HOH A O     1 
HETATM 1458 O  O     . HOH E 5 .   ? 7.241   1.365   17.167  1.00 33.67  ? 341 HOH A O     1 
HETATM 1459 O  O     . HOH E 5 .   ? -19.306 -8.367  1.457   1.00 34.02  ? 342 HOH A O     1 
HETATM 1460 O  O     . HOH E 5 .   ? -5.219  -8.710  3.353   1.00 20.04  ? 343 HOH A O     1 
HETATM 1461 O  O     . HOH E 5 .   ? -17.861 -6.687  -3.612  1.00 35.44  ? 344 HOH A O     1 
HETATM 1462 O  O     . HOH E 5 .   ? 14.438  14.534  -11.078 1.00 43.39  ? 345 HOH A O     1 
HETATM 1463 O  O     . HOH E 5 .   ? 7.602   -16.531 -3.197  1.00 34.65  ? 346 HOH A O     1 
HETATM 1464 O  O     . HOH E 5 .   ? -12.016 10.061  8.942   1.00 36.11  ? 347 HOH A O     1 
HETATM 1465 O  O     . HOH E 5 .   ? -19.551 -5.526  -0.524  1.00 62.98  ? 348 HOH A O     1 
HETATM 1466 O  O     . HOH E 5 .   ? 6.467   -2.222  17.213  1.00 19.47  ? 349 HOH A O     1 
HETATM 1467 O  O     . HOH E 5 .   ? -19.633 8.108   -2.090  1.00 28.51  ? 350 HOH A O     1 
HETATM 1468 O  O     . HOH E 5 .   ? 15.973  5.825   -14.074 1.00 30.35  ? 351 HOH A O     1 
HETATM 1469 O  O     . HOH E 5 .   ? -5.809  -11.774 4.199   1.00 37.55  ? 352 HOH A O     1 
HETATM 1470 O  O     . HOH E 5 .   ? 8.316   6.818   12.509  1.00 58.85  ? 353 HOH A O     1 
HETATM 1471 O  O     . HOH E 5 .   ? -16.010 5.882   11.883  1.00 37.68  ? 354 HOH A O     1 
HETATM 1472 O  O     . HOH E 5 .   ? 5.909   14.505  -6.627  1.00 33.79  ? 355 HOH A O     1 
HETATM 1473 O  O     . HOH E 5 .   ? -20.390 7.358   1.003   1.00 24.90  ? 356 HOH A O     1 
HETATM 1474 O  O     . HOH E 5 .   ? 17.232  3.424   7.752   1.00 27.50  ? 357 HOH A O     1 
HETATM 1475 O  O     . HOH E 5 .   ? -4.578  -14.682 -17.209 1.00 23.70  ? 358 HOH A O     1 
HETATM 1476 O  O     . HOH E 5 .   ? -15.508 -9.305  2.069   1.00 64.61  ? 359 HOH A O     1 
HETATM 1477 O  O     . HOH E 5 .   ? -2.416  1.642   -17.374 1.00 35.84  ? 360 HOH A O     1 
HETATM 1478 O  O     . HOH E 5 .   ? 13.411  8.513   -8.686  1.00 36.69  ? 361 HOH A O     1 
HETATM 1479 O  O     . HOH E 5 .   ? -11.472 -8.886  -16.567 1.00 50.91  ? 362 HOH A O     1 
HETATM 1480 O  O     . HOH E 5 .   ? -3.893  -17.904 8.155   1.00 31.83  ? 363 HOH A O     1 
HETATM 1481 O  O     . HOH E 5 .   ? -18.721 -4.050  -3.793  1.00 47.28  ? 364 HOH A O     1 
HETATM 1482 O  O     . HOH E 5 .   ? -6.016  -4.146  -17.656 1.00 43.75  ? 365 HOH A O     1 
HETATM 1483 O  O     . HOH E 5 .   ? -7.001  -16.568 -14.449 1.00 56.56  ? 366 HOH A O     1 
HETATM 1484 O  O     . HOH E 5 .   ? 13.088  -6.060  2.423   1.00 30.19  ? 367 HOH A O     1 
# 
loop_
_pdbx_poly_seq_scheme.asym_id 
_pdbx_poly_seq_scheme.entity_id 
_pdbx_poly_seq_scheme.seq_id 
_pdbx_poly_seq_scheme.mon_id 
_pdbx_poly_seq_scheme.ndb_seq_num 
_pdbx_poly_seq_scheme.pdb_seq_num 
_pdbx_poly_seq_scheme.auth_seq_num 
_pdbx_poly_seq_scheme.pdb_mon_id 
_pdbx_poly_seq_scheme.auth_mon_id 
_pdbx_poly_seq_scheme.pdb_strand_id 
_pdbx_poly_seq_scheme.pdb_ins_code 
_pdbx_poly_seq_scheme.hetero 
A 1 1   THR 1   1   1   THR THR A . n 
A 1 2   VAL 2   2   2   VAL VAL A . n 
A 1 3   ALA 3   3   3   ALA ALA A . n 
A 1 4   TYR 4   4   4   TYR TYR A . n 
A 1 5   ILE 5   5   5   ILE ILE A . n 
A 1 6   ALA 6   6   6   ALA ALA A . n 
A 1 7   ILE 7   7   7   ILE ILE A . n 
A 1 8   GLY 8   8   8   GLY GLY A . n 
A 1 9   SER 9   9   9   SER SER A . n 
A 1 10  ASN 10  10  10  ASN ASN A . n 
A 1 11  LEU 11  11  11  LEU LEU A . n 
A 1 12  ALA 12  12  12  ALA ALA A . n 
A 1 13  SER 13  13  13  SER SER A . n 
A 1 14  PRO 14  14  14  PRO PRO A . n 
A 1 15  LEU 15  15  15  LEU LEU A . n 
A 1 16  GLU 16  16  16  GLU GLU A . n 
A 1 17  GLN 17  17  17  GLN GLN A . n 
A 1 18  VAL 18  18  18  VAL VAL A . n 
A 1 19  ASN 19  19  19  ASN ASN A . n 
A 1 20  ALA 20  20  20  ALA ALA A . n 
A 1 21  ALA 21  21  21  ALA ALA A . n 
A 1 22  LEU 22  22  22  LEU LEU A . n 
A 1 23  LYS 23  23  23  LYS LYS A . n 
A 1 24  ALA 24  24  24  ALA ALA A . n 
A 1 25  LEU 25  25  25  LEU LEU A . n 
A 1 26  GLY 26  26  26  GLY GLY A . n 
A 1 27  ASP 27  27  27  ASP ASP A . n 
A 1 28  ILE 28  28  28  ILE ILE A . n 
A 1 29  PRO 29  29  29  PRO PRO A . n 
A 1 30  GLU 30  30  30  GLU GLU A . n 
A 1 31  SER 31  31  31  SER SER A . n 
A 1 32  HIS 32  32  32  HIS HIS A . n 
A 1 33  ILE 33  33  33  ILE ILE A . n 
A 1 34  LEU 34  34  34  LEU LEU A . n 
A 1 35  THR 35  35  35  THR THR A . n 
A 1 36  VAL 36  36  36  VAL VAL A . n 
A 1 37  SER 37  37  37  SER SER A . n 
A 1 38  SER 38  38  38  SER SER A . n 
A 1 39  PHE 39  39  39  PHE PHE A . n 
A 1 40  TYR 40  40  40  TYR TYR A . n 
A 1 41  ARG 41  41  41  ARG ARG A . n 
A 1 42  THR 42  42  42  THR THR A . n 
A 1 43  PRO 43  43  43  PRO PRO A . n 
A 1 44  PRO 44  44  44  PRO PRO A . n 
A 1 45  LEU 45  45  45  LEU LEU A . n 
A 1 46  GLY 46  46  46  GLY GLY A . n 
A 1 47  PRO 47  47  47  PRO PRO A . n 
A 1 48  GLN 48  48  48  GLN GLN A . n 
A 1 49  ASP 49  49  49  ASP ASP A . n 
A 1 50  GLN 50  50  50  GLN GLN A . n 
A 1 51  PRO 51  51  51  PRO PRO A . n 
A 1 52  ASP 52  52  52  ASP ASP A . n 
A 1 53  TYR 53  53  53  TYR TYR A . n 
A 1 54  LEU 54  54  54  LEU LEU A . n 
A 1 55  ASN 55  55  55  ASN ASN A . n 
A 1 56  ALA 56  56  56  ALA ALA A . n 
A 1 57  ALA 57  57  57  ALA ALA A . n 
A 1 58  VAL 58  58  58  VAL VAL A . n 
A 1 59  ALA 59  59  59  ALA ALA A . n 
A 1 60  LEU 60  60  60  LEU LEU A . n 
A 1 61  GLU 61  61  61  GLU GLU A . n 
A 1 62  THR 62  62  62  THR THR A . n 
A 1 63  SER 63  63  63  SER SER A . n 
A 1 64  LEU 64  64  64  LEU LEU A . n 
A 1 65  ALA 65  65  65  ALA ALA A . n 
A 1 66  PRO 66  66  66  PRO PRO A . n 
A 1 67  GLU 67  67  67  GLU GLU A . n 
A 1 68  GLU 68  68  68  GLU GLU A . n 
A 1 69  LEU 69  69  69  LEU LEU A . n 
A 1 70  LEU 70  70  70  LEU LEU A . n 
A 1 71  ASN 71  71  71  ASN ASN A . n 
A 1 72  HIS 72  72  72  HIS HIS A . n 
A 1 73  THR 73  73  73  THR THR A . n 
A 1 74  GLN 74  74  74  GLN GLN A . n 
A 1 75  ARG 75  75  75  ARG ARG A . n 
A 1 76  ILE 76  76  76  ILE ILE A . n 
A 1 77  GLU 77  77  77  GLU GLU A . n 
A 1 78  LEU 78  78  78  LEU LEU A . n 
A 1 79  GLN 79  79  79  GLN GLN A . n 
A 1 80  GLN 80  80  80  GLN GLN A . n 
A 1 81  GLY 81  81  81  GLY GLY A . n 
A 1 82  ARG 82  82  82  ARG ARG A . n 
A 1 83  VAL 83  83  83  VAL VAL A . n 
A 1 84  ARG 84  84  84  ARG ARG A . n 
A 1 85  LYS 85  85  85  LYS LYS A . n 
A 1 86  ALA 86  86  86  ALA ALA A . n 
A 1 87  GLU 87  87  87  GLU GLU A . n 
A 1 88  ARG 88  88  88  ARG ARG A . n 
A 1 89  TRP 89  89  89  TRP TRP A . n 
A 1 90  GLY 90  90  90  GLY GLY A . n 
A 1 91  PRO 91  91  91  PRO PRO A . n 
A 1 92  ARG 92  92  92  ARG ARG A . n 
A 1 93  THR 93  93  93  THR THR A . n 
A 1 94  LEU 94  94  94  LEU LEU A . n 
A 1 95  ASP 95  95  95  ASP ASP A . n 
A 1 96  LEU 96  96  96  LEU LEU A . n 
A 1 97  ASP 97  97  97  ASP ASP A . n 
A 1 98  ILE 98  98  98  ILE ILE A . n 
A 1 99  MET 99  99  99  MET MET A . n 
A 1 100 LEU 100 100 100 LEU LEU A . n 
A 1 101 PHE 101 101 101 PHE PHE A . n 
A 1 102 GLY 102 102 102 GLY GLY A . n 
A 1 103 ASN 103 103 103 ASN ASN A . n 
A 1 104 GLU 104 104 104 GLU GLU A . n 
A 1 105 VAL 105 105 105 VAL VAL A . n 
A 1 106 ILE 106 106 106 ILE ILE A . n 
A 1 107 ASN 107 107 107 ASN ASN A . n 
A 1 108 THR 108 108 108 THR THR A . n 
A 1 109 GLU 109 109 109 GLU GLU A . n 
A 1 110 ARG 110 110 110 ARG ARG A . n 
A 1 111 LEU 111 111 111 LEU LEU A . n 
A 1 112 THR 112 112 112 THR THR A . n 
A 1 113 VAL 113 113 113 VAL VAL A . n 
A 1 114 PRO 114 114 114 PRO PRO A . n 
A 1 115 HIS 115 115 115 HIS HIS A . n 
A 1 116 TYR 116 116 116 TYR TYR A . n 
A 1 117 ASP 117 117 117 ASP ASP A . n 
A 1 118 MET 118 118 118 MET MET A . n 
A 1 119 LYS 119 119 119 LYS LYS A . n 
A 1 120 ASN 120 120 120 ASN ASN A . n 
A 1 121 ARG 121 121 121 ARG ARG A . n 
A 1 122 GLY 122 122 122 GLY GLY A . n 
A 1 123 PHE 123 123 123 PHE PHE A . n 
A 1 124 MET 124 124 124 MET MET A . n 
A 1 125 LEU 125 125 125 LEU LEU A . n 
A 1 126 TRP 126 126 126 TRP TRP A . n 
A 1 127 PRO 127 127 127 PRO PRO A . n 
A 1 128 LEU 128 128 128 LEU LEU A . n 
A 1 129 PHE 129 129 129 PHE PHE A . n 
A 1 130 GLU 130 130 130 GLU GLU A . n 
A 1 131 ILE 131 131 131 ILE ILE A . n 
A 1 132 ALA 132 132 132 ALA ALA A . n 
A 1 133 PRO 133 133 133 PRO PRO A . n 
A 1 134 GLU 134 134 134 GLU GLU A . n 
A 1 135 LEU 135 135 135 LEU LEU A . n 
A 1 136 VAL 136 136 136 VAL VAL A . n 
A 1 137 PHE 137 137 137 PHE PHE A . n 
A 1 138 PRO 138 138 138 PRO PRO A . n 
A 1 139 ASP 139 139 139 ASP ASP A . n 
A 1 140 GLY 140 140 140 GLY GLY A . n 
A 1 141 GLU 141 141 141 GLU GLU A . n 
A 1 142 MET 142 142 142 MET MET A . n 
A 1 143 LEU 143 143 143 LEU LEU A . n 
A 1 144 ARG 144 144 144 ARG ARG A . n 
A 1 145 GLN 145 145 145 GLN GLN A . n 
A 1 146 ILE 146 146 146 ILE ILE A . n 
A 1 147 LEU 147 147 147 LEU LEU A . n 
A 1 148 HIS 148 148 148 HIS HIS A . n 
A 1 149 THR 149 149 149 THR THR A . n 
A 1 150 ARG 150 150 150 ARG ARG A . n 
A 1 151 ALA 151 151 151 ALA ALA A . n 
A 1 152 PHE 152 152 152 PHE PHE A . n 
A 1 153 ASP 153 153 153 ASP ASP A . n 
A 1 154 LYS 154 154 154 LYS LYS A . n 
A 1 155 LEU 155 155 155 LEU LEU A . n 
A 1 156 ASN 156 156 156 ASN ASN A . n 
A 1 157 LYS 157 157 157 LYS LYS A . n 
A 1 158 TRP 158 158 158 TRP TRP A . n 
# 
loop_
_pdbx_nonpoly_scheme.asym_id 
_pdbx_nonpoly_scheme.entity_id 
_pdbx_nonpoly_scheme.mon_id 
_pdbx_nonpoly_scheme.ndb_seq_num 
_pdbx_nonpoly_scheme.pdb_seq_num 
_pdbx_nonpoly_scheme.auth_seq_num 
_pdbx_nonpoly_scheme.pdb_mon_id 
_pdbx_nonpoly_scheme.auth_mon_id 
_pdbx_nonpoly_scheme.pdb_strand_id 
_pdbx_nonpoly_scheme.pdb_ins_code 
B 2 MG  1   161 161 MG  MG  A . 
C 3 CL  1   162 162 CL  CL  A . 
D 4 A4P 1   171 171 A4P A4P A . 
E 5 HOH 1   201 201 HOH HOH A . 
E 5 HOH 2   202 202 HOH HOH A . 
E 5 HOH 3   203 203 HOH HOH A . 
E 5 HOH 4   204 204 HOH HOH A . 
E 5 HOH 5   205 205 HOH HOH A . 
E 5 HOH 6   206 206 HOH HOH A . 
E 5 HOH 7   207 207 HOH HOH A . 
E 5 HOH 8   208 208 HOH HOH A . 
E 5 HOH 9   209 209 HOH HOH A . 
E 5 HOH 10  210 210 HOH HOH A . 
E 5 HOH 11  211 211 HOH HOH A . 
E 5 HOH 12  212 212 HOH HOH A . 
E 5 HOH 13  213 213 HOH HOH A . 
E 5 HOH 14  214 214 HOH HOH A . 
E 5 HOH 15  215 215 HOH HOH A . 
E 5 HOH 16  216 216 HOH HOH A . 
E 5 HOH 17  217 217 HOH HOH A . 
E 5 HOH 18  218 218 HOH HOH A . 
E 5 HOH 19  219 219 HOH HOH A . 
E 5 HOH 20  220 220 HOH HOH A . 
E 5 HOH 21  221 221 HOH HOH A . 
E 5 HOH 22  222 222 HOH HOH A . 
E 5 HOH 23  223 223 HOH HOH A . 
E 5 HOH 24  224 224 HOH HOH A . 
E 5 HOH 25  225 225 HOH HOH A . 
E 5 HOH 26  226 226 HOH HOH A . 
E 5 HOH 27  227 227 HOH HOH A . 
E 5 HOH 28  228 228 HOH HOH A . 
E 5 HOH 29  229 229 HOH HOH A . 
E 5 HOH 30  230 230 HOH HOH A . 
E 5 HOH 31  231 231 HOH HOH A . 
E 5 HOH 32  232 232 HOH HOH A . 
E 5 HOH 33  233 233 HOH HOH A . 
E 5 HOH 34  234 234 HOH HOH A . 
E 5 HOH 35  235 235 HOH HOH A . 
E 5 HOH 36  236 236 HOH HOH A . 
E 5 HOH 37  237 237 HOH HOH A . 
E 5 HOH 38  238 238 HOH HOH A . 
E 5 HOH 39  239 239 HOH HOH A . 
E 5 HOH 40  240 240 HOH HOH A . 
E 5 HOH 41  241 241 HOH HOH A . 
E 5 HOH 42  242 242 HOH HOH A . 
E 5 HOH 43  243 243 HOH HOH A . 
E 5 HOH 44  244 244 HOH HOH A . 
E 5 HOH 45  245 245 HOH HOH A . 
E 5 HOH 46  246 246 HOH HOH A . 
E 5 HOH 47  247 247 HOH HOH A . 
E 5 HOH 48  248 248 HOH HOH A . 
E 5 HOH 49  249 249 HOH HOH A . 
E 5 HOH 50  250 250 HOH HOH A . 
E 5 HOH 51  251 251 HOH HOH A . 
E 5 HOH 52  252 252 HOH HOH A . 
E 5 HOH 53  253 253 HOH HOH A . 
E 5 HOH 54  254 254 HOH HOH A . 
E 5 HOH 55  255 255 HOH HOH A . 
E 5 HOH 56  256 256 HOH HOH A . 
E 5 HOH 57  257 257 HOH HOH A . 
E 5 HOH 58  258 258 HOH HOH A . 
E 5 HOH 59  259 259 HOH HOH A . 
E 5 HOH 60  260 260 HOH HOH A . 
E 5 HOH 61  261 261 HOH HOH A . 
E 5 HOH 62  262 262 HOH HOH A . 
E 5 HOH 63  263 263 HOH HOH A . 
E 5 HOH 64  264 264 HOH HOH A . 
E 5 HOH 65  265 265 HOH HOH A . 
E 5 HOH 66  266 266 HOH HOH A . 
E 5 HOH 67  267 267 HOH HOH A . 
E 5 HOH 68  268 268 HOH HOH A . 
E 5 HOH 69  269 269 HOH HOH A . 
E 5 HOH 70  270 270 HOH HOH A . 
E 5 HOH 71  271 271 HOH HOH A . 
E 5 HOH 72  272 272 HOH HOH A . 
E 5 HOH 73  273 273 HOH HOH A . 
E 5 HOH 74  274 274 HOH HOH A . 
E 5 HOH 75  275 275 HOH HOH A . 
E 5 HOH 76  276 276 HOH HOH A . 
E 5 HOH 77  277 277 HOH HOH A . 
E 5 HOH 78  278 278 HOH HOH A . 
E 5 HOH 79  279 279 HOH HOH A . 
E 5 HOH 80  280 280 HOH HOH A . 
E 5 HOH 81  281 281 HOH HOH A . 
E 5 HOH 82  282 282 HOH HOH A . 
E 5 HOH 83  283 283 HOH HOH A . 
E 5 HOH 84  284 284 HOH HOH A . 
E 5 HOH 85  285 285 HOH HOH A . 
E 5 HOH 86  286 286 HOH HOH A . 
E 5 HOH 87  287 287 HOH HOH A . 
E 5 HOH 88  288 288 HOH HOH A . 
E 5 HOH 89  289 289 HOH HOH A . 
E 5 HOH 90  290 290 HOH HOH A . 
E 5 HOH 91  291 291 HOH HOH A . 
E 5 HOH 92  292 292 HOH HOH A . 
E 5 HOH 93  293 293 HOH HOH A . 
E 5 HOH 94  294 294 HOH HOH A . 
E 5 HOH 95  295 295 HOH HOH A . 
E 5 HOH 96  296 296 HOH HOH A . 
E 5 HOH 97  297 297 HOH HOH A . 
E 5 HOH 98  298 298 HOH HOH A . 
E 5 HOH 99  299 299 HOH HOH A . 
E 5 HOH 100 300 300 HOH HOH A . 
E 5 HOH 101 301 301 HOH HOH A . 
E 5 HOH 102 302 302 HOH HOH A . 
E 5 HOH 103 303 303 HOH HOH A . 
E 5 HOH 104 304 304 HOH HOH A . 
E 5 HOH 105 305 305 HOH HOH A . 
E 5 HOH 106 306 306 HOH HOH A . 
E 5 HOH 107 307 307 HOH HOH A . 
E 5 HOH 108 308 308 HOH HOH A . 
E 5 HOH 109 309 309 HOH HOH A . 
E 5 HOH 110 310 310 HOH HOH A . 
E 5 HOH 111 311 311 HOH HOH A . 
E 5 HOH 112 312 312 HOH HOH A . 
E 5 HOH 113 313 313 HOH HOH A . 
E 5 HOH 114 314 314 HOH HOH A . 
E 5 HOH 115 315 315 HOH HOH A . 
E 5 HOH 116 316 316 HOH HOH A . 
E 5 HOH 117 317 317 HOH HOH A . 
E 5 HOH 118 318 318 HOH HOH A . 
E 5 HOH 119 319 319 HOH HOH A . 
E 5 HOH 120 320 320 HOH HOH A . 
E 5 HOH 121 321 321 HOH HOH A . 
E 5 HOH 122 322 322 HOH HOH A . 
E 5 HOH 123 323 323 HOH HOH A . 
E 5 HOH 124 324 324 HOH HOH A . 
E 5 HOH 125 325 325 HOH HOH A . 
E 5 HOH 126 326 326 HOH HOH A . 
E 5 HOH 127 327 327 HOH HOH A . 
E 5 HOH 128 328 328 HOH HOH A . 
E 5 HOH 129 329 329 HOH HOH A . 
E 5 HOH 130 330 330 HOH HOH A . 
E 5 HOH 131 331 331 HOH HOH A . 
E 5 HOH 132 332 332 HOH HOH A . 
E 5 HOH 133 333 333 HOH HOH A . 
E 5 HOH 134 334 334 HOH HOH A . 
E 5 HOH 135 335 335 HOH HOH A . 
E 5 HOH 136 336 336 HOH HOH A . 
E 5 HOH 137 337 337 HOH HOH A . 
E 5 HOH 138 338 338 HOH HOH A . 
E 5 HOH 139 339 339 HOH HOH A . 
E 5 HOH 140 340 340 HOH HOH A . 
E 5 HOH 141 341 341 HOH HOH A . 
E 5 HOH 142 342 342 HOH HOH A . 
E 5 HOH 143 343 343 HOH HOH A . 
E 5 HOH 144 344 344 HOH HOH A . 
E 5 HOH 145 345 345 HOH HOH A . 
E 5 HOH 146 346 346 HOH HOH A . 
E 5 HOH 147 347 347 HOH HOH A . 
E 5 HOH 148 348 348 HOH HOH A . 
E 5 HOH 149 349 349 HOH HOH A . 
E 5 HOH 150 350 350 HOH HOH A . 
E 5 HOH 151 351 351 HOH HOH A . 
E 5 HOH 152 352 352 HOH HOH A . 
E 5 HOH 153 353 353 HOH HOH A . 
E 5 HOH 154 354 354 HOH HOH A . 
E 5 HOH 155 355 355 HOH HOH A . 
E 5 HOH 156 356 356 HOH HOH A . 
E 5 HOH 157 357 357 HOH HOH A . 
E 5 HOH 158 358 358 HOH HOH A . 
E 5 HOH 159 359 359 HOH HOH A . 
E 5 HOH 160 360 360 HOH HOH A . 
E 5 HOH 161 361 361 HOH HOH A . 
E 5 HOH 162 362 362 HOH HOH A . 
E 5 HOH 163 363 363 HOH HOH A . 
E 5 HOH 164 364 364 HOH HOH A . 
E 5 HOH 165 365 365 HOH HOH A . 
E 5 HOH 166 366 366 HOH HOH A . 
E 5 HOH 167 367 367 HOH HOH A . 
# 
_pdbx_struct_assembly.id                   1 
_pdbx_struct_assembly.details              author_defined_assembly 
_pdbx_struct_assembly.method_details       ? 
_pdbx_struct_assembly.oligomeric_details   monomeric 
_pdbx_struct_assembly.oligomeric_count     1 
# 
_pdbx_struct_assembly_gen.assembly_id       1 
_pdbx_struct_assembly_gen.oper_expression   1 
_pdbx_struct_assembly_gen.asym_id_list      A,B,C,D,E 
# 
_pdbx_struct_oper_list.id                   1 
_pdbx_struct_oper_list.type                 'identity operation' 
_pdbx_struct_oper_list.name                 1_555 
_pdbx_struct_oper_list.symmetry_operation   x,y,z 
_pdbx_struct_oper_list.matrix[1][1]         1.0000000000 
_pdbx_struct_oper_list.matrix[1][2]         0.0000000000 
_pdbx_struct_oper_list.matrix[1][3]         0.0000000000 
_pdbx_struct_oper_list.vector[1]            0.0000000000 
_pdbx_struct_oper_list.matrix[2][1]         0.0000000000 
_pdbx_struct_oper_list.matrix[2][2]         1.0000000000 
_pdbx_struct_oper_list.matrix[2][3]         0.0000000000 
_pdbx_struct_oper_list.vector[2]            0.0000000000 
_pdbx_struct_oper_list.matrix[3][1]         0.0000000000 
_pdbx_struct_oper_list.matrix[3][2]         0.0000000000 
_pdbx_struct_oper_list.matrix[3][3]         1.0000000000 
_pdbx_struct_oper_list.vector[3]            0.0000000000 
# 
loop_
_pdbx_struct_conn_angle.id 
_pdbx_struct_conn_angle.ptnr1_label_atom_id 
_pdbx_struct_conn_angle.ptnr1_label_alt_id 
_pdbx_struct_conn_angle.ptnr1_label_asym_id 
_pdbx_struct_conn_angle.ptnr1_label_comp_id 
_pdbx_struct_conn_angle.ptnr1_label_seq_id 
_pdbx_struct_conn_angle.ptnr1_auth_atom_id 
_pdbx_struct_conn_angle.ptnr1_auth_asym_id 
_pdbx_struct_conn_angle.ptnr1_auth_comp_id 
_pdbx_struct_conn_angle.ptnr1_auth_seq_id 
_pdbx_struct_conn_angle.ptnr1_PDB_ins_code 
_pdbx_struct_conn_angle.ptnr1_symmetry 
_pdbx_struct_conn_angle.ptnr2_label_atom_id 
_pdbx_struct_conn_angle.ptnr2_label_alt_id 
_pdbx_struct_conn_angle.ptnr2_label_asym_id 
_pdbx_struct_conn_angle.ptnr2_label_comp_id 
_pdbx_struct_conn_angle.ptnr2_label_seq_id 
_pdbx_struct_conn_angle.ptnr2_auth_atom_id 
_pdbx_struct_conn_angle.ptnr2_auth_asym_id 
_pdbx_struct_conn_angle.ptnr2_auth_comp_id 
_pdbx_struct_conn_angle.ptnr2_auth_seq_id 
_pdbx_struct_conn_angle.ptnr2_PDB_ins_code 
_pdbx_struct_conn_angle.ptnr2_symmetry 
_pdbx_struct_conn_angle.ptnr3_label_atom_id 
_pdbx_struct_conn_angle.ptnr3_label_alt_id 
_pdbx_struct_conn_angle.ptnr3_label_asym_id 
_pdbx_struct_conn_angle.ptnr3_label_comp_id 
_pdbx_struct_conn_angle.ptnr3_label_seq_id 
_pdbx_struct_conn_angle.ptnr3_auth_atom_id 
_pdbx_struct_conn_angle.ptnr3_auth_asym_id 
_pdbx_struct_conn_angle.ptnr3_auth_comp_id 
_pdbx_struct_conn_angle.ptnr3_auth_seq_id 
_pdbx_struct_conn_angle.ptnr3_PDB_ins_code 
_pdbx_struct_conn_angle.ptnr3_symmetry 
_pdbx_struct_conn_angle.value 
_pdbx_struct_conn_angle.value_esd 
1  O2D ? D A4P . ? A A4P 171 ? 1_555 MG ? B MG . ? A MG 161 ? 1_555 O2B ? D A4P . ? A A4P 171 ? 1_555 65.4  ? 
2  O2D ? D A4P . ? A A4P 171 ? 1_555 MG ? B MG . ? A MG 161 ? 1_555 O1A ? D A4P . ? A A4P 171 ? 1_555 144.0 ? 
3  O2B ? D A4P . ? A A4P 171 ? 1_555 MG ? B MG . ? A MG 161 ? 1_555 O1A ? D A4P . ? A A4P 171 ? 1_555 81.0  ? 
4  O2D ? D A4P . ? A A4P 171 ? 1_555 MG ? B MG . ? A MG 161 ? 1_555 O1G ? D A4P . ? A A4P 171 ? 1_555 75.0  ? 
5  O2B ? D A4P . ? A A4P 171 ? 1_555 MG ? B MG . ? A MG 161 ? 1_555 O1G ? D A4P . ? A A4P 171 ? 1_555 79.0  ? 
6  O1A ? D A4P . ? A A4P 171 ? 1_555 MG ? B MG . ? A MG 161 ? 1_555 O1G ? D A4P . ? A A4P 171 ? 1_555 86.5  ? 
7  O2D ? D A4P . ? A A4P 171 ? 1_555 MG ? B MG . ? A MG 161 ? 1_555 O   ? E HOH . ? A HOH 201 ? 1_555 87.3  ? 
8  O2B ? D A4P . ? A A4P 171 ? 1_555 MG ? B MG . ? A MG 161 ? 1_555 O   ? E HOH . ? A HOH 201 ? 1_555 87.5  ? 
9  O1A ? D A4P . ? A A4P 171 ? 1_555 MG ? B MG . ? A MG 161 ? 1_555 O   ? E HOH . ? A HOH 201 ? 1_555 104.7 ? 
10 O1G ? D A4P . ? A A4P 171 ? 1_555 MG ? B MG . ? A MG 161 ? 1_555 O   ? E HOH . ? A HOH 201 ? 1_555 161.0 ? 
11 O2D ? D A4P . ? A A4P 171 ? 1_555 MG ? B MG . ? A MG 161 ? 1_555 O   ? E HOH . ? A HOH 202 ? 1_555 112.0 ? 
12 O2B ? D A4P . ? A A4P 171 ? 1_555 MG ? B MG . ? A MG 161 ? 1_555 O   ? E HOH . ? A HOH 202 ? 1_555 176.7 ? 
13 O1A ? D A4P . ? A A4P 171 ? 1_555 MG ? B MG . ? A MG 161 ? 1_555 O   ? E HOH . ? A HOH 202 ? 1_555 102.0 ? 
14 O1G ? D A4P . ? A A4P 171 ? 1_555 MG ? B MG . ? A MG 161 ? 1_555 O   ? E HOH . ? A HOH 202 ? 1_555 102.4 ? 
15 O   ? E HOH . ? A HOH 201 ? 1_555 MG ? B MG . ? A MG 161 ? 1_555 O   ? E HOH . ? A HOH 202 ? 1_555 90.3  ? 
# 
loop_
_pdbx_audit_revision_history.ordinal 
_pdbx_audit_revision_history.data_content_type 
_pdbx_audit_revision_history.major_revision 
_pdbx_audit_revision_history.minor_revision 
_pdbx_audit_revision_history.revision_date 
1 'Structure model' 1 0 2001-05-01 
2 'Structure model' 1 1 2008-04-27 
3 'Structure model' 1 2 2011-07-13 
4 'Structure model' 1 3 2023-08-09 
5 'Structure model' 1 4 2023-08-30 
# 
_pdbx_audit_revision_details.ordinal             1 
_pdbx_audit_revision_details.revision_ordinal    1 
_pdbx_audit_revision_details.data_content_type   'Structure model' 
_pdbx_audit_revision_details.provider            repository 
_pdbx_audit_revision_details.type                'Initial release' 
_pdbx_audit_revision_details.description         ? 
_pdbx_audit_revision_details.details             ? 
# 
loop_
_pdbx_audit_revision_group.ordinal 
_pdbx_audit_revision_group.revision_ordinal 
_pdbx_audit_revision_group.data_content_type 
_pdbx_audit_revision_group.group 
1 2 'Structure model' 'Version format compliance' 
2 3 'Structure model' 'Version format compliance' 
3 4 'Structure model' 'Data collection'           
4 4 'Structure model' 'Database references'       
5 4 'Structure model' 'Derived calculations'      
6 4 'Structure model' 'Refinement description'    
7 5 'Structure model' 'Database references'       
8 5 'Structure model' 'Structure summary'         
# 
loop_
_pdbx_audit_revision_category.ordinal 
_pdbx_audit_revision_category.revision_ordinal 
_pdbx_audit_revision_category.data_content_type 
_pdbx_audit_revision_category.category 
1 4 'Structure model' chem_comp_atom                
2 4 'Structure model' chem_comp_bond                
3 4 'Structure model' database_2                    
4 4 'Structure model' pdbx_initial_refinement_model 
5 4 'Structure model' pdbx_struct_conn_angle        
6 4 'Structure model' struct_conn                   
7 4 'Structure model' struct_site                   
8 5 'Structure model' audit_author                  
9 5 'Structure model' citation_author               
# 
loop_
_pdbx_audit_revision_item.ordinal 
_pdbx_audit_revision_item.revision_ordinal 
_pdbx_audit_revision_item.data_content_type 
_pdbx_audit_revision_item.item 
1  4 'Structure model' '_database_2.pdbx_DOI'                        
2  4 'Structure model' '_database_2.pdbx_database_accession'         
3  4 'Structure model' '_pdbx_struct_conn_angle.ptnr1_auth_comp_id'  
4  4 'Structure model' '_pdbx_struct_conn_angle.ptnr1_auth_seq_id'   
5  4 'Structure model' '_pdbx_struct_conn_angle.ptnr1_label_asym_id' 
6  4 'Structure model' '_pdbx_struct_conn_angle.ptnr1_label_atom_id' 
7  4 'Structure model' '_pdbx_struct_conn_angle.ptnr1_label_comp_id' 
8  4 'Structure model' '_pdbx_struct_conn_angle.ptnr3_auth_comp_id'  
9  4 'Structure model' '_pdbx_struct_conn_angle.ptnr3_auth_seq_id'   
10 4 'Structure model' '_pdbx_struct_conn_angle.ptnr3_label_asym_id' 
11 4 'Structure model' '_pdbx_struct_conn_angle.ptnr3_label_atom_id' 
12 4 'Structure model' '_pdbx_struct_conn_angle.ptnr3_label_comp_id' 
13 4 'Structure model' '_pdbx_struct_conn_angle.value'               
14 4 'Structure model' '_struct_conn.pdbx_dist_value'                
15 4 'Structure model' '_struct_conn.ptnr2_auth_comp_id'             
16 4 'Structure model' '_struct_conn.ptnr2_auth_seq_id'              
17 4 'Structure model' '_struct_conn.ptnr2_label_asym_id'            
18 4 'Structure model' '_struct_conn.ptnr2_label_atom_id'            
19 4 'Structure model' '_struct_conn.ptnr2_label_comp_id'            
20 4 'Structure model' '_struct_site.pdbx_auth_asym_id'              
21 4 'Structure model' '_struct_site.pdbx_auth_comp_id'              
22 4 'Structure model' '_struct_site.pdbx_auth_seq_id'               
23 5 'Structure model' '_audit_author.identifier_ORCID'              
24 5 'Structure model' '_citation_author.identifier_ORCID'           
# 
loop_
_software.name 
_software.classification 
_software.version 
_software.citation_id 
_software.pdbx_ordinal 
AMoRE     phasing          . ? 1 
SHELXL-97 refinement       . ? 2 
DENZO     'data reduction' . ? 3 
SCALEPACK 'data scaling'   . ? 4 
# 
_pdbx_validate_rmsd_angle.id                         1 
_pdbx_validate_rmsd_angle.PDB_model_num              1 
_pdbx_validate_rmsd_angle.auth_atom_id_1             NE 
_pdbx_validate_rmsd_angle.auth_asym_id_1             A 
_pdbx_validate_rmsd_angle.auth_comp_id_1             ARG 
_pdbx_validate_rmsd_angle.auth_seq_id_1              150 
_pdbx_validate_rmsd_angle.PDB_ins_code_1             ? 
_pdbx_validate_rmsd_angle.label_alt_id_1             ? 
_pdbx_validate_rmsd_angle.auth_atom_id_2             CZ 
_pdbx_validate_rmsd_angle.auth_asym_id_2             A 
_pdbx_validate_rmsd_angle.auth_comp_id_2             ARG 
_pdbx_validate_rmsd_angle.auth_seq_id_2              150 
_pdbx_validate_rmsd_angle.PDB_ins_code_2             ? 
_pdbx_validate_rmsd_angle.label_alt_id_2             ? 
_pdbx_validate_rmsd_angle.auth_atom_id_3             NH2 
_pdbx_validate_rmsd_angle.auth_asym_id_3             A 
_pdbx_validate_rmsd_angle.auth_comp_id_3             ARG 
_pdbx_validate_rmsd_angle.auth_seq_id_3              150 
_pdbx_validate_rmsd_angle.PDB_ins_code_3             ? 
_pdbx_validate_rmsd_angle.label_alt_id_3             ? 
_pdbx_validate_rmsd_angle.angle_value                117.14 
_pdbx_validate_rmsd_angle.angle_target_value         120.30 
_pdbx_validate_rmsd_angle.angle_deviation            -3.16 
_pdbx_validate_rmsd_angle.angle_standard_deviation   0.50 
_pdbx_validate_rmsd_angle.linker_flag                N 
# 
loop_
_pdbx_validate_torsion.id 
_pdbx_validate_torsion.PDB_model_num 
_pdbx_validate_torsion.auth_comp_id 
_pdbx_validate_torsion.auth_asym_id 
_pdbx_validate_torsion.auth_seq_id 
_pdbx_validate_torsion.PDB_ins_code 
_pdbx_validate_torsion.label_alt_id 
_pdbx_validate_torsion.phi 
_pdbx_validate_torsion.psi 
1 1 SER A 13 ? ? 62.68  80.36  
2 1 ALA A 86 ? ? -58.67 -88.40 
# 
loop_
_chem_comp_atom.comp_id 
_chem_comp_atom.atom_id 
_chem_comp_atom.type_symbol 
_chem_comp_atom.pdbx_aromatic_flag 
_chem_comp_atom.pdbx_stereo_config 
_chem_comp_atom.pdbx_ordinal 
A4P N9R    N  Y N 1   
A4P C8R    C  Y N 2   
A4P N7R    N  Y N 3   
A4P C5R    C  Y N 4   
A4P C6R    C  Y N 5   
A4P N6R    N  N N 6   
A4P N1R    N  Y N 7   
A4P C1R    C  N R 8   
A4P C2R    C  Y N 9   
A4P N3R    N  Y N 10  
A4P C4R    C  Y N 11  
A4P "O5'"  O  N N 12  
A4P "C5'"  C  N N 13  
A4P "C4'"  C  N R 14  
A4P "O4'"  O  N N 15  
A4P "C3'"  C  N S 16  
A4P "O3'"  O  N N 17  
A4P "C2'"  C  N R 18  
A4P "O2'"  O  N N 19  
A4P PA     P  N R 20  
A4P O1A    O  N N 21  
A4P O2A    O  N N 22  
A4P O3A    O  N N 23  
A4P PB     P  N R 24  
A4P O1B    O  N N 25  
A4P O2B    O  N N 26  
A4P O3B    O  N N 27  
A4P PG     P  N S 28  
A4P O1G    O  N N 29  
A4P O2G    O  N N 30  
A4P O3G    O  N N 31  
A4P PD     P  N S 32  
A4P O1D    O  N N 33  
A4P O2D    O  N N 34  
A4P O3D    O  N N 35  
A4P N1     N  N N 36  
A4P C2     C  N N 37  
A4P N2     N  N N 38  
A4P N3     N  N N 39  
A4P C4     C  N N 40  
A4P O4     O  N N 41  
A4P N5     N  N N 42  
A4P C6     C  N N 43  
A4P C6A    C  N N 44  
A4P C7     C  N N 45  
A4P N8     N  N N 46  
A4P C9     C  N N 47  
A4P C10    C  N N 48  
A4P H8R    H  N N 49  
A4P H6R1   H  N N 50  
A4P H6R2   H  N N 51  
A4P H1R    H  N N 52  
A4P H2R    H  N N 53  
A4P "H5'1" H  N N 54  
A4P "H5'2" H  N N 55  
A4P "H4'"  H  N N 56  
A4P "H3'"  H  N N 57  
A4P "HO'3" H  N N 58  
A4P "H2'"  H  N N 59  
A4P "HO'2" H  N N 60  
A4P HOA1   H  N N 61  
A4P HOB1   H  N N 62  
A4P HOG1   H  N N 63  
A4P HOD1   H  N N 64  
A4P HN21   H  N N 65  
A4P HN22   H  N N 66  
A4P HN3    H  N N 67  
A4P H6A1   H  N N 68  
A4P H6A2   H  N N 69  
A4P H71    H  N N 70  
A4P H72    H  N N 71  
A4P HN8    H  N N 72  
ALA N      N  N N 73  
ALA CA     C  N S 74  
ALA C      C  N N 75  
ALA O      O  N N 76  
ALA CB     C  N N 77  
ALA OXT    O  N N 78  
ALA H      H  N N 79  
ALA H2     H  N N 80  
ALA HA     H  N N 81  
ALA HB1    H  N N 82  
ALA HB2    H  N N 83  
ALA HB3    H  N N 84  
ALA HXT    H  N N 85  
ARG N      N  N N 86  
ARG CA     C  N S 87  
ARG C      C  N N 88  
ARG O      O  N N 89  
ARG CB     C  N N 90  
ARG CG     C  N N 91  
ARG CD     C  N N 92  
ARG NE     N  N N 93  
ARG CZ     C  N N 94  
ARG NH1    N  N N 95  
ARG NH2    N  N N 96  
ARG OXT    O  N N 97  
ARG H      H  N N 98  
ARG H2     H  N N 99  
ARG HA     H  N N 100 
ARG HB2    H  N N 101 
ARG HB3    H  N N 102 
ARG HG2    H  N N 103 
ARG HG3    H  N N 104 
ARG HD2    H  N N 105 
ARG HD3    H  N N 106 
ARG HE     H  N N 107 
ARG HH11   H  N N 108 
ARG HH12   H  N N 109 
ARG HH21   H  N N 110 
ARG HH22   H  N N 111 
ARG HXT    H  N N 112 
ASN N      N  N N 113 
ASN CA     C  N S 114 
ASN C      C  N N 115 
ASN O      O  N N 116 
ASN CB     C  N N 117 
ASN CG     C  N N 118 
ASN OD1    O  N N 119 
ASN ND2    N  N N 120 
ASN OXT    O  N N 121 
ASN H      H  N N 122 
ASN H2     H  N N 123 
ASN HA     H  N N 124 
ASN HB2    H  N N 125 
ASN HB3    H  N N 126 
ASN HD21   H  N N 127 
ASN HD22   H  N N 128 
ASN HXT    H  N N 129 
ASP N      N  N N 130 
ASP CA     C  N S 131 
ASP C      C  N N 132 
ASP O      O  N N 133 
ASP CB     C  N N 134 
ASP CG     C  N N 135 
ASP OD1    O  N N 136 
ASP OD2    O  N N 137 
ASP OXT    O  N N 138 
ASP H      H  N N 139 
ASP H2     H  N N 140 
ASP HA     H  N N 141 
ASP HB2    H  N N 142 
ASP HB3    H  N N 143 
ASP HD2    H  N N 144 
ASP HXT    H  N N 145 
CL  CL     CL N N 146 
GLN N      N  N N 147 
GLN CA     C  N S 148 
GLN C      C  N N 149 
GLN O      O  N N 150 
GLN CB     C  N N 151 
GLN CG     C  N N 152 
GLN CD     C  N N 153 
GLN OE1    O  N N 154 
GLN NE2    N  N N 155 
GLN OXT    O  N N 156 
GLN H      H  N N 157 
GLN H2     H  N N 158 
GLN HA     H  N N 159 
GLN HB2    H  N N 160 
GLN HB3    H  N N 161 
GLN HG2    H  N N 162 
GLN HG3    H  N N 163 
GLN HE21   H  N N 164 
GLN HE22   H  N N 165 
GLN HXT    H  N N 166 
GLU N      N  N N 167 
GLU CA     C  N S 168 
GLU C      C  N N 169 
GLU O      O  N N 170 
GLU CB     C  N N 171 
GLU CG     C  N N 172 
GLU CD     C  N N 173 
GLU OE1    O  N N 174 
GLU OE2    O  N N 175 
GLU OXT    O  N N 176 
GLU H      H  N N 177 
GLU H2     H  N N 178 
GLU HA     H  N N 179 
GLU HB2    H  N N 180 
GLU HB3    H  N N 181 
GLU HG2    H  N N 182 
GLU HG3    H  N N 183 
GLU HE2    H  N N 184 
GLU HXT    H  N N 185 
GLY N      N  N N 186 
GLY CA     C  N N 187 
GLY C      C  N N 188 
GLY O      O  N N 189 
GLY OXT    O  N N 190 
GLY H      H  N N 191 
GLY H2     H  N N 192 
GLY HA2    H  N N 193 
GLY HA3    H  N N 194 
GLY HXT    H  N N 195 
HIS N      N  N N 196 
HIS CA     C  N S 197 
HIS C      C  N N 198 
HIS O      O  N N 199 
HIS CB     C  N N 200 
HIS CG     C  Y N 201 
HIS ND1    N  Y N 202 
HIS CD2    C  Y N 203 
HIS CE1    C  Y N 204 
HIS NE2    N  Y N 205 
HIS OXT    O  N N 206 
HIS H      H  N N 207 
HIS H2     H  N N 208 
HIS HA     H  N N 209 
HIS HB2    H  N N 210 
HIS HB3    H  N N 211 
HIS HD1    H  N N 212 
HIS HD2    H  N N 213 
HIS HE1    H  N N 214 
HIS HE2    H  N N 215 
HIS HXT    H  N N 216 
HOH O      O  N N 217 
HOH H1     H  N N 218 
HOH H2     H  N N 219 
ILE N      N  N N 220 
ILE CA     C  N S 221 
ILE C      C  N N 222 
ILE O      O  N N 223 
ILE CB     C  N S 224 
ILE CG1    C  N N 225 
ILE CG2    C  N N 226 
ILE CD1    C  N N 227 
ILE OXT    O  N N 228 
ILE H      H  N N 229 
ILE H2     H  N N 230 
ILE HA     H  N N 231 
ILE HB     H  N N 232 
ILE HG12   H  N N 233 
ILE HG13   H  N N 234 
ILE HG21   H  N N 235 
ILE HG22   H  N N 236 
ILE HG23   H  N N 237 
ILE HD11   H  N N 238 
ILE HD12   H  N N 239 
ILE HD13   H  N N 240 
ILE HXT    H  N N 241 
LEU N      N  N N 242 
LEU CA     C  N S 243 
LEU C      C  N N 244 
LEU O      O  N N 245 
LEU CB     C  N N 246 
LEU CG     C  N N 247 
LEU CD1    C  N N 248 
LEU CD2    C  N N 249 
LEU OXT    O  N N 250 
LEU H      H  N N 251 
LEU H2     H  N N 252 
LEU HA     H  N N 253 
LEU HB2    H  N N 254 
LEU HB3    H  N N 255 
LEU HG     H  N N 256 
LEU HD11   H  N N 257 
LEU HD12   H  N N 258 
LEU HD13   H  N N 259 
LEU HD21   H  N N 260 
LEU HD22   H  N N 261 
LEU HD23   H  N N 262 
LEU HXT    H  N N 263 
LYS N      N  N N 264 
LYS CA     C  N S 265 
LYS C      C  N N 266 
LYS O      O  N N 267 
LYS CB     C  N N 268 
LYS CG     C  N N 269 
LYS CD     C  N N 270 
LYS CE     C  N N 271 
LYS NZ     N  N N 272 
LYS OXT    O  N N 273 
LYS H      H  N N 274 
LYS H2     H  N N 275 
LYS HA     H  N N 276 
LYS HB2    H  N N 277 
LYS HB3    H  N N 278 
LYS HG2    H  N N 279 
LYS HG3    H  N N 280 
LYS HD2    H  N N 281 
LYS HD3    H  N N 282 
LYS HE2    H  N N 283 
LYS HE3    H  N N 284 
LYS HZ1    H  N N 285 
LYS HZ2    H  N N 286 
LYS HZ3    H  N N 287 
LYS HXT    H  N N 288 
MET N      N  N N 289 
MET CA     C  N S 290 
MET C      C  N N 291 
MET O      O  N N 292 
MET CB     C  N N 293 
MET CG     C  N N 294 
MET SD     S  N N 295 
MET CE     C  N N 296 
MET OXT    O  N N 297 
MET H      H  N N 298 
MET H2     H  N N 299 
MET HA     H  N N 300 
MET HB2    H  N N 301 
MET HB3    H  N N 302 
MET HG2    H  N N 303 
MET HG3    H  N N 304 
MET HE1    H  N N 305 
MET HE2    H  N N 306 
MET HE3    H  N N 307 
MET HXT    H  N N 308 
MG  MG     MG N N 309 
PHE N      N  N N 310 
PHE CA     C  N S 311 
PHE C      C  N N 312 
PHE O      O  N N 313 
PHE CB     C  N N 314 
PHE CG     C  Y N 315 
PHE CD1    C  Y N 316 
PHE CD2    C  Y N 317 
PHE CE1    C  Y N 318 
PHE CE2    C  Y N 319 
PHE CZ     C  Y N 320 
PHE OXT    O  N N 321 
PHE H      H  N N 322 
PHE H2     H  N N 323 
PHE HA     H  N N 324 
PHE HB2    H  N N 325 
PHE HB3    H  N N 326 
PHE HD1    H  N N 327 
PHE HD2    H  N N 328 
PHE HE1    H  N N 329 
PHE HE2    H  N N 330 
PHE HZ     H  N N 331 
PHE HXT    H  N N 332 
PRO N      N  N N 333 
PRO CA     C  N S 334 
PRO C      C  N N 335 
PRO O      O  N N 336 
PRO CB     C  N N 337 
PRO CG     C  N N 338 
PRO CD     C  N N 339 
PRO OXT    O  N N 340 
PRO H      H  N N 341 
PRO HA     H  N N 342 
PRO HB2    H  N N 343 
PRO HB3    H  N N 344 
PRO HG2    H  N N 345 
PRO HG3    H  N N 346 
PRO HD2    H  N N 347 
PRO HD3    H  N N 348 
PRO HXT    H  N N 349 
SER N      N  N N 350 
SER CA     C  N S 351 
SER C      C  N N 352 
SER O      O  N N 353 
SER CB     C  N N 354 
SER OG     O  N N 355 
SER OXT    O  N N 356 
SER H      H  N N 357 
SER H2     H  N N 358 
SER HA     H  N N 359 
SER HB2    H  N N 360 
SER HB3    H  N N 361 
SER HG     H  N N 362 
SER HXT    H  N N 363 
THR N      N  N N 364 
THR CA     C  N S 365 
THR C      C  N N 366 
THR O      O  N N 367 
THR CB     C  N R 368 
THR OG1    O  N N 369 
THR CG2    C  N N 370 
THR OXT    O  N N 371 
THR H      H  N N 372 
THR H2     H  N N 373 
THR HA     H  N N 374 
THR HB     H  N N 375 
THR HG1    H  N N 376 
THR HG21   H  N N 377 
THR HG22   H  N N 378 
THR HG23   H  N N 379 
THR HXT    H  N N 380 
TRP N      N  N N 381 
TRP CA     C  N S 382 
TRP C      C  N N 383 
TRP O      O  N N 384 
TRP CB     C  N N 385 
TRP CG     C  Y N 386 
TRP CD1    C  Y N 387 
TRP CD2    C  Y N 388 
TRP NE1    N  Y N 389 
TRP CE2    C  Y N 390 
TRP CE3    C  Y N 391 
TRP CZ2    C  Y N 392 
TRP CZ3    C  Y N 393 
TRP CH2    C  Y N 394 
TRP OXT    O  N N 395 
TRP H      H  N N 396 
TRP H2     H  N N 397 
TRP HA     H  N N 398 
TRP HB2    H  N N 399 
TRP HB3    H  N N 400 
TRP HD1    H  N N 401 
TRP HE1    H  N N 402 
TRP HE3    H  N N 403 
TRP HZ2    H  N N 404 
TRP HZ3    H  N N 405 
TRP HH2    H  N N 406 
TRP HXT    H  N N 407 
TYR N      N  N N 408 
TYR CA     C  N S 409 
TYR C      C  N N 410 
TYR O      O  N N 411 
TYR CB     C  N N 412 
TYR CG     C  Y N 413 
TYR CD1    C  Y N 414 
TYR CD2    C  Y N 415 
TYR CE1    C  Y N 416 
TYR CE2    C  Y N 417 
TYR CZ     C  Y N 418 
TYR OH     O  N N 419 
TYR OXT    O  N N 420 
TYR H      H  N N 421 
TYR H2     H  N N 422 
TYR HA     H  N N 423 
TYR HB2    H  N N 424 
TYR HB3    H  N N 425 
TYR HD1    H  N N 426 
TYR HD2    H  N N 427 
TYR HE1    H  N N 428 
TYR HE2    H  N N 429 
TYR HH     H  N N 430 
TYR HXT    H  N N 431 
VAL N      N  N N 432 
VAL CA     C  N S 433 
VAL C      C  N N 434 
VAL O      O  N N 435 
VAL CB     C  N N 436 
VAL CG1    C  N N 437 
VAL CG2    C  N N 438 
VAL OXT    O  N N 439 
VAL H      H  N N 440 
VAL H2     H  N N 441 
VAL HA     H  N N 442 
VAL HB     H  N N 443 
VAL HG11   H  N N 444 
VAL HG12   H  N N 445 
VAL HG13   H  N N 446 
VAL HG21   H  N N 447 
VAL HG22   H  N N 448 
VAL HG23   H  N N 449 
VAL HXT    H  N N 450 
# 
loop_
_chem_comp_bond.comp_id 
_chem_comp_bond.atom_id_1 
_chem_comp_bond.atom_id_2 
_chem_comp_bond.value_order 
_chem_comp_bond.pdbx_aromatic_flag 
_chem_comp_bond.pdbx_stereo_config 
_chem_comp_bond.pdbx_ordinal 
A4P N9R   C8R    sing Y N 1   
A4P N9R   C1R    sing N N 2   
A4P N9R   C4R    sing Y N 3   
A4P C8R   N7R    doub Y N 4   
A4P C8R   H8R    sing N N 5   
A4P N7R   C5R    sing Y N 6   
A4P C5R   C6R    sing Y N 7   
A4P C5R   C4R    doub Y N 8   
A4P C6R   N6R    sing N N 9   
A4P C6R   N1R    doub Y N 10  
A4P N6R   H6R1   sing N N 11  
A4P N6R   H6R2   sing N N 12  
A4P N1R   C2R    sing Y N 13  
A4P C1R   "O4'"  sing N N 14  
A4P C1R   "C2'"  sing N N 15  
A4P C1R   H1R    sing N N 16  
A4P C2R   N3R    doub Y N 17  
A4P C2R   H2R    sing N N 18  
A4P N3R   C4R    sing Y N 19  
A4P "O5'" "C5'"  sing N N 20  
A4P "O5'" PA     sing N N 21  
A4P "C5'" "C4'"  sing N N 22  
A4P "C5'" "H5'1" sing N N 23  
A4P "C5'" "H5'2" sing N N 24  
A4P "C4'" "O4'"  sing N N 25  
A4P "C4'" "C3'"  sing N N 26  
A4P "C4'" "H4'"  sing N N 27  
A4P "C3'" "O3'"  sing N N 28  
A4P "C3'" "C2'"  sing N N 29  
A4P "C3'" "H3'"  sing N N 30  
A4P "O3'" "HO'3" sing N N 31  
A4P "C2'" "O2'"  sing N N 32  
A4P "C2'" "H2'"  sing N N 33  
A4P "O2'" "HO'2" sing N N 34  
A4P PA    O1A    sing N N 35  
A4P PA    O2A    doub N N 36  
A4P PA    O3A    sing N N 37  
A4P O1A   HOA1   sing N N 38  
A4P O3A   PB     sing N N 39  
A4P PB    O1B    sing N N 40  
A4P PB    O2B    doub N N 41  
A4P PB    O3B    sing N N 42  
A4P O1B   HOB1   sing N N 43  
A4P O3B   PG     sing N N 44  
A4P PG    O1G    sing N N 45  
A4P PG    O2G    doub N N 46  
A4P PG    O3G    sing N N 47  
A4P O1G   HOG1   sing N N 48  
A4P O3G   PD     sing N N 49  
A4P PD    O1D    sing N N 50  
A4P PD    O2D    doub N N 51  
A4P PD    O3D    sing N N 52  
A4P O1D   HOD1   sing N N 53  
A4P O3D   C6A    sing N N 54  
A4P N1    C2     doub N N 55  
A4P N1    C9     sing N N 56  
A4P C2    N2     sing N N 57  
A4P C2    N3     sing N N 58  
A4P N2    HN21   sing N N 59  
A4P N2    HN22   sing N N 60  
A4P N3    C4     sing N N 61  
A4P N3    HN3    sing N N 62  
A4P C4    O4     doub N N 63  
A4P C4    C10    sing N N 64  
A4P N5    C6     doub N N 65  
A4P N5    C10    sing N N 66  
A4P C6    C6A    sing N N 67  
A4P C6    C7     sing N N 68  
A4P C6A   H6A1   sing N N 69  
A4P C6A   H6A2   sing N N 70  
A4P C7    N8     sing N N 71  
A4P C7    H71    sing N N 72  
A4P C7    H72    sing N N 73  
A4P N8    C9     sing N N 74  
A4P N8    HN8    sing N N 75  
A4P C9    C10    doub N N 76  
ALA N     CA     sing N N 77  
ALA N     H      sing N N 78  
ALA N     H2     sing N N 79  
ALA CA    C      sing N N 80  
ALA CA    CB     sing N N 81  
ALA CA    HA     sing N N 82  
ALA C     O      doub N N 83  
ALA C     OXT    sing N N 84  
ALA CB    HB1    sing N N 85  
ALA CB    HB2    sing N N 86  
ALA CB    HB3    sing N N 87  
ALA OXT   HXT    sing N N 88  
ARG N     CA     sing N N 89  
ARG N     H      sing N N 90  
ARG N     H2     sing N N 91  
ARG CA    C      sing N N 92  
ARG CA    CB     sing N N 93  
ARG CA    HA     sing N N 94  
ARG C     O      doub N N 95  
ARG C     OXT    sing N N 96  
ARG CB    CG     sing N N 97  
ARG CB    HB2    sing N N 98  
ARG CB    HB3    sing N N 99  
ARG CG    CD     sing N N 100 
ARG CG    HG2    sing N N 101 
ARG CG    HG3    sing N N 102 
ARG CD    NE     sing N N 103 
ARG CD    HD2    sing N N 104 
ARG CD    HD3    sing N N 105 
ARG NE    CZ     sing N N 106 
ARG NE    HE     sing N N 107 
ARG CZ    NH1    sing N N 108 
ARG CZ    NH2    doub N N 109 
ARG NH1   HH11   sing N N 110 
ARG NH1   HH12   sing N N 111 
ARG NH2   HH21   sing N N 112 
ARG NH2   HH22   sing N N 113 
ARG OXT   HXT    sing N N 114 
ASN N     CA     sing N N 115 
ASN N     H      sing N N 116 
ASN N     H2     sing N N 117 
ASN CA    C      sing N N 118 
ASN CA    CB     sing N N 119 
ASN CA    HA     sing N N 120 
ASN C     O      doub N N 121 
ASN C     OXT    sing N N 122 
ASN CB    CG     sing N N 123 
ASN CB    HB2    sing N N 124 
ASN CB    HB3    sing N N 125 
ASN CG    OD1    doub N N 126 
ASN CG    ND2    sing N N 127 
ASN ND2   HD21   sing N N 128 
ASN ND2   HD22   sing N N 129 
ASN OXT   HXT    sing N N 130 
ASP N     CA     sing N N 131 
ASP N     H      sing N N 132 
ASP N     H2     sing N N 133 
ASP CA    C      sing N N 134 
ASP CA    CB     sing N N 135 
ASP CA    HA     sing N N 136 
ASP C     O      doub N N 137 
ASP C     OXT    sing N N 138 
ASP CB    CG     sing N N 139 
ASP CB    HB2    sing N N 140 
ASP CB    HB3    sing N N 141 
ASP CG    OD1    doub N N 142 
ASP CG    OD2    sing N N 143 
ASP OD2   HD2    sing N N 144 
ASP OXT   HXT    sing N N 145 
GLN N     CA     sing N N 146 
GLN N     H      sing N N 147 
GLN N     H2     sing N N 148 
GLN CA    C      sing N N 149 
GLN CA    CB     sing N N 150 
GLN CA    HA     sing N N 151 
GLN C     O      doub N N 152 
GLN C     OXT    sing N N 153 
GLN CB    CG     sing N N 154 
GLN CB    HB2    sing N N 155 
GLN CB    HB3    sing N N 156 
GLN CG    CD     sing N N 157 
GLN CG    HG2    sing N N 158 
GLN CG    HG3    sing N N 159 
GLN CD    OE1    doub N N 160 
GLN CD    NE2    sing N N 161 
GLN NE2   HE21   sing N N 162 
GLN NE2   HE22   sing N N 163 
GLN OXT   HXT    sing N N 164 
GLU N     CA     sing N N 165 
GLU N     H      sing N N 166 
GLU N     H2     sing N N 167 
GLU CA    C      sing N N 168 
GLU CA    CB     sing N N 169 
GLU CA    HA     sing N N 170 
GLU C     O      doub N N 171 
GLU C     OXT    sing N N 172 
GLU CB    CG     sing N N 173 
GLU CB    HB2    sing N N 174 
GLU CB    HB3    sing N N 175 
GLU CG    CD     sing N N 176 
GLU CG    HG2    sing N N 177 
GLU CG    HG3    sing N N 178 
GLU CD    OE1    doub N N 179 
GLU CD    OE2    sing N N 180 
GLU OE2   HE2    sing N N 181 
GLU OXT   HXT    sing N N 182 
GLY N     CA     sing N N 183 
GLY N     H      sing N N 184 
GLY N     H2     sing N N 185 
GLY CA    C      sing N N 186 
GLY CA    HA2    sing N N 187 
GLY CA    HA3    sing N N 188 
GLY C     O      doub N N 189 
GLY C     OXT    sing N N 190 
GLY OXT   HXT    sing N N 191 
HIS N     CA     sing N N 192 
HIS N     H      sing N N 193 
HIS N     H2     sing N N 194 
HIS CA    C      sing N N 195 
HIS CA    CB     sing N N 196 
HIS CA    HA     sing N N 197 
HIS C     O      doub N N 198 
HIS C     OXT    sing N N 199 
HIS CB    CG     sing N N 200 
HIS CB    HB2    sing N N 201 
HIS CB    HB3    sing N N 202 
HIS CG    ND1    sing Y N 203 
HIS CG    CD2    doub Y N 204 
HIS ND1   CE1    doub Y N 205 
HIS ND1   HD1    sing N N 206 
HIS CD2   NE2    sing Y N 207 
HIS CD2   HD2    sing N N 208 
HIS CE1   NE2    sing Y N 209 
HIS CE1   HE1    sing N N 210 
HIS NE2   HE2    sing N N 211 
HIS OXT   HXT    sing N N 212 
HOH O     H1     sing N N 213 
HOH O     H2     sing N N 214 
ILE N     CA     sing N N 215 
ILE N     H      sing N N 216 
ILE N     H2     sing N N 217 
ILE CA    C      sing N N 218 
ILE CA    CB     sing N N 219 
ILE CA    HA     sing N N 220 
ILE C     O      doub N N 221 
ILE C     OXT    sing N N 222 
ILE CB    CG1    sing N N 223 
ILE CB    CG2    sing N N 224 
ILE CB    HB     sing N N 225 
ILE CG1   CD1    sing N N 226 
ILE CG1   HG12   sing N N 227 
ILE CG1   HG13   sing N N 228 
ILE CG2   HG21   sing N N 229 
ILE CG2   HG22   sing N N 230 
ILE CG2   HG23   sing N N 231 
ILE CD1   HD11   sing N N 232 
ILE CD1   HD12   sing N N 233 
ILE CD1   HD13   sing N N 234 
ILE OXT   HXT    sing N N 235 
LEU N     CA     sing N N 236 
LEU N     H      sing N N 237 
LEU N     H2     sing N N 238 
LEU CA    C      sing N N 239 
LEU CA    CB     sing N N 240 
LEU CA    HA     sing N N 241 
LEU C     O      doub N N 242 
LEU C     OXT    sing N N 243 
LEU CB    CG     sing N N 244 
LEU CB    HB2    sing N N 245 
LEU CB    HB3    sing N N 246 
LEU CG    CD1    sing N N 247 
LEU CG    CD2    sing N N 248 
LEU CG    HG     sing N N 249 
LEU CD1   HD11   sing N N 250 
LEU CD1   HD12   sing N N 251 
LEU CD1   HD13   sing N N 252 
LEU CD2   HD21   sing N N 253 
LEU CD2   HD22   sing N N 254 
LEU CD2   HD23   sing N N 255 
LEU OXT   HXT    sing N N 256 
LYS N     CA     sing N N 257 
LYS N     H      sing N N 258 
LYS N     H2     sing N N 259 
LYS CA    C      sing N N 260 
LYS CA    CB     sing N N 261 
LYS CA    HA     sing N N 262 
LYS C     O      doub N N 263 
LYS C     OXT    sing N N 264 
LYS CB    CG     sing N N 265 
LYS CB    HB2    sing N N 266 
LYS CB    HB3    sing N N 267 
LYS CG    CD     sing N N 268 
LYS CG    HG2    sing N N 269 
LYS CG    HG3    sing N N 270 
LYS CD    CE     sing N N 271 
LYS CD    HD2    sing N N 272 
LYS CD    HD3    sing N N 273 
LYS CE    NZ     sing N N 274 
LYS CE    HE2    sing N N 275 
LYS CE    HE3    sing N N 276 
LYS NZ    HZ1    sing N N 277 
LYS NZ    HZ2    sing N N 278 
LYS NZ    HZ3    sing N N 279 
LYS OXT   HXT    sing N N 280 
MET N     CA     sing N N 281 
MET N     H      sing N N 282 
MET N     H2     sing N N 283 
MET CA    C      sing N N 284 
MET CA    CB     sing N N 285 
MET CA    HA     sing N N 286 
MET C     O      doub N N 287 
MET C     OXT    sing N N 288 
MET CB    CG     sing N N 289 
MET CB    HB2    sing N N 290 
MET CB    HB3    sing N N 291 
MET CG    SD     sing N N 292 
MET CG    HG2    sing N N 293 
MET CG    HG3    sing N N 294 
MET SD    CE     sing N N 295 
MET CE    HE1    sing N N 296 
MET CE    HE2    sing N N 297 
MET CE    HE3    sing N N 298 
MET OXT   HXT    sing N N 299 
PHE N     CA     sing N N 300 
PHE N     H      sing N N 301 
PHE N     H2     sing N N 302 
PHE CA    C      sing N N 303 
PHE CA    CB     sing N N 304 
PHE CA    HA     sing N N 305 
PHE C     O      doub N N 306 
PHE C     OXT    sing N N 307 
PHE CB    CG     sing N N 308 
PHE CB    HB2    sing N N 309 
PHE CB    HB3    sing N N 310 
PHE CG    CD1    doub Y N 311 
PHE CG    CD2    sing Y N 312 
PHE CD1   CE1    sing Y N 313 
PHE CD1   HD1    sing N N 314 
PHE CD2   CE2    doub Y N 315 
PHE CD2   HD2    sing N N 316 
PHE CE1   CZ     doub Y N 317 
PHE CE1   HE1    sing N N 318 
PHE CE2   CZ     sing Y N 319 
PHE CE2   HE2    sing N N 320 
PHE CZ    HZ     sing N N 321 
PHE OXT   HXT    sing N N 322 
PRO N     CA     sing N N 323 
PRO N     CD     sing N N 324 
PRO N     H      sing N N 325 
PRO CA    C      sing N N 326 
PRO CA    CB     sing N N 327 
PRO CA    HA     sing N N 328 
PRO C     O      doub N N 329 
PRO C     OXT    sing N N 330 
PRO CB    CG     sing N N 331 
PRO CB    HB2    sing N N 332 
PRO CB    HB3    sing N N 333 
PRO CG    CD     sing N N 334 
PRO CG    HG2    sing N N 335 
PRO CG    HG3    sing N N 336 
PRO CD    HD2    sing N N 337 
PRO CD    HD3    sing N N 338 
PRO OXT   HXT    sing N N 339 
SER N     CA     sing N N 340 
SER N     H      sing N N 341 
SER N     H2     sing N N 342 
SER CA    C      sing N N 343 
SER CA    CB     sing N N 344 
SER CA    HA     sing N N 345 
SER C     O      doub N N 346 
SER C     OXT    sing N N 347 
SER CB    OG     sing N N 348 
SER CB    HB2    sing N N 349 
SER CB    HB3    sing N N 350 
SER OG    HG     sing N N 351 
SER OXT   HXT    sing N N 352 
THR N     CA     sing N N 353 
THR N     H      sing N N 354 
THR N     H2     sing N N 355 
THR CA    C      sing N N 356 
THR CA    CB     sing N N 357 
THR CA    HA     sing N N 358 
THR C     O      doub N N 359 
THR C     OXT    sing N N 360 
THR CB    OG1    sing N N 361 
THR CB    CG2    sing N N 362 
THR CB    HB     sing N N 363 
THR OG1   HG1    sing N N 364 
THR CG2   HG21   sing N N 365 
THR CG2   HG22   sing N N 366 
THR CG2   HG23   sing N N 367 
THR OXT   HXT    sing N N 368 
TRP N     CA     sing N N 369 
TRP N     H      sing N N 370 
TRP N     H2     sing N N 371 
TRP CA    C      sing N N 372 
TRP CA    CB     sing N N 373 
TRP CA    HA     sing N N 374 
TRP C     O      doub N N 375 
TRP C     OXT    sing N N 376 
TRP CB    CG     sing N N 377 
TRP CB    HB2    sing N N 378 
TRP CB    HB3    sing N N 379 
TRP CG    CD1    doub Y N 380 
TRP CG    CD2    sing Y N 381 
TRP CD1   NE1    sing Y N 382 
TRP CD1   HD1    sing N N 383 
TRP CD2   CE2    doub Y N 384 
TRP CD2   CE3    sing Y N 385 
TRP NE1   CE2    sing Y N 386 
TRP NE1   HE1    sing N N 387 
TRP CE2   CZ2    sing Y N 388 
TRP CE3   CZ3    doub Y N 389 
TRP CE3   HE3    sing N N 390 
TRP CZ2   CH2    doub Y N 391 
TRP CZ2   HZ2    sing N N 392 
TRP CZ3   CH2    sing Y N 393 
TRP CZ3   HZ3    sing N N 394 
TRP CH2   HH2    sing N N 395 
TRP OXT   HXT    sing N N 396 
TYR N     CA     sing N N 397 
TYR N     H      sing N N 398 
TYR N     H2     sing N N 399 
TYR CA    C      sing N N 400 
TYR CA    CB     sing N N 401 
TYR CA    HA     sing N N 402 
TYR C     O      doub N N 403 
TYR C     OXT    sing N N 404 
TYR CB    CG     sing N N 405 
TYR CB    HB2    sing N N 406 
TYR CB    HB3    sing N N 407 
TYR CG    CD1    doub Y N 408 
TYR CG    CD2    sing Y N 409 
TYR CD1   CE1    sing Y N 410 
TYR CD1   HD1    sing N N 411 
TYR CD2   CE2    doub Y N 412 
TYR CD2   HD2    sing N N 413 
TYR CE1   CZ     doub Y N 414 
TYR CE1   HE1    sing N N 415 
TYR CE2   CZ     sing Y N 416 
TYR CE2   HE2    sing N N 417 
TYR CZ    OH     sing N N 418 
TYR OH    HH     sing N N 419 
TYR OXT   HXT    sing N N 420 
VAL N     CA     sing N N 421 
VAL N     H      sing N N 422 
VAL N     H2     sing N N 423 
VAL CA    C      sing N N 424 
VAL CA    CB     sing N N 425 
VAL CA    HA     sing N N 426 
VAL C     O      doub N N 427 
VAL C     OXT    sing N N 428 
VAL CB    CG1    sing N N 429 
VAL CB    CG2    sing N N 430 
VAL CB    HB     sing N N 431 
VAL CG1   HG11   sing N N 432 
VAL CG1   HG12   sing N N 433 
VAL CG1   HG13   sing N N 434 
VAL CG2   HG21   sing N N 435 
VAL CG2   HG22   sing N N 436 
VAL CG2   HG23   sing N N 437 
VAL OXT   HXT    sing N N 438 
# 
loop_
_pdbx_entity_nonpoly.entity_id 
_pdbx_entity_nonpoly.name 
_pdbx_entity_nonpoly.comp_id 
2 'MAGNESIUM ION'                                         MG  
3 'CHLORIDE ION'                                          CL  
4 '6-(ADENOSINE TETRAPHOSPHATE-METHYL)-7,8-DIHYDROPTERIN' A4P 
5 water                                                   HOH 
# 
_pdbx_initial_refinement_model.id               1 
_pdbx_initial_refinement_model.entity_id_list   ? 
_pdbx_initial_refinement_model.type             'experimental model' 
_pdbx_initial_refinement_model.source_name      PDB 
_pdbx_initial_refinement_model.accession_code   1EQO 
_pdbx_initial_refinement_model.details          ? 
# 
